data_3D6T
# 
_entry.id   3D6T 
# 
_audit.revision_id     1_0 
_audit.creation_date   ? 
_audit.update_record   'Initial release' 
# 
_audit_conform.dict_name       mmcif_pdbx.dic 
_audit_conform.dict_version    5.398 
_audit_conform.dict_location   http://mmcif.pdb.org/dictionaries/ascii/mmcif_pdbx.dic 
# 
loop_
_database_2.database_id 
_database_2.database_code 
_database_2.pdbx_database_accession 
_database_2.pdbx_DOI 
PDB   3D6T         pdb_00003d6t 10.2210/pdb3d6t/pdb 
RCSB  RCSB047664   ?            ?                   
WWPDB D_1000047664 ?            ?                   
# 
loop_
_pdbx_audit_revision_history.ordinal 
_pdbx_audit_revision_history.data_content_type 
_pdbx_audit_revision_history.major_revision 
_pdbx_audit_revision_history.minor_revision 
_pdbx_audit_revision_history.revision_date 
1 'Structure model' 1 0 2008-06-10 
2 'Structure model' 1 1 2011-07-13 
3 'Structure model' 1 2 2017-10-25 
4 'Structure model' 1 3 2018-02-28 
5 'Structure model' 1 4 2024-11-06 
# 
_pdbx_audit_revision_details.ordinal             1 
_pdbx_audit_revision_details.revision_ordinal    1 
_pdbx_audit_revision_details.data_content_type   'Structure model' 
_pdbx_audit_revision_details.provider            repository 
_pdbx_audit_revision_details.type                'Initial release' 
_pdbx_audit_revision_details.description         ? 
_pdbx_audit_revision_details.details             ? 
# 
loop_
_pdbx_audit_revision_group.ordinal 
_pdbx_audit_revision_group.revision_ordinal 
_pdbx_audit_revision_group.data_content_type 
_pdbx_audit_revision_group.group 
1  2 'Structure model' Advisory                    
2  2 'Structure model' 'Version format compliance' 
3  3 'Structure model' Advisory                    
4  3 'Structure model' 'Refinement description'    
5  3 'Structure model' 'Source and taxonomy'       
6  4 'Structure model' 'Structure summary'         
7  5 'Structure model' Advisory                    
8  5 'Structure model' 'Data collection'           
9  5 'Structure model' 'Database references'       
10 5 'Structure model' 'Derived calculations'      
11 5 'Structure model' 'Structure summary'         
# 
loop_
_pdbx_audit_revision_category.ordinal 
_pdbx_audit_revision_category.revision_ordinal 
_pdbx_audit_revision_category.data_content_type 
_pdbx_audit_revision_category.category 
1  3 'Structure model' entity_src_gen               
2  3 'Structure model' pdbx_unobs_or_zero_occ_atoms 
3  3 'Structure model' software                     
4  4 'Structure model' struct_keywords              
5  5 'Structure model' chem_comp_atom               
6  5 'Structure model' chem_comp_bond               
7  5 'Structure model' database_2                   
8  5 'Structure model' pdbx_entry_details           
9  5 'Structure model' pdbx_modification_feature    
10 5 'Structure model' pdbx_unobs_or_zero_occ_atoms 
11 5 'Structure model' struct_conn                  
12 5 'Structure model' struct_ref_seq_dif           
13 5 'Structure model' struct_site                  
# 
loop_
_pdbx_audit_revision_item.ordinal 
_pdbx_audit_revision_item.revision_ordinal 
_pdbx_audit_revision_item.data_content_type 
_pdbx_audit_revision_item.item 
1  3 'Structure model' '_entity_src_gen.gene_src_strain'                
2  3 'Structure model' '_entity_src_gen.pdbx_gene_src_ncbi_taxonomy_id' 
3  3 'Structure model' '_entity_src_gen.pdbx_host_org_ncbi_taxonomy_id' 
4  3 'Structure model' '_entity_src_gen.pdbx_host_org_strain'           
5  3 'Structure model' '_software.classification'                       
6  3 'Structure model' '_software.contact_author'                       
7  3 'Structure model' '_software.contact_author_email'                 
8  3 'Structure model' '_software.date'                                 
9  3 'Structure model' '_software.language'                             
10 3 'Structure model' '_software.location'                             
11 3 'Structure model' '_software.name'                                 
12 3 'Structure model' '_software.type'                                 
13 3 'Structure model' '_software.version'                              
14 4 'Structure model' '_struct_keywords.text'                          
15 5 'Structure model' '_database_2.pdbx_DOI'                           
16 5 'Structure model' '_database_2.pdbx_database_accession'            
17 5 'Structure model' '_struct_conn.pdbx_leaving_atom_flag'            
18 5 'Structure model' '_struct_conn.ptnr1_auth_comp_id'                
19 5 'Structure model' '_struct_conn.ptnr1_auth_seq_id'                 
20 5 'Structure model' '_struct_conn.ptnr1_label_asym_id'               
21 5 'Structure model' '_struct_conn.ptnr1_label_atom_id'               
22 5 'Structure model' '_struct_conn.ptnr1_label_comp_id'               
23 5 'Structure model' '_struct_conn.ptnr2_auth_comp_id'                
24 5 'Structure model' '_struct_conn.ptnr2_auth_seq_id'                 
25 5 'Structure model' '_struct_conn.ptnr2_label_asym_id'               
26 5 'Structure model' '_struct_conn.ptnr2_label_atom_id'               
27 5 'Structure model' '_struct_conn.ptnr2_label_comp_id'               
28 5 'Structure model' '_struct_ref_seq_dif.details'                    
29 5 'Structure model' '_struct_site.pdbx_auth_asym_id'                 
30 5 'Structure model' '_struct_site.pdbx_auth_comp_id'                 
31 5 'Structure model' '_struct_site.pdbx_auth_seq_id'                  
# 
_pdbx_database_status.entry_id                        3D6T 
_pdbx_database_status.deposit_site                    RCSB 
_pdbx_database_status.process_site                    RCSB 
_pdbx_database_status.recvd_initial_deposition_date   2008-05-20 
_pdbx_database_status.status_code                     REL 
_pdbx_database_status.status_code_sf                  REL 
_pdbx_database_status.status_code_mr                  ? 
_pdbx_database_status.SG_entry                        ? 
_pdbx_database_status.pdb_format_compatible           Y 
_pdbx_database_status.status_code_cs                  ? 
_pdbx_database_status.methods_development_category    ? 
_pdbx_database_status.status_code_nmr_data            ? 
# 
_audit_author.name               'Deng, J.' 
_audit_author.pdbx_ordinal       1 
_audit_author.identifier_ORCID   ? 
# 
_citation.id                        primary 
_citation.title                     
;Structure of the ROC domain from the Parkinson's disease-associated leucine-rich repeat kinase 2 reveals a dimeric GTPase
;
_citation.journal_abbrev            Proc.Natl.Acad.Sci.Usa 
_citation.journal_volume            105 
_citation.page_first                1499 
_citation.page_last                 1504 
_citation.year                      2008 
_citation.journal_id_ASTM           PNASA6 
_citation.country                   US 
_citation.journal_id_ISSN           0027-8424 
_citation.journal_id_CSD            0040 
_citation.book_publisher            ? 
_citation.pdbx_database_id_PubMed   18230735 
_citation.pdbx_database_id_DOI      10.1073/pnas.0709098105 
# 
loop_
_citation_author.citation_id 
_citation_author.name 
_citation_author.ordinal 
_citation_author.identifier_ORCID 
primary 'Deng, J.'      1 ? 
primary 'Lewis, P.A.'   2 ? 
primary 'Greggio, E.'   3 ? 
primary 'Sluch, E.'     4 ? 
primary 'Beilina, A.'   5 ? 
primary 'Cookson, M.R.' 6 ? 
# 
loop_
_entity.id 
_entity.type 
_entity.src_method 
_entity.pdbx_description 
_entity.formula_weight 
_entity.pdbx_number_of_molecules 
_entity.pdbx_ec 
_entity.pdbx_mutation 
_entity.pdbx_fragment 
_entity.details 
1 polymer     man 'Leucine-rich repeat serine/threonine-protein kinase 2' 19802.953 1 2.7.11.1 ? 'Miro domain' ? 
2 non-polymer syn 'MAGNESIUM ION'                                         24.305    1 ?        ? ?             ? 
3 non-polymer syn "GUANOSINE-5'-DIPHOSPHATE"                              443.201   1 ?        ? ?             ? 
4 water       nat water                                                   18.015    6 ?        ? ?             ? 
# 
_entity_name_com.entity_id   1 
_entity_name_com.name        Dardarin 
# 
_entity_poly.entity_id                      1 
_entity_poly.type                           'polypeptide(L)' 
_entity_poly.nstd_linkage                   no 
_entity_poly.nstd_monomer                   yes 
_entity_poly.pdbx_seq_one_letter_code       
;(MSE)KL(MSE)IVGNTGSGKTTLLQQL(MSE)KTKKSDLG(MSE)QSATVGIDVKDWPIQIRDKRKRDLVLNVWDFAGR
EEFYSTHPHF(MSE)TQRALYLAVYDLSKGQAEVDA(MSE)KPWLFNIKARASSSPVILVGTHLDVSDEKQRKAC(MSE)
SKITKELLNKRGFPAIRDYHFVNATEESDALAKLRKTII
;
_entity_poly.pdbx_seq_one_letter_code_can   
;MKLMIVGNTGSGKTTLLQQLMKTKKSDLGMQSATVGIDVKDWPIQIRDKRKRDLVLNVWDFAGREEFYSTHPHFMTQRAL
YLAVYDLSKGQAEVDAMKPWLFNIKARASSSPVILVGTHLDVSDEKQRKACMSKITKELLNKRGFPAIRDYHFVNATEES
DALAKLRKTII
;
_entity_poly.pdbx_strand_id                 B 
_entity_poly.pdbx_target_identifier         ? 
# 
loop_
_pdbx_entity_nonpoly.entity_id 
_pdbx_entity_nonpoly.name 
_pdbx_entity_nonpoly.comp_id 
2 'MAGNESIUM ION'            MG  
3 "GUANOSINE-5'-DIPHOSPHATE" GDP 
4 water                      HOH 
# 
loop_
_entity_poly_seq.entity_id 
_entity_poly_seq.num 
_entity_poly_seq.mon_id 
_entity_poly_seq.hetero 
1 1   MSE n 
1 2   LYS n 
1 3   LEU n 
1 4   MSE n 
1 5   ILE n 
1 6   VAL n 
1 7   GLY n 
1 8   ASN n 
1 9   THR n 
1 10  GLY n 
1 11  SER n 
1 12  GLY n 
1 13  LYS n 
1 14  THR n 
1 15  THR n 
1 16  LEU n 
1 17  LEU n 
1 18  GLN n 
1 19  GLN n 
1 20  LEU n 
1 21  MSE n 
1 22  LYS n 
1 23  THR n 
1 24  LYS n 
1 25  LYS n 
1 26  SER n 
1 27  ASP n 
1 28  LEU n 
1 29  GLY n 
1 30  MSE n 
1 31  GLN n 
1 32  SER n 
1 33  ALA n 
1 34  THR n 
1 35  VAL n 
1 36  GLY n 
1 37  ILE n 
1 38  ASP n 
1 39  VAL n 
1 40  LYS n 
1 41  ASP n 
1 42  TRP n 
1 43  PRO n 
1 44  ILE n 
1 45  GLN n 
1 46  ILE n 
1 47  ARG n 
1 48  ASP n 
1 49  LYS n 
1 50  ARG n 
1 51  LYS n 
1 52  ARG n 
1 53  ASP n 
1 54  LEU n 
1 55  VAL n 
1 56  LEU n 
1 57  ASN n 
1 58  VAL n 
1 59  TRP n 
1 60  ASP n 
1 61  PHE n 
1 62  ALA n 
1 63  GLY n 
1 64  ARG n 
1 65  GLU n 
1 66  GLU n 
1 67  PHE n 
1 68  TYR n 
1 69  SER n 
1 70  THR n 
1 71  HIS n 
1 72  PRO n 
1 73  HIS n 
1 74  PHE n 
1 75  MSE n 
1 76  THR n 
1 77  GLN n 
1 78  ARG n 
1 79  ALA n 
1 80  LEU n 
1 81  TYR n 
1 82  LEU n 
1 83  ALA n 
1 84  VAL n 
1 85  TYR n 
1 86  ASP n 
1 87  LEU n 
1 88  SER n 
1 89  LYS n 
1 90  GLY n 
1 91  GLN n 
1 92  ALA n 
1 93  GLU n 
1 94  VAL n 
1 95  ASP n 
1 96  ALA n 
1 97  MSE n 
1 98  LYS n 
1 99  PRO n 
1 100 TRP n 
1 101 LEU n 
1 102 PHE n 
1 103 ASN n 
1 104 ILE n 
1 105 LYS n 
1 106 ALA n 
1 107 ARG n 
1 108 ALA n 
1 109 SER n 
1 110 SER n 
1 111 SER n 
1 112 PRO n 
1 113 VAL n 
1 114 ILE n 
1 115 LEU n 
1 116 VAL n 
1 117 GLY n 
1 118 THR n 
1 119 HIS n 
1 120 LEU n 
1 121 ASP n 
1 122 VAL n 
1 123 SER n 
1 124 ASP n 
1 125 GLU n 
1 126 LYS n 
1 127 GLN n 
1 128 ARG n 
1 129 LYS n 
1 130 ALA n 
1 131 CYS n 
1 132 MSE n 
1 133 SER n 
1 134 LYS n 
1 135 ILE n 
1 136 THR n 
1 137 LYS n 
1 138 GLU n 
1 139 LEU n 
1 140 LEU n 
1 141 ASN n 
1 142 LYS n 
1 143 ARG n 
1 144 GLY n 
1 145 PHE n 
1 146 PRO n 
1 147 ALA n 
1 148 ILE n 
1 149 ARG n 
1 150 ASP n 
1 151 TYR n 
1 152 HIS n 
1 153 PHE n 
1 154 VAL n 
1 155 ASN n 
1 156 ALA n 
1 157 THR n 
1 158 GLU n 
1 159 GLU n 
1 160 SER n 
1 161 ASP n 
1 162 ALA n 
1 163 LEU n 
1 164 ALA n 
1 165 LYS n 
1 166 LEU n 
1 167 ARG n 
1 168 LYS n 
1 169 THR n 
1 170 ILE n 
1 171 ILE n 
# 
_entity_src_gen.entity_id                          1 
_entity_src_gen.pdbx_src_id                        1 
_entity_src_gen.pdbx_alt_source_flag               sample 
_entity_src_gen.pdbx_seq_type                      ? 
_entity_src_gen.pdbx_beg_seq_num                   ? 
_entity_src_gen.pdbx_end_seq_num                   ? 
_entity_src_gen.gene_src_common_name               Human 
_entity_src_gen.gene_src_genus                     ? 
_entity_src_gen.pdbx_gene_src_gene                 'LRRK2, PARK8' 
_entity_src_gen.gene_src_species                   ? 
_entity_src_gen.gene_src_strain                    ? 
_entity_src_gen.gene_src_tissue                    ? 
_entity_src_gen.gene_src_tissue_fraction           ? 
_entity_src_gen.gene_src_details                   ? 
_entity_src_gen.pdbx_gene_src_fragment             ? 
_entity_src_gen.pdbx_gene_src_scientific_name      'Homo sapiens' 
_entity_src_gen.pdbx_gene_src_ncbi_taxonomy_id     9606 
_entity_src_gen.pdbx_gene_src_variant              ? 
_entity_src_gen.pdbx_gene_src_cell_line            ? 
_entity_src_gen.pdbx_gene_src_atcc                 ? 
_entity_src_gen.pdbx_gene_src_organ                ? 
_entity_src_gen.pdbx_gene_src_organelle            ? 
_entity_src_gen.pdbx_gene_src_cell                 ? 
_entity_src_gen.pdbx_gene_src_cellular_location    ? 
_entity_src_gen.host_org_common_name               ? 
_entity_src_gen.pdbx_host_org_scientific_name      'Escherichia coli' 
_entity_src_gen.pdbx_host_org_ncbi_taxonomy_id     469008 
_entity_src_gen.host_org_genus                     ? 
_entity_src_gen.pdbx_host_org_gene                 ? 
_entity_src_gen.pdbx_host_org_organ                ? 
_entity_src_gen.host_org_species                   ? 
_entity_src_gen.pdbx_host_org_tissue               ? 
_entity_src_gen.pdbx_host_org_tissue_fraction      ? 
_entity_src_gen.pdbx_host_org_strain               BL21GOLDDE3 
_entity_src_gen.pdbx_host_org_variant              ? 
_entity_src_gen.pdbx_host_org_cell_line            ? 
_entity_src_gen.pdbx_host_org_atcc                 ? 
_entity_src_gen.pdbx_host_org_culture_collection   ? 
_entity_src_gen.pdbx_host_org_cell                 ? 
_entity_src_gen.pdbx_host_org_organelle            ? 
_entity_src_gen.pdbx_host_org_cellular_location    ? 
_entity_src_gen.pdbx_host_org_vector_type          plasmid 
_entity_src_gen.pdbx_host_org_vector               ? 
_entity_src_gen.host_org_details                   ? 
_entity_src_gen.expression_system_id               ? 
_entity_src_gen.plasmid_name                       PSKB3 
_entity_src_gen.plasmid_details                    ? 
_entity_src_gen.pdbx_description                   ? 
# 
loop_
_chem_comp.id 
_chem_comp.type 
_chem_comp.mon_nstd_flag 
_chem_comp.name 
_chem_comp.pdbx_synonyms 
_chem_comp.formula 
_chem_comp.formula_weight 
ALA 'L-peptide linking' y ALANINE                    ? 'C3 H7 N O2'        89.093  
ARG 'L-peptide linking' y ARGININE                   ? 'C6 H15 N4 O2 1'    175.209 
ASN 'L-peptide linking' y ASPARAGINE                 ? 'C4 H8 N2 O3'       132.118 
ASP 'L-peptide linking' y 'ASPARTIC ACID'            ? 'C4 H7 N O4'        133.103 
CYS 'L-peptide linking' y CYSTEINE                   ? 'C3 H7 N O2 S'      121.158 
GDP 'RNA linking'       n "GUANOSINE-5'-DIPHOSPHATE" ? 'C10 H15 N5 O11 P2' 443.201 
GLN 'L-peptide linking' y GLUTAMINE                  ? 'C5 H10 N2 O3'      146.144 
GLU 'L-peptide linking' y 'GLUTAMIC ACID'            ? 'C5 H9 N O4'        147.129 
GLY 'peptide linking'   y GLYCINE                    ? 'C2 H5 N O2'        75.067  
HIS 'L-peptide linking' y HISTIDINE                  ? 'C6 H10 N3 O2 1'    156.162 
HOH non-polymer         . WATER                      ? 'H2 O'              18.015  
ILE 'L-peptide linking' y ISOLEUCINE                 ? 'C6 H13 N O2'       131.173 
LEU 'L-peptide linking' y LEUCINE                    ? 'C6 H13 N O2'       131.173 
LYS 'L-peptide linking' y LYSINE                     ? 'C6 H15 N2 O2 1'    147.195 
MG  non-polymer         . 'MAGNESIUM ION'            ? 'Mg 2'              24.305  
MSE 'L-peptide linking' n SELENOMETHIONINE           ? 'C5 H11 N O2 Se'    196.106 
PHE 'L-peptide linking' y PHENYLALANINE              ? 'C9 H11 N O2'       165.189 
PRO 'L-peptide linking' y PROLINE                    ? 'C5 H9 N O2'        115.130 
SER 'L-peptide linking' y SERINE                     ? 'C3 H7 N O3'        105.093 
THR 'L-peptide linking' y THREONINE                  ? 'C4 H9 N O3'        119.119 
TRP 'L-peptide linking' y TRYPTOPHAN                 ? 'C11 H12 N2 O2'     204.225 
TYR 'L-peptide linking' y TYROSINE                   ? 'C9 H11 N O3'       181.189 
VAL 'L-peptide linking' y VALINE                     ? 'C5 H11 N O2'       117.146 
# 
loop_
_pdbx_poly_seq_scheme.asym_id 
_pdbx_poly_seq_scheme.entity_id 
_pdbx_poly_seq_scheme.seq_id 
_pdbx_poly_seq_scheme.mon_id 
_pdbx_poly_seq_scheme.ndb_seq_num 
_pdbx_poly_seq_scheme.pdb_seq_num 
_pdbx_poly_seq_scheme.auth_seq_num 
_pdbx_poly_seq_scheme.pdb_mon_id 
_pdbx_poly_seq_scheme.auth_mon_id 
_pdbx_poly_seq_scheme.pdb_strand_id 
_pdbx_poly_seq_scheme.pdb_ins_code 
_pdbx_poly_seq_scheme.hetero 
A 1 1   MSE 1   1335 1335 MSE MSE B . n 
A 1 2   LYS 2   1336 1336 LYS LYS B . n 
A 1 3   LEU 3   1337 1337 LEU LEU B . n 
A 1 4   MSE 4   1338 1338 MSE MSE B . n 
A 1 5   ILE 5   1339 1339 ILE ILE B . n 
A 1 6   VAL 6   1340 1340 VAL VAL B . n 
A 1 7   GLY 7   1341 1341 GLY GLY B . n 
A 1 8   ASN 8   1342 1342 ASN ASN B . n 
A 1 9   THR 9   1343 1343 THR THR B . n 
A 1 10  GLY 10  1344 1344 GLY GLY B . n 
A 1 11  SER 11  1345 1345 SER SER B . n 
A 1 12  GLY 12  1346 1346 GLY GLY B . n 
A 1 13  LYS 13  1347 1347 LYS LYS B . n 
A 1 14  THR 14  1348 1348 THR THR B . n 
A 1 15  THR 15  1349 1349 THR THR B . n 
A 1 16  LEU 16  1350 1350 LEU LEU B . n 
A 1 17  LEU 17  1351 1351 LEU LEU B . n 
A 1 18  GLN 18  1352 ?    ?   ?   B . n 
A 1 19  GLN 19  1353 1353 GLN GLN B . n 
A 1 20  LEU 20  1354 1354 LEU LEU B . n 
A 1 21  MSE 21  1355 1355 MSE MSE B . n 
A 1 22  LYS 22  1356 ?    ?   ?   B . n 
A 1 23  THR 23  1357 ?    ?   ?   B . n 
A 1 24  LYS 24  1358 ?    ?   ?   B . n 
A 1 25  LYS 25  1359 ?    ?   ?   B . n 
A 1 26  SER 26  1360 ?    ?   ?   B . n 
A 1 27  ASP 27  1361 ?    ?   ?   B . n 
A 1 28  LEU 28  1362 ?    ?   ?   B . n 
A 1 29  GLY 29  1363 ?    ?   ?   B . n 
A 1 30  MSE 30  1364 ?    ?   ?   B . n 
A 1 31  GLN 31  1365 ?    ?   ?   B . n 
A 1 32  SER 32  1366 ?    ?   ?   B . n 
A 1 33  ALA 33  1367 ?    ?   ?   B . n 
A 1 34  THR 34  1368 ?    ?   ?   B . n 
A 1 35  VAL 35  1369 ?    ?   ?   B . n 
A 1 36  GLY 36  1370 1370 GLY GLY B . n 
A 1 37  ILE 37  1371 1371 ILE ILE B . n 
A 1 38  ASP 38  1372 1372 ASP ASP B . n 
A 1 39  VAL 39  1373 1373 VAL VAL B . n 
A 1 40  LYS 40  1374 1374 LYS LYS B . n 
A 1 41  ASP 41  1375 1375 ASP ASP B . n 
A 1 42  TRP 42  1376 1376 TRP TRP B . n 
A 1 43  PRO 43  1377 1377 PRO PRO B . n 
A 1 44  ILE 44  1378 ?    ?   ?   B . n 
A 1 45  GLN 45  1379 ?    ?   ?   B . n 
A 1 46  ILE 46  1380 ?    ?   ?   B . n 
A 1 47  ARG 47  1381 ?    ?   ?   B . n 
A 1 48  ASP 48  1382 ?    ?   ?   B . n 
A 1 49  LYS 49  1383 ?    ?   ?   B . n 
A 1 50  ARG 50  1384 ?    ?   ?   B . n 
A 1 51  LYS 51  1385 ?    ?   ?   B . n 
A 1 52  ARG 52  1386 ?    ?   ?   B . n 
A 1 53  ASP 53  1387 ?    ?   ?   B . n 
A 1 54  LEU 54  1388 1388 LEU LEU B . n 
A 1 55  VAL 55  1389 1389 VAL VAL B . n 
A 1 56  LEU 56  1390 1390 LEU LEU B . n 
A 1 57  ASN 57  1391 ?    ?   ?   B . n 
A 1 58  VAL 58  1392 1392 VAL VAL B . n 
A 1 59  TRP 59  1393 1393 TRP TRP B . n 
A 1 60  ASP 60  1394 1394 ASP ASP B . n 
A 1 61  PHE 61  1395 1395 PHE PHE B . n 
A 1 62  ALA 62  1396 1396 ALA ALA B . n 
A 1 63  GLY 63  1397 1397 GLY GLY B . n 
A 1 64  ARG 64  1398 1398 ARG ARG B . n 
A 1 65  GLU 65  1399 1399 GLU GLU B . n 
A 1 66  GLU 66  1400 1400 GLU GLU B . n 
A 1 67  PHE 67  1401 1401 PHE PHE B . n 
A 1 68  TYR 68  1402 1402 TYR TYR B . n 
A 1 69  SER 69  1403 1403 SER SER B . n 
A 1 70  THR 70  1404 1404 THR THR B . n 
A 1 71  HIS 71  1405 1405 HIS HIS B . n 
A 1 72  PRO 72  1406 1406 PRO PRO B . n 
A 1 73  HIS 73  1407 1407 HIS HIS B . n 
A 1 74  PHE 74  1408 1408 PHE PHE B . n 
A 1 75  MSE 75  1409 1409 MSE MSE B . n 
A 1 76  THR 76  1410 1410 THR THR B . n 
A 1 77  GLN 77  1411 1411 GLN GLN B . n 
A 1 78  ARG 78  1412 1412 ARG ARG B . n 
A 1 79  ALA 79  1413 1413 ALA ALA B . n 
A 1 80  LEU 80  1414 1414 LEU LEU B . n 
A 1 81  TYR 81  1415 1415 TYR TYR B . n 
A 1 82  LEU 82  1416 1416 LEU LEU B . n 
A 1 83  ALA 83  1417 1417 ALA ALA B . n 
A 1 84  VAL 84  1418 1418 VAL VAL B . n 
A 1 85  TYR 85  1419 1419 TYR TYR B . n 
A 1 86  ASP 86  1420 1420 ASP ASP B . n 
A 1 87  LEU 87  1421 1421 LEU LEU B . n 
A 1 88  SER 88  1422 1422 SER SER B . n 
A 1 89  LYS 89  1423 1423 LYS LYS B . n 
A 1 90  GLY 90  1424 1424 GLY GLY B . n 
A 1 91  GLN 91  1425 1425 GLN GLN B . n 
A 1 92  ALA 92  1426 1426 ALA ALA B . n 
A 1 93  GLU 93  1427 1427 GLU GLU B . n 
A 1 94  VAL 94  1428 1428 VAL VAL B . n 
A 1 95  ASP 95  1429 1429 ASP ASP B . n 
A 1 96  ALA 96  1430 1430 ALA ALA B . n 
A 1 97  MSE 97  1431 1431 MSE MSE B . n 
A 1 98  LYS 98  1432 1432 LYS LYS B . n 
A 1 99  PRO 99  1433 1433 PRO PRO B . n 
A 1 100 TRP 100 1434 1434 TRP TRP B . n 
A 1 101 LEU 101 1435 1435 LEU LEU B . n 
A 1 102 PHE 102 1436 1436 PHE PHE B . n 
A 1 103 ASN 103 1437 1437 ASN ASN B . n 
A 1 104 ILE 104 1438 1438 ILE ILE B . n 
A 1 105 LYS 105 1439 1439 LYS LYS B . n 
A 1 106 ALA 106 1440 1440 ALA ALA B . n 
A 1 107 ARG 107 1441 1441 ARG ARG B . n 
A 1 108 ALA 108 1442 1442 ALA ALA B . n 
A 1 109 SER 109 1443 1443 SER SER B . n 
A 1 110 SER 110 1444 1444 SER SER B . n 
A 1 111 SER 111 1445 1445 SER SER B . n 
A 1 112 PRO 112 1446 1446 PRO PRO B . n 
A 1 113 VAL 113 1447 1447 VAL VAL B . n 
A 1 114 ILE 114 1448 1448 ILE ILE B . n 
A 1 115 LEU 115 1449 1449 LEU LEU B . n 
A 1 116 VAL 116 1450 1450 VAL VAL B . n 
A 1 117 GLY 117 1451 1451 GLY GLY B . n 
A 1 118 THR 118 1452 1452 THR THR B . n 
A 1 119 HIS 119 1453 1453 HIS HIS B . n 
A 1 120 LEU 120 1454 1454 LEU LEU B . n 
A 1 121 ASP 121 1455 1455 ASP ASP B . n 
A 1 122 VAL 122 1456 1456 VAL VAL B . n 
A 1 123 SER 123 1457 1457 SER SER B . n 
A 1 124 ASP 124 1458 1458 ASP ASP B . n 
A 1 125 GLU 125 1459 ?    ?   ?   B . n 
A 1 126 LYS 126 1460 ?    ?   ?   B . n 
A 1 127 GLN 127 1461 ?    ?   ?   B . n 
A 1 128 ARG 128 1462 ?    ?   ?   B . n 
A 1 129 LYS 129 1463 ?    ?   ?   B . n 
A 1 130 ALA 130 1464 ?    ?   ?   B . n 
A 1 131 CYS 131 1465 ?    ?   ?   B . n 
A 1 132 MSE 132 1466 ?    ?   ?   B . n 
A 1 133 SER 133 1467 ?    ?   ?   B . n 
A 1 134 LYS 134 1468 1468 LYS LYS B . n 
A 1 135 ILE 135 1469 1469 ILE ILE B . n 
A 1 136 THR 136 1470 ?    ?   ?   B . n 
A 1 137 LYS 137 1471 ?    ?   ?   B . n 
A 1 138 GLU 138 1472 ?    ?   ?   B . n 
A 1 139 LEU 139 1473 1473 LEU LEU B . n 
A 1 140 LEU 140 1474 1474 LEU LEU B . n 
A 1 141 ASN 141 1475 ?    ?   ?   B . n 
A 1 142 LYS 142 1476 ?    ?   ?   B . n 
A 1 143 ARG 143 1477 ?    ?   ?   B . n 
A 1 144 GLY 144 1478 1478 GLY GLY B . n 
A 1 145 PHE 145 1479 1479 PHE PHE B . n 
A 1 146 PRO 146 1480 1480 PRO PRO B . n 
A 1 147 ALA 147 1481 1481 ALA ALA B . n 
A 1 148 ILE 148 1482 1482 ILE ILE B . n 
A 1 149 ARG 149 1483 1483 ARG ARG B . n 
A 1 150 ASP 150 1484 1484 ASP ASP B . n 
A 1 151 TYR 151 1485 1485 TYR TYR B . n 
A 1 152 HIS 152 1486 1486 HIS HIS B . n 
A 1 153 PHE 153 1487 1487 PHE PHE B . n 
A 1 154 VAL 154 1488 1488 VAL VAL B . n 
A 1 155 ASN 155 1489 1489 ASN ASN B . n 
A 1 156 ALA 156 1490 1490 ALA ALA B . n 
A 1 157 THR 157 1491 1491 THR THR B . n 
A 1 158 GLU 158 1492 1492 GLU GLU B . n 
A 1 159 GLU 159 1493 1493 GLU GLU B . n 
A 1 160 SER 160 1494 1494 SER SER B . n 
A 1 161 ASP 161 1495 ?    ?   ?   B . n 
A 1 162 ALA 162 1496 ?    ?   ?   B . n 
A 1 163 LEU 163 1497 ?    ?   ?   B . n 
A 1 164 ALA 164 1498 ?    ?   ?   B . n 
A 1 165 LYS 165 1499 ?    ?   ?   B . n 
A 1 166 LEU 166 1500 1500 LEU LEU B . n 
A 1 167 ARG 167 1501 1501 ARG ARG B . n 
A 1 168 LYS 168 1502 1502 LYS LYS B . n 
A 1 169 THR 169 1503 1503 THR THR B . n 
A 1 170 ILE 170 1504 1504 ILE ILE B . n 
A 1 171 ILE 171 1505 1505 ILE ILE B . n 
# 
loop_
_pdbx_nonpoly_scheme.asym_id 
_pdbx_nonpoly_scheme.entity_id 
_pdbx_nonpoly_scheme.mon_id 
_pdbx_nonpoly_scheme.ndb_seq_num 
_pdbx_nonpoly_scheme.pdb_seq_num 
_pdbx_nonpoly_scheme.auth_seq_num 
_pdbx_nonpoly_scheme.pdb_mon_id 
_pdbx_nonpoly_scheme.auth_mon_id 
_pdbx_nonpoly_scheme.pdb_strand_id 
_pdbx_nonpoly_scheme.pdb_ins_code 
B 2 MG  1 2    2 MG  MG  B . 
C 3 GDP 1 1    1 GDP GDP B . 
D 4 HOH 1 1506 1 HOH HOH B . 
D 4 HOH 2 1507 2 HOH HOH B . 
D 4 HOH 3 1508 3 HOH HOH B . 
D 4 HOH 4 1509 4 HOH HOH B . 
D 4 HOH 5 1510 5 HOH HOH B . 
D 4 HOH 6 1511 8 HOH HOH B . 
# 
loop_
_pdbx_unobs_or_zero_occ_atoms.id 
_pdbx_unobs_or_zero_occ_atoms.PDB_model_num 
_pdbx_unobs_or_zero_occ_atoms.polymer_flag 
_pdbx_unobs_or_zero_occ_atoms.occupancy_flag 
_pdbx_unobs_or_zero_occ_atoms.auth_asym_id 
_pdbx_unobs_or_zero_occ_atoms.auth_comp_id 
_pdbx_unobs_or_zero_occ_atoms.auth_seq_id 
_pdbx_unobs_or_zero_occ_atoms.PDB_ins_code 
_pdbx_unobs_or_zero_occ_atoms.auth_atom_id 
_pdbx_unobs_or_zero_occ_atoms.label_alt_id 
_pdbx_unobs_or_zero_occ_atoms.label_asym_id 
_pdbx_unobs_or_zero_occ_atoms.label_comp_id 
_pdbx_unobs_or_zero_occ_atoms.label_seq_id 
_pdbx_unobs_or_zero_occ_atoms.label_atom_id 
1  1 Y 0 B GLN 1353 ? CG  ? A GLN 19  CG  
2  1 Y 0 B ASP 1375 ? CB  ? A ASP 41  CB  
3  1 Y 0 B ASP 1375 ? CG  ? A ASP 41  CG  
4  1 Y 0 B ASP 1375 ? OD1 ? A ASP 41  OD1 
5  1 Y 0 B ASP 1375 ? OD2 ? A ASP 41  OD2 
6  1 Y 0 B ARG 1398 ? CG  ? A ARG 64  CG  
7  1 Y 0 B ARG 1398 ? CD  ? A ARG 64  CD  
8  1 Y 0 B ARG 1398 ? NE  ? A ARG 64  NE  
9  1 Y 0 B GLU 1399 ? CG  ? A GLU 65  CG  
10 1 Y 0 B GLU 1399 ? CD  ? A GLU 65  CD  
11 1 Y 0 B GLU 1399 ? OE1 ? A GLU 65  OE1 
12 1 Y 0 B GLU 1399 ? OE2 ? A GLU 65  OE2 
13 1 Y 0 B GLN 1411 ? CB  ? A GLN 77  CB  
14 1 Y 0 B GLN 1411 ? CG  ? A GLN 77  CG  
15 1 Y 0 B ARG 1412 ? CD  ? A ARG 78  CD  
16 1 Y 0 B LYS 1423 ? CG  ? A LYS 89  CG  
17 1 Y 0 B LYS 1423 ? CD  ? A LYS 89  CD  
18 1 Y 0 B LYS 1423 ? CE  ? A LYS 89  CE  
19 1 Y 0 B LYS 1423 ? NZ  ? A LYS 89  NZ  
20 1 Y 0 B GLN 1425 ? CB  ? A GLN 91  CB  
21 1 Y 0 B GLN 1425 ? CG  ? A GLN 91  CG  
22 1 Y 0 B GLN 1425 ? CD  ? A GLN 91  CD  
23 1 Y 0 B GLN 1425 ? OE1 ? A GLN 91  OE1 
24 1 Y 0 B GLN 1425 ? NE2 ? A GLN 91  NE2 
25 1 Y 0 B GLU 1427 ? CG  ? A GLU 93  CG  
26 1 Y 0 B GLU 1427 ? CD  ? A GLU 93  CD  
27 1 Y 0 B GLU 1427 ? OE1 ? A GLU 93  OE1 
28 1 Y 0 B GLU 1427 ? OE2 ? A GLU 93  OE2 
29 1 Y 0 B ASP 1429 ? OD1 ? A ASP 95  OD1 
30 1 Y 0 B ASP 1429 ? OD2 ? A ASP 95  OD2 
31 1 Y 0 B SER 1444 ? CB  ? A SER 110 CB  
32 1 Y 0 B SER 1444 ? OG  ? A SER 110 OG  
33 1 Y 0 B ARG 1483 ? CB  ? A ARG 149 CB  
34 1 Y 0 B ARG 1483 ? CG  ? A ARG 149 CG  
35 1 Y 0 B GLU 1493 ? CB  ? A GLU 159 CB  
36 1 Y 0 B GLU 1493 ? CG  ? A GLU 159 CG  
# 
loop_
_software.name 
_software.version 
_software.date 
_software.type 
_software.contact_author 
_software.contact_author_email 
_software.classification 
_software.location 
_software.language 
_software.citation_id 
_software.pdbx_ordinal 
DENZO       .        ?                    package 'Zbyszek Otwinowski' zbyszek@mix.swmed.edu    'data reduction'  
http://www.lnls.br/infra/linhasluz/denzo-hkl.htm ?          ? 1 
SCALEPACK   .        ?                    package 'Zbyszek Otwinowski' zbyszek@mix.swmed.edu    'data scaling'    
http://www.lnls.br/infra/linhasluz/denzo-hkl.htm ?          ? 2 
REFMAC      5.2.0019 ?                    program 'Murshudov, G.N.'    ccp4@dl.ac.uk            refinement        
http://www.ccp4.ac.uk/main.html                  Fortran_77 ? 3 
PDB_EXTRACT 3.005    'September 10, 2007' package PDB                  sw-help@rcsb.rutgers.edu 'data extraction' 
http://pdb.rutgers.edu/software/                 C++        ? 4 
# 
_cell.entry_id           3D6T 
_cell.length_a           69.919 
_cell.length_b           53.167 
_cell.length_c           42.736 
_cell.angle_alpha        90.00 
_cell.angle_beta         112.76 
_cell.angle_gamma        90.00 
_cell.Z_PDB              4 
_cell.pdbx_unique_axis   ? 
_cell.length_a_esd       ? 
_cell.length_b_esd       ? 
_cell.length_c_esd       ? 
_cell.angle_alpha_esd    ? 
_cell.angle_beta_esd     ? 
_cell.angle_gamma_esd    ? 
# 
_symmetry.entry_id                         3D6T 
_symmetry.space_group_name_H-M             'C 1 2 1' 
_symmetry.pdbx_full_space_group_name_H-M   ? 
_symmetry.cell_setting                     ? 
_symmetry.Int_Tables_number                5 
_symmetry.space_group_name_Hall            ? 
# 
_exptl.entry_id          3D6T 
_exptl.method            'X-RAY DIFFRACTION' 
_exptl.crystals_number   1 
# 
_exptl_crystal.id                    1 
_exptl_crystal.density_meas          ? 
_exptl_crystal.density_Matthews      1.85 
_exptl_crystal.density_percent_sol   33.49 
_exptl_crystal.description           ? 
_exptl_crystal.F_000                 ? 
_exptl_crystal.preparation           ? 
# 
_exptl_crystal_grow.crystal_id      1 
_exptl_crystal_grow.method          'VAPOR DIFFUSION, SITTING DROP' 
_exptl_crystal_grow.temp            298 
_exptl_crystal_grow.temp_details    ? 
_exptl_crystal_grow.pH              8.0 
_exptl_crystal_grow.pdbx_pH_range   ? 
_exptl_crystal_grow.pdbx_details    
'30% PEG 4000, 100mM MgCl2, 0.1M Tris, 5mM GTP, pH 8.0, VAPOR DIFFUSION, SITTING DROP, temperature 298K' 
# 
_diffrn.id                     1 
_diffrn.ambient_temp           100.0 
_diffrn.ambient_temp_details   ? 
_diffrn.crystal_id             1 
# 
_diffrn_detector.diffrn_id              1 
_diffrn_detector.detector               CCD 
_diffrn_detector.type                   'ADSC QUANTUM 315' 
_diffrn_detector.pdbx_collection_date   2007-06-21 
_diffrn_detector.details                ? 
# 
_diffrn_radiation.diffrn_id                        1 
_diffrn_radiation.wavelength_id                    1 
_diffrn_radiation.pdbx_monochromatic_or_laue_m_l   M 
_diffrn_radiation.monochromator                    ? 
_diffrn_radiation.pdbx_diffrn_protocol             'SINGLE WAVELENGTH' 
_diffrn_radiation.pdbx_scattering_type             x-ray 
# 
_diffrn_radiation_wavelength.id           1 
_diffrn_radiation_wavelength.wavelength   0.97926 
_diffrn_radiation_wavelength.wt           1.0 
# 
_diffrn_source.diffrn_id                   1 
_diffrn_source.source                      SYNCHROTRON 
_diffrn_source.type                        'APS BEAMLINE 19-ID' 
_diffrn_source.pdbx_synchrotron_site       APS 
_diffrn_source.pdbx_synchrotron_beamline   19-ID 
_diffrn_source.pdbx_wavelength             0.97926 
_diffrn_source.pdbx_wavelength_list        ? 
# 
_reflns.entry_id                     3D6T 
_reflns.observed_criterion_sigma_I   ? 
_reflns.observed_criterion_sigma_F   ? 
_reflns.d_resolution_low             21.09 
_reflns.d_resolution_high            2.43 
_reflns.number_obs                   5109 
_reflns.number_all                   ? 
_reflns.percent_possible_obs         ? 
_reflns.pdbx_Rmerge_I_obs            ? 
_reflns.pdbx_Rsym_value              ? 
_reflns.pdbx_netI_over_sigmaI        ? 
_reflns.B_iso_Wilson_estimate        ? 
_reflns.pdbx_redundancy              ? 
_reflns.R_free_details               ? 
_reflns.limit_h_max                  ? 
_reflns.limit_h_min                  ? 
_reflns.limit_k_max                  ? 
_reflns.limit_k_min                  ? 
_reflns.limit_l_max                  ? 
_reflns.limit_l_min                  ? 
_reflns.observed_criterion_F_max     ? 
_reflns.observed_criterion_F_min     ? 
_reflns.pdbx_chi_squared             ? 
_reflns.pdbx_scaling_rejects         ? 
_reflns.pdbx_ordinal                 1 
_reflns.pdbx_diffrn_id               1 
# 
_refine.entry_id                                 3D6T 
_refine.ls_number_reflns_obs                     5109 
_refine.ls_number_reflns_all                     ? 
_refine.pdbx_ls_sigma_I                          ? 
_refine.pdbx_ls_sigma_F                          ? 
_refine.pdbx_data_cutoff_high_absF               ? 
_refine.pdbx_data_cutoff_low_absF                ? 
_refine.pdbx_data_cutoff_high_rms_absF           ? 
_refine.ls_d_res_low                             21.09 
_refine.ls_d_res_high                            2.43 
_refine.ls_percent_reflns_obs                    93.0 
_refine.ls_R_factor_obs                          0.216 
_refine.ls_R_factor_all                          ? 
_refine.ls_R_factor_R_work                       0.211 
_refine.ls_R_factor_R_free                       0.307 
_refine.ls_R_factor_R_free_error                 ? 
_refine.ls_R_factor_R_free_error_details         ? 
_refine.ls_percent_reflns_R_free                 4.500 
_refine.ls_number_reflns_R_free                  230 
_refine.ls_number_parameters                     ? 
_refine.ls_number_restraints                     ? 
_refine.occupancy_min                            ? 
_refine.occupancy_max                            ? 
_refine.correlation_coeff_Fo_to_Fc               0.942 
_refine.correlation_coeff_Fo_to_Fc_free          0.861 
_refine.B_iso_mean                               33.24 
_refine.aniso_B[1][1]                            -0.08000 
_refine.aniso_B[2][2]                            -0.48000 
_refine.aniso_B[3][3]                            0.59000 
_refine.aniso_B[1][2]                            0.00000 
_refine.aniso_B[1][3]                            0.04000 
_refine.aniso_B[2][3]                            0.00000 
_refine.solvent_model_details                    MASK 
_refine.solvent_model_param_ksol                 ? 
_refine.solvent_model_param_bsol                 ? 
_refine.pdbx_solvent_vdw_probe_radii             ? 
_refine.pdbx_solvent_ion_probe_radii             ? 
_refine.pdbx_solvent_shrinkage_radii             ? 
_refine.pdbx_ls_cross_valid_method               ? 
_refine.details                                  ? 
_refine.pdbx_starting_model                      ? 
_refine.pdbx_method_to_determine_struct          ? 
_refine.pdbx_isotropic_thermal_model             ? 
_refine.pdbx_stereochemistry_target_values       'MAXIMUM LIKELIHOOD' 
_refine.pdbx_stereochem_target_val_spec_case     ? 
_refine.pdbx_R_Free_selection_details            ? 
_refine.pdbx_overall_ESU_R                       ? 
_refine.pdbx_overall_ESU_R_Free                  ? 
_refine.overall_SU_ML                            0.288 
_refine.pdbx_overall_phase_error                 ? 
_refine.overall_SU_B                             25.808 
_refine.ls_redundancy_reflns_obs                 ? 
_refine.B_iso_min                                ? 
_refine.B_iso_max                                ? 
_refine.overall_SU_R_Cruickshank_DPI             ? 
_refine.overall_SU_R_free                        ? 
_refine.ls_wR_factor_R_free                      ? 
_refine.ls_wR_factor_R_work                      ? 
_refine.overall_FOM_free_R_set                   ? 
_refine.overall_FOM_work_R_set                   ? 
_refine.pdbx_refine_id                           'X-RAY DIFFRACTION' 
_refine.pdbx_TLS_residual_ADP_flag               'LIKELY RESIDUAL' 
_refine.pdbx_diffrn_id                           1 
_refine.pdbx_overall_SU_R_free_Cruickshank_DPI   ? 
_refine.pdbx_overall_SU_R_Blow_DPI               ? 
_refine.pdbx_overall_SU_R_free_Blow_DPI          ? 
# 
_refine_hist.pdbx_refine_id                   'X-RAY DIFFRACTION' 
_refine_hist.cycle_id                         LAST 
_refine_hist.pdbx_number_atoms_protein        994 
_refine_hist.pdbx_number_atoms_nucleic_acid   0 
_refine_hist.pdbx_number_atoms_ligand         29 
_refine_hist.number_atoms_solvent             6 
_refine_hist.number_atoms_total               1029 
_refine_hist.d_res_high                       2.43 
_refine_hist.d_res_low                        21.09 
# 
loop_
_refine_ls_restr.type 
_refine_ls_restr.dev_ideal 
_refine_ls_restr.dev_ideal_target 
_refine_ls_restr.weight 
_refine_ls_restr.number 
_refine_ls_restr.pdbx_refine_id 
_refine_ls_restr.pdbx_restraint_function 
r_bond_refined_d             0.023  0.022  ? 1023 'X-RAY DIFFRACTION' ? 
r_bond_other_d               ?      ?      ? ?    'X-RAY DIFFRACTION' ? 
r_angle_refined_deg          2.342  1.995  ? 1383 'X-RAY DIFFRACTION' ? 
r_angle_other_deg            ?      ?      ? ?    'X-RAY DIFFRACTION' ? 
r_dihedral_angle_1_deg       8.302  5.000  ? 116  'X-RAY DIFFRACTION' ? 
r_dihedral_angle_2_deg       34.602 22.895 ? 38   'X-RAY DIFFRACTION' ? 
r_dihedral_angle_3_deg       20.902 15.000 ? 168  'X-RAY DIFFRACTION' ? 
r_dihedral_angle_4_deg       14.390 15.000 ? 5    'X-RAY DIFFRACTION' ? 
r_chiral_restr               0.113  0.200  ? 161  'X-RAY DIFFRACTION' ? 
r_gen_planes_refined         0.007  0.020  ? 717  'X-RAY DIFFRACTION' ? 
r_gen_planes_other           ?      ?      ? ?    'X-RAY DIFFRACTION' ? 
r_nbd_refined                0.290  0.200  ? 378  'X-RAY DIFFRACTION' ? 
r_nbd_other                  ?      ?      ? ?    'X-RAY DIFFRACTION' ? 
r_nbtor_refined              0.339  0.200  ? 667  'X-RAY DIFFRACTION' ? 
r_nbtor_other                ?      ?      ? ?    'X-RAY DIFFRACTION' ? 
r_xyhbond_nbd_refined        0.187  0.200  ? 31   'X-RAY DIFFRACTION' ? 
r_xyhbond_nbd_other          ?      ?      ? ?    'X-RAY DIFFRACTION' ? 
r_metal_ion_refined          ?      ?      ? ?    'X-RAY DIFFRACTION' ? 
r_metal_ion_other            ?      ?      ? ?    'X-RAY DIFFRACTION' ? 
r_symmetry_vdw_refined       0.228  0.200  ? 46   'X-RAY DIFFRACTION' ? 
r_symmetry_vdw_other         ?      ?      ? ?    'X-RAY DIFFRACTION' ? 
r_symmetry_hbond_refined     0.256  0.200  ? 10   'X-RAY DIFFRACTION' ? 
r_symmetry_hbond_other       ?      ?      ? ?    'X-RAY DIFFRACTION' ? 
r_symmetry_metal_ion_refined ?      ?      ? ?    'X-RAY DIFFRACTION' ? 
r_symmetry_metal_ion_other   ?      ?      ? ?    'X-RAY DIFFRACTION' ? 
r_mcbond_it                  0.887  1.500  ? 633  'X-RAY DIFFRACTION' ? 
r_mcbond_other               ?      ?      ? ?    'X-RAY DIFFRACTION' ? 
r_mcangle_it                 1.419  2.000  ? 977  'X-RAY DIFFRACTION' ? 
r_scbond_it                  2.300  3.000  ? 467  'X-RAY DIFFRACTION' ? 
r_scangle_it                 3.375  4.500  ? 406  'X-RAY DIFFRACTION' ? 
r_rigid_bond_restr           ?      ?      ? ?    'X-RAY DIFFRACTION' ? 
r_sphericity_free            ?      ?      ? ?    'X-RAY DIFFRACTION' ? 
r_sphericity_bonded          ?      ?      ? ?    'X-RAY DIFFRACTION' ? 
# 
_refine_ls_shell.pdbx_total_number_of_bins_used   ? 
_refine_ls_shell.d_res_high                       2.43 
_refine_ls_shell.d_res_low                        2.50 
_refine_ls_shell.number_reflns_R_work             238 
_refine_ls_shell.R_factor_R_work                  0.3040 
_refine_ls_shell.percent_reflns_obs               65.21 
_refine_ls_shell.R_factor_R_free                  0.5410 
_refine_ls_shell.R_factor_R_free_error            ? 
_refine_ls_shell.percent_reflns_R_free            ? 
_refine_ls_shell.number_reflns_R_free             15 
_refine_ls_shell.number_reflns_all                ? 
_refine_ls_shell.R_factor_all                     ? 
_refine_ls_shell.redundancy_reflns_obs            ? 
_refine_ls_shell.number_reflns_obs                ? 
_refine_ls_shell.pdbx_refine_id                   'X-RAY DIFFRACTION' 
# 
_struct.entry_id                  3D6T 
_struct.title                     
;Structure of the ROC domain from the Parkinson's disease-associated leucine-rich repeat kinase 2 reveals a dimeric GTPase
;
_struct.pdbx_model_details        ? 
_struct.pdbx_CASP_flag            ? 
_struct.pdbx_model_type_details   ? 
# 
_struct_keywords.entry_id        3D6T 
_struct_keywords.text            
;parkinson's disease, LRRK2, Roc, Roco, GTPase, Kinase, ATP-binding, Disease Mutation, GTP-binding, GTPase activation, Leucine-rich repeat, membrane, nucleotide-binding, parkinson disease, serine/threonine-protein kinase, transferase
;
_struct_keywords.pdbx_keywords   TRANSFERASE 
# 
loop_
_struct_asym.id 
_struct_asym.pdbx_blank_PDB_chainid_flag 
_struct_asym.pdbx_modified 
_struct_asym.entity_id 
_struct_asym.details 
A N N 1 ? 
B N N 2 ? 
C N N 3 ? 
D N N 4 ? 
# 
_struct_ref.id                         1 
_struct_ref.db_name                    UNP 
_struct_ref.db_code                    LRRK2_HUMAN 
_struct_ref.pdbx_db_accession          Q5S007 
_struct_ref.entity_id                  1 
_struct_ref.pdbx_seq_one_letter_code   
;KLMIVGNTGSGKTTLLQQLMKTKKSDLGMQSATVGIDVKDWPIQIRDKRKRDLVLNVWDFAGREEFYSTHPHFMTQRALY
LAVYDLSKGQAEVDAMKPWLFNIKARASSSPVILVGTHLDVSDEKQRKACMSKITKELLNKRGFPAIRDYHFVNATEESD
ALAKLRKTII
;
_struct_ref.pdbx_align_begin           1336 
_struct_ref.pdbx_db_isoform            ? 
# 
_struct_ref_seq.align_id                      1 
_struct_ref_seq.ref_id                        1 
_struct_ref_seq.pdbx_PDB_id_code              3D6T 
_struct_ref_seq.pdbx_strand_id                B 
_struct_ref_seq.seq_align_beg                 2 
_struct_ref_seq.pdbx_seq_align_beg_ins_code   ? 
_struct_ref_seq.seq_align_end                 171 
_struct_ref_seq.pdbx_seq_align_end_ins_code   ? 
_struct_ref_seq.pdbx_db_accession             Q5S007 
_struct_ref_seq.db_align_beg                  1336 
_struct_ref_seq.pdbx_db_align_beg_ins_code    ? 
_struct_ref_seq.db_align_end                  1505 
_struct_ref_seq.pdbx_db_align_end_ins_code    ? 
_struct_ref_seq.pdbx_auth_seq_align_beg       1336 
_struct_ref_seq.pdbx_auth_seq_align_end       1505 
# 
_struct_ref_seq_dif.align_id                     1 
_struct_ref_seq_dif.pdbx_pdb_id_code             3D6T 
_struct_ref_seq_dif.mon_id                       MSE 
_struct_ref_seq_dif.pdbx_pdb_strand_id           B 
_struct_ref_seq_dif.seq_num                      1 
_struct_ref_seq_dif.pdbx_pdb_ins_code            ? 
_struct_ref_seq_dif.pdbx_seq_db_name             UNP 
_struct_ref_seq_dif.pdbx_seq_db_accession_code   Q5S007 
_struct_ref_seq_dif.db_mon_id                    ? 
_struct_ref_seq_dif.pdbx_seq_db_seq_num          ? 
_struct_ref_seq_dif.details                      'initiating methionine' 
_struct_ref_seq_dif.pdbx_auth_seq_num            1335 
_struct_ref_seq_dif.pdbx_ordinal                 1 
# 
loop_
_pdbx_struct_assembly.id 
_pdbx_struct_assembly.details 
_pdbx_struct_assembly.method_details 
_pdbx_struct_assembly.oligomeric_details 
_pdbx_struct_assembly.oligomeric_count 
1 author_defined_assembly   ?    monomeric 1 
2 software_defined_assembly PISA dimeric   2 
# 
loop_
_pdbx_struct_assembly_prop.biol_id 
_pdbx_struct_assembly_prop.type 
_pdbx_struct_assembly_prop.value 
_pdbx_struct_assembly_prop.details 
2 'ABSA (A^2)' 6630  ? 
2 MORE         -42.7 ? 
2 'SSA (A^2)'  13090 ? 
# 
loop_
_pdbx_struct_assembly_gen.assembly_id 
_pdbx_struct_assembly_gen.oper_expression 
_pdbx_struct_assembly_gen.asym_id_list 
1 1   A,B,C,D 
2 1,2 A,B,C,D 
# 
loop_
_pdbx_struct_oper_list.id 
_pdbx_struct_oper_list.type 
_pdbx_struct_oper_list.name 
_pdbx_struct_oper_list.symmetry_operation 
_pdbx_struct_oper_list.matrix[1][1] 
_pdbx_struct_oper_list.matrix[1][2] 
_pdbx_struct_oper_list.matrix[1][3] 
_pdbx_struct_oper_list.vector[1] 
_pdbx_struct_oper_list.matrix[2][1] 
_pdbx_struct_oper_list.matrix[2][2] 
_pdbx_struct_oper_list.matrix[2][3] 
_pdbx_struct_oper_list.vector[2] 
_pdbx_struct_oper_list.matrix[3][1] 
_pdbx_struct_oper_list.matrix[3][2] 
_pdbx_struct_oper_list.matrix[3][3] 
_pdbx_struct_oper_list.vector[3] 
1 'identity operation'         1_555 x,y,z       1.0000000000  0.0000000000  0.0000000000 0.0000000000  0.0000000000  1.0000000000 0.0000000000  0.0000000000 0.0000000000 0.0000000000  1.0000000000  0.0000000000  
2 'crystal symmetry operation' 2_656 -x+1,y,-z+1 -0.7535879922 -0.6465107329 0.1188655136 -6.3498044750 -0.6465107329 0.6962490237 -0.3118672301 0.7194122904 0.1188655136 -0.3118672301 -0.9426610316 17.0762383053 
# 
loop_
_struct_conf.conf_type_id 
_struct_conf.id 
_struct_conf.pdbx_PDB_helix_id 
_struct_conf.beg_label_comp_id 
_struct_conf.beg_label_asym_id 
_struct_conf.beg_label_seq_id 
_struct_conf.pdbx_beg_PDB_ins_code 
_struct_conf.end_label_comp_id 
_struct_conf.end_label_asym_id 
_struct_conf.end_label_seq_id 
_struct_conf.pdbx_end_PDB_ins_code 
_struct_conf.beg_auth_comp_id 
_struct_conf.beg_auth_asym_id 
_struct_conf.beg_auth_seq_id 
_struct_conf.end_auth_comp_id 
_struct_conf.end_auth_asym_id 
_struct_conf.end_auth_seq_id 
_struct_conf.pdbx_PDB_helix_class 
_struct_conf.details 
_struct_conf.pdbx_PDB_helix_length 
HELX_P HELX_P1 1 GLY A 12 ? LEU A 17  ? GLY B 1346 LEU B 1351 1 ? 6  
HELX_P HELX_P2 2 GLY A 63 ? SER A 69  ? GLY B 1397 SER B 1403 1 ? 7  
HELX_P HELX_P3 3 HIS A 71 ? ARG A 78  ? HIS B 1405 ARG B 1412 1 ? 8  
HELX_P HELX_P4 4 MSE A 97 ? ALA A 108 ? MSE B 1431 ALA B 1442 1 ? 12 
# 
_struct_conf_type.id          HELX_P 
_struct_conf_type.criteria    ? 
_struct_conf_type.reference   ? 
# 
loop_
_struct_conn.id 
_struct_conn.conn_type_id 
_struct_conn.pdbx_leaving_atom_flag 
_struct_conn.pdbx_PDB_id 
_struct_conn.ptnr1_label_asym_id 
_struct_conn.ptnr1_label_comp_id 
_struct_conn.ptnr1_label_seq_id 
_struct_conn.ptnr1_label_atom_id 
_struct_conn.pdbx_ptnr1_label_alt_id 
_struct_conn.pdbx_ptnr1_PDB_ins_code 
_struct_conn.pdbx_ptnr1_standard_comp_id 
_struct_conn.ptnr1_symmetry 
_struct_conn.ptnr2_label_asym_id 
_struct_conn.ptnr2_label_comp_id 
_struct_conn.ptnr2_label_seq_id 
_struct_conn.ptnr2_label_atom_id 
_struct_conn.pdbx_ptnr2_label_alt_id 
_struct_conn.pdbx_ptnr2_PDB_ins_code 
_struct_conn.ptnr1_auth_asym_id 
_struct_conn.ptnr1_auth_comp_id 
_struct_conn.ptnr1_auth_seq_id 
_struct_conn.ptnr2_auth_asym_id 
_struct_conn.ptnr2_auth_comp_id 
_struct_conn.ptnr2_auth_seq_id 
_struct_conn.ptnr2_symmetry 
_struct_conn.pdbx_ptnr3_label_atom_id 
_struct_conn.pdbx_ptnr3_label_seq_id 
_struct_conn.pdbx_ptnr3_label_comp_id 
_struct_conn.pdbx_ptnr3_label_asym_id 
_struct_conn.pdbx_ptnr3_label_alt_id 
_struct_conn.pdbx_ptnr3_PDB_ins_code 
_struct_conn.details 
_struct_conn.pdbx_dist_value 
_struct_conn.pdbx_value_order 
_struct_conn.pdbx_role 
covale1 covale both ? A MSE 1  C   ? ? ? 1_555 A LYS 2  N  ? ? B MSE 1335 B LYS 1336 1_555 ? ? ? ? ? ? ? 1.323 ? ? 
covale2 covale both ? A LEU 3  C   ? ? ? 1_555 A MSE 4  N  ? ? B LEU 1337 B MSE 1338 1_555 ? ? ? ? ? ? ? 1.325 ? ? 
covale3 covale both ? A MSE 4  C   ? ? ? 1_555 A ILE 5  N  ? ? B MSE 1338 B ILE 1339 1_555 ? ? ? ? ? ? ? 1.296 ? ? 
covale4 covale both ? A LEU 20 C   ? ? ? 1_555 A MSE 21 N  ? ? B LEU 1354 B MSE 1355 1_555 ? ? ? ? ? ? ? 1.313 ? ? 
covale5 covale both ? A PHE 74 C   ? ? ? 1_555 A MSE 75 N  ? ? B PHE 1408 B MSE 1409 1_555 ? ? ? ? ? ? ? 1.340 ? ? 
covale6 covale both ? A MSE 75 C   ? ? ? 1_555 A THR 76 N  ? ? B MSE 1409 B THR 1410 1_555 ? ? ? ? ? ? ? 1.335 ? ? 
covale7 covale both ? A ALA 96 C   ? ? ? 1_555 A MSE 97 N  ? ? B ALA 1430 B MSE 1431 1_555 ? ? ? ? ? ? ? 1.329 ? ? 
covale8 covale both ? A MSE 97 C   ? ? ? 1_555 A LYS 98 N  ? ? B MSE 1431 B LYS 1432 1_555 ? ? ? ? ? ? ? 1.329 ? ? 
metalc1 metalc ?    ? C GDP .  O2B ? ? ? 1_555 B MG  .  MG ? ? B GDP 1    B MG  2    1_555 ? ? ? ? ? ? ? 2.171 ? ? 
# 
loop_
_struct_conn_type.id 
_struct_conn_type.criteria 
_struct_conn_type.reference 
covale ? ? 
metalc ? ? 
# 
loop_
_pdbx_modification_feature.ordinal 
_pdbx_modification_feature.label_comp_id 
_pdbx_modification_feature.label_asym_id 
_pdbx_modification_feature.label_seq_id 
_pdbx_modification_feature.label_alt_id 
_pdbx_modification_feature.modified_residue_label_comp_id 
_pdbx_modification_feature.modified_residue_label_asym_id 
_pdbx_modification_feature.modified_residue_label_seq_id 
_pdbx_modification_feature.modified_residue_label_alt_id 
_pdbx_modification_feature.auth_comp_id 
_pdbx_modification_feature.auth_asym_id 
_pdbx_modification_feature.auth_seq_id 
_pdbx_modification_feature.PDB_ins_code 
_pdbx_modification_feature.symmetry 
_pdbx_modification_feature.modified_residue_auth_comp_id 
_pdbx_modification_feature.modified_residue_auth_asym_id 
_pdbx_modification_feature.modified_residue_auth_seq_id 
_pdbx_modification_feature.modified_residue_PDB_ins_code 
_pdbx_modification_feature.modified_residue_symmetry 
_pdbx_modification_feature.comp_id_linking_atom 
_pdbx_modification_feature.modified_residue_id_linking_atom 
_pdbx_modification_feature.modified_residue_id 
_pdbx_modification_feature.ref_pcm_id 
_pdbx_modification_feature.ref_comp_id 
_pdbx_modification_feature.type 
_pdbx_modification_feature.category 
1 MSE A 1  ? . . . . MSE B 1335 ? 1_555 . . . . . . . MET 1 MSE Selenomethionine 'Named protein modification' 
2 MSE A 4  ? . . . . MSE B 1338 ? 1_555 . . . . . . . MET 1 MSE Selenomethionine 'Named protein modification' 
3 MSE A 21 ? . . . . MSE B 1355 ? 1_555 . . . . . . . MET 1 MSE Selenomethionine 'Named protein modification' 
4 MSE A 75 ? . . . . MSE B 1409 ? 1_555 . . . . . . . MET 1 MSE Selenomethionine 'Named protein modification' 
5 MSE A 97 ? . . . . MSE B 1431 ? 1_555 . . . . . . . MET 1 MSE Selenomethionine 'Named protein modification' 
# 
loop_
_struct_sheet.id 
_struct_sheet.type 
_struct_sheet.number_strands 
_struct_sheet.details 
A ? 3 ? 
B ? 3 ? 
# 
loop_
_struct_sheet_order.sheet_id 
_struct_sheet_order.range_id_1 
_struct_sheet_order.range_id_2 
_struct_sheet_order.offset 
_struct_sheet_order.sense 
A 1 2 ? parallel      
A 2 3 ? anti-parallel 
B 1 2 ? parallel      
B 2 3 ? parallel      
# 
loop_
_struct_sheet_range.sheet_id 
_struct_sheet_range.id 
_struct_sheet_range.beg_label_comp_id 
_struct_sheet_range.beg_label_asym_id 
_struct_sheet_range.beg_label_seq_id 
_struct_sheet_range.pdbx_beg_PDB_ins_code 
_struct_sheet_range.end_label_comp_id 
_struct_sheet_range.end_label_asym_id 
_struct_sheet_range.end_label_seq_id 
_struct_sheet_range.pdbx_end_PDB_ins_code 
_struct_sheet_range.beg_auth_comp_id 
_struct_sheet_range.beg_auth_asym_id 
_struct_sheet_range.beg_auth_seq_id 
_struct_sheet_range.end_auth_comp_id 
_struct_sheet_range.end_auth_asym_id 
_struct_sheet_range.end_auth_seq_id 
A 1 MSE A 4   ? ILE A 5   ? MSE B 1338 ILE B 1339 
A 2 TRP A 59  ? PHE A 61  ? TRP B 1393 PHE B 1395 
A 3 ILE A 37  ? VAL A 39  ? ILE B 1371 VAL B 1373 
B 1 TYR A 81  ? ASP A 86  ? TYR B 1415 ASP B 1420 
B 2 PRO A 112 ? THR A 118 ? PRO B 1446 THR B 1452 
B 3 ALA A 147 ? PHE A 153 ? ALA B 1481 PHE B 1487 
# 
loop_
_pdbx_struct_sheet_hbond.sheet_id 
_pdbx_struct_sheet_hbond.range_id_1 
_pdbx_struct_sheet_hbond.range_id_2 
_pdbx_struct_sheet_hbond.range_1_label_atom_id 
_pdbx_struct_sheet_hbond.range_1_label_comp_id 
_pdbx_struct_sheet_hbond.range_1_label_asym_id 
_pdbx_struct_sheet_hbond.range_1_label_seq_id 
_pdbx_struct_sheet_hbond.range_1_PDB_ins_code 
_pdbx_struct_sheet_hbond.range_1_auth_atom_id 
_pdbx_struct_sheet_hbond.range_1_auth_comp_id 
_pdbx_struct_sheet_hbond.range_1_auth_asym_id 
_pdbx_struct_sheet_hbond.range_1_auth_seq_id 
_pdbx_struct_sheet_hbond.range_2_label_atom_id 
_pdbx_struct_sheet_hbond.range_2_label_comp_id 
_pdbx_struct_sheet_hbond.range_2_label_asym_id 
_pdbx_struct_sheet_hbond.range_2_label_seq_id 
_pdbx_struct_sheet_hbond.range_2_PDB_ins_code 
_pdbx_struct_sheet_hbond.range_2_auth_atom_id 
_pdbx_struct_sheet_hbond.range_2_auth_comp_id 
_pdbx_struct_sheet_hbond.range_2_auth_asym_id 
_pdbx_struct_sheet_hbond.range_2_auth_seq_id 
A 1 2 N ILE A 5   ? N ILE B 1339 O TRP A 59  ? O TRP B 1393 
A 2 3 O ASP A 60  ? O ASP B 1394 N ASP A 38  ? N ASP B 1372 
B 1 2 N TYR A 85  ? N TYR B 1419 O VAL A 116 ? O VAL B 1450 
B 2 3 N LEU A 115 ? N LEU B 1449 O HIS A 152 ? O HIS B 1486 
# 
loop_
_struct_site.id 
_struct_site.pdbx_evidence_code 
_struct_site.pdbx_auth_asym_id 
_struct_site.pdbx_auth_comp_id 
_struct_site.pdbx_auth_seq_id 
_struct_site.pdbx_auth_ins_code 
_struct_site.pdbx_num_residues 
_struct_site.details 
AC1 Software B MG  2 ? 1  'BINDING SITE FOR RESIDUE MG B 2'  
AC2 Software B GDP 1 ? 14 'BINDING SITE FOR RESIDUE GDP B 1' 
# 
loop_
_struct_site_gen.id 
_struct_site_gen.site_id 
_struct_site_gen.pdbx_num_res 
_struct_site_gen.label_comp_id 
_struct_site_gen.label_asym_id 
_struct_site_gen.label_seq_id 
_struct_site_gen.pdbx_auth_ins_code 
_struct_site_gen.auth_comp_id 
_struct_site_gen.auth_asym_id 
_struct_site_gen.auth_seq_id 
_struct_site_gen.label_atom_id 
_struct_site_gen.label_alt_id 
_struct_site_gen.symmetry 
_struct_site_gen.details 
1  AC1 1  THR A 14  ? THR B 1348 . ? 2_656 ? 
2  AC2 14 GLY A 10  ? GLY B 1344 . ? 2_656 ? 
3  AC2 14 SER A 11  ? SER B 1345 . ? 2_656 ? 
4  AC2 14 GLY A 12  ? GLY B 1346 . ? 2_656 ? 
5  AC2 14 LYS A 13  ? LYS B 1347 . ? 2_656 ? 
6  AC2 14 THR A 14  ? THR B 1348 . ? 2_656 ? 
7  AC2 14 THR A 15  ? THR B 1349 . ? 2_656 ? 
8  AC2 14 TYR A 68  ? TYR B 1402 . ? 3_445 ? 
9  AC2 14 PRO A 99  ? PRO B 1433 . ? 4_546 ? 
10 AC2 14 PHE A 102 ? PHE B 1436 . ? 4_546 ? 
11 AC2 14 ASN A 103 ? ASN B 1437 . ? 4_546 ? 
12 AC2 14 HIS A 119 ? HIS B 1453 . ? 1_555 ? 
13 AC2 14 ASP A 121 ? ASP B 1455 . ? 1_555 ? 
14 AC2 14 ASN A 155 ? ASN B 1489 . ? 1_555 ? 
15 AC2 14 ALA A 156 ? ALA B 1490 . ? 1_555 ? 
# 
_pdbx_entry_details.entry_id                   3D6T 
_pdbx_entry_details.compound_details           ? 
_pdbx_entry_details.source_details             ? 
_pdbx_entry_details.nonpolymer_details         ? 
_pdbx_entry_details.sequence_details           ? 
_pdbx_entry_details.has_ligand_of_interest     ? 
_pdbx_entry_details.has_protein_modification   Y 
# 
loop_
_pdbx_struct_mod_residue.id 
_pdbx_struct_mod_residue.label_asym_id 
_pdbx_struct_mod_residue.label_comp_id 
_pdbx_struct_mod_residue.label_seq_id 
_pdbx_struct_mod_residue.auth_asym_id 
_pdbx_struct_mod_residue.auth_comp_id 
_pdbx_struct_mod_residue.auth_seq_id 
_pdbx_struct_mod_residue.PDB_ins_code 
_pdbx_struct_mod_residue.parent_comp_id 
_pdbx_struct_mod_residue.details 
1 A MSE 1  B MSE 1335 ? MET SELENOMETHIONINE 
2 A MSE 4  B MSE 1338 ? MET SELENOMETHIONINE 
3 A MSE 21 B MSE 1355 ? MET SELENOMETHIONINE 
4 A MSE 75 B MSE 1409 ? MET SELENOMETHIONINE 
5 A MSE 97 B MSE 1431 ? MET SELENOMETHIONINE 
# 
loop_
_symmetry_equiv.id 
_symmetry_equiv.pos_as_xyz 
1 'X,  Y,  Z'           
2 '-X,  Y,  -Z'         
3 'X+1/2,  Y+1/2,  Z'   
4 '-X+1/2,  Y+1/2,  -Z' 
# 
loop_
_pdbx_refine_tls.id 
_pdbx_refine_tls.details 
_pdbx_refine_tls.method 
_pdbx_refine_tls.origin_x 
_pdbx_refine_tls.origin_y 
_pdbx_refine_tls.origin_z 
_pdbx_refine_tls.T[1][1] 
_pdbx_refine_tls.T[2][2] 
_pdbx_refine_tls.T[3][3] 
_pdbx_refine_tls.T[1][2] 
_pdbx_refine_tls.T[1][3] 
_pdbx_refine_tls.T[2][3] 
_pdbx_refine_tls.L[1][1] 
_pdbx_refine_tls.L[2][2] 
_pdbx_refine_tls.L[3][3] 
_pdbx_refine_tls.L[1][2] 
_pdbx_refine_tls.L[1][3] 
_pdbx_refine_tls.L[2][3] 
_pdbx_refine_tls.S[1][1] 
_pdbx_refine_tls.S[1][2] 
_pdbx_refine_tls.S[1][3] 
_pdbx_refine_tls.S[2][1] 
_pdbx_refine_tls.S[2][2] 
_pdbx_refine_tls.S[2][3] 
_pdbx_refine_tls.S[3][1] 
_pdbx_refine_tls.S[3][2] 
_pdbx_refine_tls.S[3][3] 
_pdbx_refine_tls.pdbx_refine_id 
1  ? refined -0.8791  2.2286   18.8081  0.1012  0.1747 0.1010  0.0335  -0.0339 0.1556  36.5575 18.7391 9.7779  -7.1094 -18.1784 7.1154   0.7077  -0.7217 -0.3796 0.3180  -0.2402 -1.0528 0.0586  0.8073  -0.4674 'X-RAY DIFFRACTION' 
2  ? refined -13.2254 5.7453   20.3444  0.0614  0.2072 0.1479  0.0392  -0.0085 -0.0013 6.1703  8.6509  4.7812  -5.7760 -3.3306  0.0068   0.0668  0.1404  -0.1274 0.4186  0.0264  0.0535  0.1594  0.0149  -0.0932 'X-RAY DIFFRACTION' 
3  ? refined -1.4864  10.1960  17.3751  -0.0006 0.1008 0.3172  -0.0543 0.0367  0.0015  1.3760  4.9205  10.6704 -2.1456 1.3345   1.7616   -0.0701 0.2941  0.7293  -0.0623 0.2258  -0.9351 -0.2511 0.5966  -0.1557 'X-RAY DIFFRACTION' 
4  ? refined -6.4335  3.3408   14.4666  0.0853  0.2106 0.1296  -0.0481 0.0176  0.0954  14.8150 16.2058 0.0218  15.4947 0.5687   0.5947   0.9237  0.1305  1.0619  0.3665  -0.4667 0.0422  -0.0565 0.0378  -0.4570 'X-RAY DIFFRACTION' 
5  ? refined -12.8248 -4.1859  13.2896  0.0019  0.1535 0.2163  -0.0270 0.0488  0.0272  48.8872 10.9959 35.8084 -6.2091 30.9266  -16.8045 -0.2175 -0.6392 -2.4098 -0.5244 0.9119  0.9156  1.1563  -2.1148 -0.6944 'X-RAY DIFFRACTION' 
6  ? refined -6.6554  -9.7464  9.6675   0.1424  0.0377 0.1703  -0.0181 0.1096  0.0049  6.5667  13.1712 8.6571  -9.3000 0.2967   -0.4292  -0.7343 0.2059  -0.0252 0.1014  0.1971  -0.4318 0.0259  0.2780  0.5372  'X-RAY DIFFRACTION' 
7  ? refined -4.2067  -10.1822 2.2192   0.1907  0.0633 0.2214  0.0175  0.1255  0.0080  4.8761  6.0670  17.7280 4.3468  -2.1385  -7.9733  0.0887  -0.0828 0.1558  -0.2714 -0.4552 0.0272  1.4653  0.0010  0.3665  'X-RAY DIFFRACTION' 
8  ? refined 5.3941   2.0963   -9.9523  0.1591  0.1174 0.1128  -0.0091 0.0171  0.0206  5.0214  3.7155  7.4548  -0.0094 -3.6902  -4.1910  -0.1088 0.0948  -0.3457 -0.5217 -0.5199 -0.7072 0.1242  0.1602  0.6287  'X-RAY DIFFRACTION' 
9  ? refined 14.1235  0.1136   -9.4238  0.0323  0.1178 0.3331  0.0614  0.0771  0.1310  5.7688  21.4359 5.6951  2.2222  4.0411   -6.1210  -0.1328 0.7771  0.5316  -0.8843 0.2230  0.0384  0.1157  -0.3526 -0.0902 'X-RAY DIFFRACTION' 
10 ? refined 5.4346   -5.8154  -5.2907  0.1271  0.0647 0.1334  -0.0051 0.0574  -0.0261 2.9072  4.2663  3.1217  -0.7382 1.4820   -1.2552  -0.0787 0.0674  -0.5364 -0.3481 0.1233  -0.0734 0.3307  0.1447  -0.0446 'X-RAY DIFFRACTION' 
11 ? refined 9.4311   2.2611   -18.2961 0.1161  0.0809 0.1239  0.0268  0.0255  0.0321  1.9644  9.1016  14.5079 -0.1808 1.7706   -10.9938 0.6472  0.2698  -0.2761 -2.0015 -0.5302 -0.4592 0.9740  0.8557  -0.1169 'X-RAY DIFFRACTION' 
12 ? refined 3.6413   -8.3204  -12.7252 0.3019  0.0020 -0.0236 -0.0400 0.1307  0.0241  10.6582 13.1150 4.7575  -1.5269 2.1917   0.0264   0.2049  0.8530  -0.5048 -1.2409 0.2090  0.5756  0.8564  0.0023  -0.4139 'X-RAY DIFFRACTION' 
13 ? refined -5.1470  3.7533   -15.5200 0.1442  0.0710 0.0807  0.0431  -0.1521 -0.0319 7.2877  5.9058  6.0965  2.7013  -2.5611  -3.5358  -0.0889 0.7323  0.2494  -0.7646 0.2771  0.9143  0.1292  -0.3608 -0.1883 'X-RAY DIFFRACTION' 
# 
loop_
_pdbx_refine_tls_group.id 
_pdbx_refine_tls_group.refine_tls_id 
_pdbx_refine_tls_group.beg_auth_asym_id 
_pdbx_refine_tls_group.beg_auth_seq_id 
_pdbx_refine_tls_group.beg_label_asym_id 
_pdbx_refine_tls_group.beg_label_seq_id 
_pdbx_refine_tls_group.end_auth_asym_id 
_pdbx_refine_tls_group.end_auth_seq_id 
_pdbx_refine_tls_group.end_label_asym_id 
_pdbx_refine_tls_group.end_label_seq_id 
_pdbx_refine_tls_group.selection 
_pdbx_refine_tls_group.pdbx_refine_id 
_pdbx_refine_tls_group.selection_details 
1  1  B 1335 A 1   B 1339 A 5   ? 'X-RAY DIFFRACTION' ? 
2  2  B 1340 A 6   B 1351 A 17  ? 'X-RAY DIFFRACTION' ? 
3  3  B 1353 A 19  B 1390 A 56  ? 'X-RAY DIFFRACTION' ? 
4  4  B 1392 A 58  B 1396 A 62  ? 'X-RAY DIFFRACTION' ? 
5  5  B 1397 A 63  B 1401 A 67  ? 'X-RAY DIFFRACTION' ? 
6  6  B 1402 A 68  B 1407 A 73  ? 'X-RAY DIFFRACTION' ? 
7  7  B 1408 A 74  B 1414 A 80  ? 'X-RAY DIFFRACTION' ? 
8  8  B 1415 A 81  B 1422 A 88  ? 'X-RAY DIFFRACTION' ? 
9  9  B 1423 A 89  B 1433 A 99  ? 'X-RAY DIFFRACTION' ? 
10 10 B 1434 A 100 B 1453 A 119 ? 'X-RAY DIFFRACTION' ? 
11 11 B 1454 A 120 B 1474 A 140 ? 'X-RAY DIFFRACTION' ? 
12 12 B 1478 A 144 B 1486 A 152 ? 'X-RAY DIFFRACTION' ? 
13 13 B 1487 A 153 B 1505 A 171 ? 'X-RAY DIFFRACTION' ? 
# 
loop_
_pdbx_unobs_or_zero_occ_residues.id 
_pdbx_unobs_or_zero_occ_residues.PDB_model_num 
_pdbx_unobs_or_zero_occ_residues.polymer_flag 
_pdbx_unobs_or_zero_occ_residues.occupancy_flag 
_pdbx_unobs_or_zero_occ_residues.auth_asym_id 
_pdbx_unobs_or_zero_occ_residues.auth_comp_id 
_pdbx_unobs_or_zero_occ_residues.auth_seq_id 
_pdbx_unobs_or_zero_occ_residues.PDB_ins_code 
_pdbx_unobs_or_zero_occ_residues.label_asym_id 
_pdbx_unobs_or_zero_occ_residues.label_comp_id 
_pdbx_unobs_or_zero_occ_residues.label_seq_id 
1  1 Y 1 B GLN 1352 ? A GLN 18  
2  1 Y 1 B LYS 1356 ? A LYS 22  
3  1 Y 1 B THR 1357 ? A THR 23  
4  1 Y 1 B LYS 1358 ? A LYS 24  
5  1 Y 1 B LYS 1359 ? A LYS 25  
6  1 Y 1 B SER 1360 ? A SER 26  
7  1 Y 1 B ASP 1361 ? A ASP 27  
8  1 Y 1 B LEU 1362 ? A LEU 28  
9  1 Y 1 B GLY 1363 ? A GLY 29  
10 1 Y 1 B MSE 1364 ? A MSE 30  
11 1 Y 1 B GLN 1365 ? A GLN 31  
12 1 Y 1 B SER 1366 ? A SER 32  
13 1 Y 1 B ALA 1367 ? A ALA 33  
14 1 Y 1 B THR 1368 ? A THR 34  
15 1 Y 1 B VAL 1369 ? A VAL 35  
16 1 Y 1 B ILE 1378 ? A ILE 44  
17 1 Y 1 B GLN 1379 ? A GLN 45  
18 1 Y 1 B ILE 1380 ? A ILE 46  
19 1 Y 1 B ARG 1381 ? A ARG 47  
20 1 Y 1 B ASP 1382 ? A ASP 48  
21 1 Y 1 B LYS 1383 ? A LYS 49  
22 1 Y 1 B ARG 1384 ? A ARG 50  
23 1 Y 1 B LYS 1385 ? A LYS 51  
24 1 Y 1 B ARG 1386 ? A ARG 52  
25 1 Y 1 B ASP 1387 ? A ASP 53  
26 1 Y 1 B ASN 1391 ? A ASN 57  
27 1 Y 1 B GLU 1459 ? A GLU 125 
28 1 Y 1 B LYS 1460 ? A LYS 126 
29 1 Y 1 B GLN 1461 ? A GLN 127 
30 1 Y 1 B ARG 1462 ? A ARG 128 
31 1 Y 1 B LYS 1463 ? A LYS 129 
32 1 Y 1 B ALA 1464 ? A ALA 130 
33 1 Y 1 B CYS 1465 ? A CYS 131 
34 1 Y 1 B MSE 1466 ? A MSE 132 
35 1 Y 1 B SER 1467 ? A SER 133 
36 1 Y 1 B THR 1470 ? A THR 136 
37 1 Y 1 B LYS 1471 ? A LYS 137 
38 1 Y 1 B GLU 1472 ? A GLU 138 
39 1 Y 1 B ASN 1475 ? A ASN 141 
40 1 Y 1 B LYS 1476 ? A LYS 142 
41 1 Y 1 B ARG 1477 ? A ARG 143 
42 1 Y 1 B ASP 1495 ? A ASP 161 
43 1 Y 1 B ALA 1496 ? A ALA 162 
44 1 Y 1 B LEU 1497 ? A LEU 163 
45 1 Y 1 B ALA 1498 ? A ALA 164 
46 1 Y 1 B LYS 1499 ? A LYS 165 
# 
loop_
_chem_comp_atom.comp_id 
_chem_comp_atom.atom_id 
_chem_comp_atom.type_symbol 
_chem_comp_atom.pdbx_aromatic_flag 
_chem_comp_atom.pdbx_stereo_config 
_chem_comp_atom.pdbx_ordinal 
ALA N      N  N N 1   
ALA CA     C  N S 2   
ALA C      C  N N 3   
ALA O      O  N N 4   
ALA CB     C  N N 5   
ALA OXT    O  N N 6   
ALA H      H  N N 7   
ALA H2     H  N N 8   
ALA HA     H  N N 9   
ALA HB1    H  N N 10  
ALA HB2    H  N N 11  
ALA HB3    H  N N 12  
ALA HXT    H  N N 13  
ARG N      N  N N 14  
ARG CA     C  N S 15  
ARG C      C  N N 16  
ARG O      O  N N 17  
ARG CB     C  N N 18  
ARG CG     C  N N 19  
ARG CD     C  N N 20  
ARG NE     N  N N 21  
ARG CZ     C  N N 22  
ARG NH1    N  N N 23  
ARG NH2    N  N N 24  
ARG OXT    O  N N 25  
ARG H      H  N N 26  
ARG H2     H  N N 27  
ARG HA     H  N N 28  
ARG HB2    H  N N 29  
ARG HB3    H  N N 30  
ARG HG2    H  N N 31  
ARG HG3    H  N N 32  
ARG HD2    H  N N 33  
ARG HD3    H  N N 34  
ARG HE     H  N N 35  
ARG HH11   H  N N 36  
ARG HH12   H  N N 37  
ARG HH21   H  N N 38  
ARG HH22   H  N N 39  
ARG HXT    H  N N 40  
ASN N      N  N N 41  
ASN CA     C  N S 42  
ASN C      C  N N 43  
ASN O      O  N N 44  
ASN CB     C  N N 45  
ASN CG     C  N N 46  
ASN OD1    O  N N 47  
ASN ND2    N  N N 48  
ASN OXT    O  N N 49  
ASN H      H  N N 50  
ASN H2     H  N N 51  
ASN HA     H  N N 52  
ASN HB2    H  N N 53  
ASN HB3    H  N N 54  
ASN HD21   H  N N 55  
ASN HD22   H  N N 56  
ASN HXT    H  N N 57  
ASP N      N  N N 58  
ASP CA     C  N S 59  
ASP C      C  N N 60  
ASP O      O  N N 61  
ASP CB     C  N N 62  
ASP CG     C  N N 63  
ASP OD1    O  N N 64  
ASP OD2    O  N N 65  
ASP OXT    O  N N 66  
ASP H      H  N N 67  
ASP H2     H  N N 68  
ASP HA     H  N N 69  
ASP HB2    H  N N 70  
ASP HB3    H  N N 71  
ASP HD2    H  N N 72  
ASP HXT    H  N N 73  
CYS N      N  N N 74  
CYS CA     C  N R 75  
CYS C      C  N N 76  
CYS O      O  N N 77  
CYS CB     C  N N 78  
CYS SG     S  N N 79  
CYS OXT    O  N N 80  
CYS H      H  N N 81  
CYS H2     H  N N 82  
CYS HA     H  N N 83  
CYS HB2    H  N N 84  
CYS HB3    H  N N 85  
CYS HG     H  N N 86  
CYS HXT    H  N N 87  
GDP PB     P  N N 88  
GDP O1B    O  N N 89  
GDP O2B    O  N N 90  
GDP O3B    O  N N 91  
GDP O3A    O  N N 92  
GDP PA     P  N N 93  
GDP O1A    O  N N 94  
GDP O2A    O  N N 95  
GDP "O5'"  O  N N 96  
GDP "C5'"  C  N N 97  
GDP "C4'"  C  N R 98  
GDP "O4'"  O  N N 99  
GDP "C3'"  C  N S 100 
GDP "O3'"  O  N N 101 
GDP "C2'"  C  N R 102 
GDP "O2'"  O  N N 103 
GDP "C1'"  C  N R 104 
GDP N9     N  Y N 105 
GDP C8     C  Y N 106 
GDP N7     N  Y N 107 
GDP C5     C  Y N 108 
GDP C6     C  N N 109 
GDP O6     O  N N 110 
GDP N1     N  N N 111 
GDP C2     C  N N 112 
GDP N2     N  N N 113 
GDP N3     N  N N 114 
GDP C4     C  Y N 115 
GDP HOB2   H  N N 116 
GDP HOB3   H  N N 117 
GDP HOA2   H  N N 118 
GDP "H5'"  H  N N 119 
GDP "H5''" H  N N 120 
GDP "H4'"  H  N N 121 
GDP "H3'"  H  N N 122 
GDP "HO3'" H  N N 123 
GDP "H2'"  H  N N 124 
GDP "HO2'" H  N N 125 
GDP "H1'"  H  N N 126 
GDP H8     H  N N 127 
GDP HN1    H  N N 128 
GDP HN21   H  N N 129 
GDP HN22   H  N N 130 
GLN N      N  N N 131 
GLN CA     C  N S 132 
GLN C      C  N N 133 
GLN O      O  N N 134 
GLN CB     C  N N 135 
GLN CG     C  N N 136 
GLN CD     C  N N 137 
GLN OE1    O  N N 138 
GLN NE2    N  N N 139 
GLN OXT    O  N N 140 
GLN H      H  N N 141 
GLN H2     H  N N 142 
GLN HA     H  N N 143 
GLN HB2    H  N N 144 
GLN HB3    H  N N 145 
GLN HG2    H  N N 146 
GLN HG3    H  N N 147 
GLN HE21   H  N N 148 
GLN HE22   H  N N 149 
GLN HXT    H  N N 150 
GLU N      N  N N 151 
GLU CA     C  N S 152 
GLU C      C  N N 153 
GLU O      O  N N 154 
GLU CB     C  N N 155 
GLU CG     C  N N 156 
GLU CD     C  N N 157 
GLU OE1    O  N N 158 
GLU OE2    O  N N 159 
GLU OXT    O  N N 160 
GLU H      H  N N 161 
GLU H2     H  N N 162 
GLU HA     H  N N 163 
GLU HB2    H  N N 164 
GLU HB3    H  N N 165 
GLU HG2    H  N N 166 
GLU HG3    H  N N 167 
GLU HE2    H  N N 168 
GLU HXT    H  N N 169 
GLY N      N  N N 170 
GLY CA     C  N N 171 
GLY C      C  N N 172 
GLY O      O  N N 173 
GLY OXT    O  N N 174 
GLY H      H  N N 175 
GLY H2     H  N N 176 
GLY HA2    H  N N 177 
GLY HA3    H  N N 178 
GLY HXT    H  N N 179 
HIS N      N  N N 180 
HIS CA     C  N S 181 
HIS C      C  N N 182 
HIS O      O  N N 183 
HIS CB     C  N N 184 
HIS CG     C  Y N 185 
HIS ND1    N  Y N 186 
HIS CD2    C  Y N 187 
HIS CE1    C  Y N 188 
HIS NE2    N  Y N 189 
HIS OXT    O  N N 190 
HIS H      H  N N 191 
HIS H2     H  N N 192 
HIS HA     H  N N 193 
HIS HB2    H  N N 194 
HIS HB3    H  N N 195 
HIS HD1    H  N N 196 
HIS HD2    H  N N 197 
HIS HE1    H  N N 198 
HIS HE2    H  N N 199 
HIS HXT    H  N N 200 
HOH O      O  N N 201 
HOH H1     H  N N 202 
HOH H2     H  N N 203 
ILE N      N  N N 204 
ILE CA     C  N S 205 
ILE C      C  N N 206 
ILE O      O  N N 207 
ILE CB     C  N S 208 
ILE CG1    C  N N 209 
ILE CG2    C  N N 210 
ILE CD1    C  N N 211 
ILE OXT    O  N N 212 
ILE H      H  N N 213 
ILE H2     H  N N 214 
ILE HA     H  N N 215 
ILE HB     H  N N 216 
ILE HG12   H  N N 217 
ILE HG13   H  N N 218 
ILE HG21   H  N N 219 
ILE HG22   H  N N 220 
ILE HG23   H  N N 221 
ILE HD11   H  N N 222 
ILE HD12   H  N N 223 
ILE HD13   H  N N 224 
ILE HXT    H  N N 225 
LEU N      N  N N 226 
LEU CA     C  N S 227 
LEU C      C  N N 228 
LEU O      O  N N 229 
LEU CB     C  N N 230 
LEU CG     C  N N 231 
LEU CD1    C  N N 232 
LEU CD2    C  N N 233 
LEU OXT    O  N N 234 
LEU H      H  N N 235 
LEU H2     H  N N 236 
LEU HA     H  N N 237 
LEU HB2    H  N N 238 
LEU HB3    H  N N 239 
LEU HG     H  N N 240 
LEU HD11   H  N N 241 
LEU HD12   H  N N 242 
LEU HD13   H  N N 243 
LEU HD21   H  N N 244 
LEU HD22   H  N N 245 
LEU HD23   H  N N 246 
LEU HXT    H  N N 247 
LYS N      N  N N 248 
LYS CA     C  N S 249 
LYS C      C  N N 250 
LYS O      O  N N 251 
LYS CB     C  N N 252 
LYS CG     C  N N 253 
LYS CD     C  N N 254 
LYS CE     C  N N 255 
LYS NZ     N  N N 256 
LYS OXT    O  N N 257 
LYS H      H  N N 258 
LYS H2     H  N N 259 
LYS HA     H  N N 260 
LYS HB2    H  N N 261 
LYS HB3    H  N N 262 
LYS HG2    H  N N 263 
LYS HG3    H  N N 264 
LYS HD2    H  N N 265 
LYS HD3    H  N N 266 
LYS HE2    H  N N 267 
LYS HE3    H  N N 268 
LYS HZ1    H  N N 269 
LYS HZ2    H  N N 270 
LYS HZ3    H  N N 271 
LYS HXT    H  N N 272 
MG  MG     MG N N 273 
MSE N      N  N N 274 
MSE CA     C  N S 275 
MSE C      C  N N 276 
MSE O      O  N N 277 
MSE OXT    O  N N 278 
MSE CB     C  N N 279 
MSE CG     C  N N 280 
MSE SE     SE N N 281 
MSE CE     C  N N 282 
MSE H      H  N N 283 
MSE H2     H  N N 284 
MSE HA     H  N N 285 
MSE HXT    H  N N 286 
MSE HB2    H  N N 287 
MSE HB3    H  N N 288 
MSE HG2    H  N N 289 
MSE HG3    H  N N 290 
MSE HE1    H  N N 291 
MSE HE2    H  N N 292 
MSE HE3    H  N N 293 
PHE N      N  N N 294 
PHE CA     C  N S 295 
PHE C      C  N N 296 
PHE O      O  N N 297 
PHE CB     C  N N 298 
PHE CG     C  Y N 299 
PHE CD1    C  Y N 300 
PHE CD2    C  Y N 301 
PHE CE1    C  Y N 302 
PHE CE2    C  Y N 303 
PHE CZ     C  Y N 304 
PHE OXT    O  N N 305 
PHE H      H  N N 306 
PHE H2     H  N N 307 
PHE HA     H  N N 308 
PHE HB2    H  N N 309 
PHE HB3    H  N N 310 
PHE HD1    H  N N 311 
PHE HD2    H  N N 312 
PHE HE1    H  N N 313 
PHE HE2    H  N N 314 
PHE HZ     H  N N 315 
PHE HXT    H  N N 316 
PRO N      N  N N 317 
PRO CA     C  N S 318 
PRO C      C  N N 319 
PRO O      O  N N 320 
PRO CB     C  N N 321 
PRO CG     C  N N 322 
PRO CD     C  N N 323 
PRO OXT    O  N N 324 
PRO H      H  N N 325 
PRO HA     H  N N 326 
PRO HB2    H  N N 327 
PRO HB3    H  N N 328 
PRO HG2    H  N N 329 
PRO HG3    H  N N 330 
PRO HD2    H  N N 331 
PRO HD3    H  N N 332 
PRO HXT    H  N N 333 
SER N      N  N N 334 
SER CA     C  N S 335 
SER C      C  N N 336 
SER O      O  N N 337 
SER CB     C  N N 338 
SER OG     O  N N 339 
SER OXT    O  N N 340 
SER H      H  N N 341 
SER H2     H  N N 342 
SER HA     H  N N 343 
SER HB2    H  N N 344 
SER HB3    H  N N 345 
SER HG     H  N N 346 
SER HXT    H  N N 347 
THR N      N  N N 348 
THR CA     C  N S 349 
THR C      C  N N 350 
THR O      O  N N 351 
THR CB     C  N R 352 
THR OG1    O  N N 353 
THR CG2    C  N N 354 
THR OXT    O  N N 355 
THR H      H  N N 356 
THR H2     H  N N 357 
THR HA     H  N N 358 
THR HB     H  N N 359 
THR HG1    H  N N 360 
THR HG21   H  N N 361 
THR HG22   H  N N 362 
THR HG23   H  N N 363 
THR HXT    H  N N 364 
TRP N      N  N N 365 
TRP CA     C  N S 366 
TRP C      C  N N 367 
TRP O      O  N N 368 
TRP CB     C  N N 369 
TRP CG     C  Y N 370 
TRP CD1    C  Y N 371 
TRP CD2    C  Y N 372 
TRP NE1    N  Y N 373 
TRP CE2    C  Y N 374 
TRP CE3    C  Y N 375 
TRP CZ2    C  Y N 376 
TRP CZ3    C  Y N 377 
TRP CH2    C  Y N 378 
TRP OXT    O  N N 379 
TRP H      H  N N 380 
TRP H2     H  N N 381 
TRP HA     H  N N 382 
TRP HB2    H  N N 383 
TRP HB3    H  N N 384 
TRP HD1    H  N N 385 
TRP HE1    H  N N 386 
TRP HE3    H  N N 387 
TRP HZ2    H  N N 388 
TRP HZ3    H  N N 389 
TRP HH2    H  N N 390 
TRP HXT    H  N N 391 
TYR N      N  N N 392 
TYR CA     C  N S 393 
TYR C      C  N N 394 
TYR O      O  N N 395 
TYR CB     C  N N 396 
TYR CG     C  Y N 397 
TYR CD1    C  Y N 398 
TYR CD2    C  Y N 399 
TYR CE1    C  Y N 400 
TYR CE2    C  Y N 401 
TYR CZ     C  Y N 402 
TYR OH     O  N N 403 
TYR OXT    O  N N 404 
TYR H      H  N N 405 
TYR H2     H  N N 406 
TYR HA     H  N N 407 
TYR HB2    H  N N 408 
TYR HB3    H  N N 409 
TYR HD1    H  N N 410 
TYR HD2    H  N N 411 
TYR HE1    H  N N 412 
TYR HE2    H  N N 413 
TYR HH     H  N N 414 
TYR HXT    H  N N 415 
VAL N      N  N N 416 
VAL CA     C  N S 417 
VAL C      C  N N 418 
VAL O      O  N N 419 
VAL CB     C  N N 420 
VAL CG1    C  N N 421 
VAL CG2    C  N N 422 
VAL OXT    O  N N 423 
VAL H      H  N N 424 
VAL H2     H  N N 425 
VAL HA     H  N N 426 
VAL HB     H  N N 427 
VAL HG11   H  N N 428 
VAL HG12   H  N N 429 
VAL HG13   H  N N 430 
VAL HG21   H  N N 431 
VAL HG22   H  N N 432 
VAL HG23   H  N N 433 
VAL HXT    H  N N 434 
# 
loop_
_chem_comp_bond.comp_id 
_chem_comp_bond.atom_id_1 
_chem_comp_bond.atom_id_2 
_chem_comp_bond.value_order 
_chem_comp_bond.pdbx_aromatic_flag 
_chem_comp_bond.pdbx_stereo_config 
_chem_comp_bond.pdbx_ordinal 
ALA N     CA     sing N N 1   
ALA N     H      sing N N 2   
ALA N     H2     sing N N 3   
ALA CA    C      sing N N 4   
ALA CA    CB     sing N N 5   
ALA CA    HA     sing N N 6   
ALA C     O      doub N N 7   
ALA C     OXT    sing N N 8   
ALA CB    HB1    sing N N 9   
ALA CB    HB2    sing N N 10  
ALA CB    HB3    sing N N 11  
ALA OXT   HXT    sing N N 12  
ARG N     CA     sing N N 13  
ARG N     H      sing N N 14  
ARG N     H2     sing N N 15  
ARG CA    C      sing N N 16  
ARG CA    CB     sing N N 17  
ARG CA    HA     sing N N 18  
ARG C     O      doub N N 19  
ARG C     OXT    sing N N 20  
ARG CB    CG     sing N N 21  
ARG CB    HB2    sing N N 22  
ARG CB    HB3    sing N N 23  
ARG CG    CD     sing N N 24  
ARG CG    HG2    sing N N 25  
ARG CG    HG3    sing N N 26  
ARG CD    NE     sing N N 27  
ARG CD    HD2    sing N N 28  
ARG CD    HD3    sing N N 29  
ARG NE    CZ     sing N N 30  
ARG NE    HE     sing N N 31  
ARG CZ    NH1    sing N N 32  
ARG CZ    NH2    doub N N 33  
ARG NH1   HH11   sing N N 34  
ARG NH1   HH12   sing N N 35  
ARG NH2   HH21   sing N N 36  
ARG NH2   HH22   sing N N 37  
ARG OXT   HXT    sing N N 38  
ASN N     CA     sing N N 39  
ASN N     H      sing N N 40  
ASN N     H2     sing N N 41  
ASN CA    C      sing N N 42  
ASN CA    CB     sing N N 43  
ASN CA    HA     sing N N 44  
ASN C     O      doub N N 45  
ASN C     OXT    sing N N 46  
ASN CB    CG     sing N N 47  
ASN CB    HB2    sing N N 48  
ASN CB    HB3    sing N N 49  
ASN CG    OD1    doub N N 50  
ASN CG    ND2    sing N N 51  
ASN ND2   HD21   sing N N 52  
ASN ND2   HD22   sing N N 53  
ASN OXT   HXT    sing N N 54  
ASP N     CA     sing N N 55  
ASP N     H      sing N N 56  
ASP N     H2     sing N N 57  
ASP CA    C      sing N N 58  
ASP CA    CB     sing N N 59  
ASP CA    HA     sing N N 60  
ASP C     O      doub N N 61  
ASP C     OXT    sing N N 62  
ASP CB    CG     sing N N 63  
ASP CB    HB2    sing N N 64  
ASP CB    HB3    sing N N 65  
ASP CG    OD1    doub N N 66  
ASP CG    OD2    sing N N 67  
ASP OD2   HD2    sing N N 68  
ASP OXT   HXT    sing N N 69  
CYS N     CA     sing N N 70  
CYS N     H      sing N N 71  
CYS N     H2     sing N N 72  
CYS CA    C      sing N N 73  
CYS CA    CB     sing N N 74  
CYS CA    HA     sing N N 75  
CYS C     O      doub N N 76  
CYS C     OXT    sing N N 77  
CYS CB    SG     sing N N 78  
CYS CB    HB2    sing N N 79  
CYS CB    HB3    sing N N 80  
CYS SG    HG     sing N N 81  
CYS OXT   HXT    sing N N 82  
GDP PB    O1B    doub N N 83  
GDP PB    O2B    sing N N 84  
GDP PB    O3B    sing N N 85  
GDP PB    O3A    sing N N 86  
GDP O2B   HOB2   sing N N 87  
GDP O3B   HOB3   sing N N 88  
GDP O3A   PA     sing N N 89  
GDP PA    O1A    doub N N 90  
GDP PA    O2A    sing N N 91  
GDP PA    "O5'"  sing N N 92  
GDP O2A   HOA2   sing N N 93  
GDP "O5'" "C5'"  sing N N 94  
GDP "C5'" "C4'"  sing N N 95  
GDP "C5'" "H5'"  sing N N 96  
GDP "C5'" "H5''" sing N N 97  
GDP "C4'" "O4'"  sing N N 98  
GDP "C4'" "C3'"  sing N N 99  
GDP "C4'" "H4'"  sing N N 100 
GDP "O4'" "C1'"  sing N N 101 
GDP "C3'" "O3'"  sing N N 102 
GDP "C3'" "C2'"  sing N N 103 
GDP "C3'" "H3'"  sing N N 104 
GDP "O3'" "HO3'" sing N N 105 
GDP "C2'" "O2'"  sing N N 106 
GDP "C2'" "C1'"  sing N N 107 
GDP "C2'" "H2'"  sing N N 108 
GDP "O2'" "HO2'" sing N N 109 
GDP "C1'" N9     sing N N 110 
GDP "C1'" "H1'"  sing N N 111 
GDP N9    C8     sing Y N 112 
GDP N9    C4     sing Y N 113 
GDP C8    N7     doub Y N 114 
GDP C8    H8     sing N N 115 
GDP N7    C5     sing Y N 116 
GDP C5    C6     sing N N 117 
GDP C5    C4     doub Y N 118 
GDP C6    O6     doub N N 119 
GDP C6    N1     sing N N 120 
GDP N1    C2     sing N N 121 
GDP N1    HN1    sing N N 122 
GDP C2    N2     sing N N 123 
GDP C2    N3     doub N N 124 
GDP N2    HN21   sing N N 125 
GDP N2    HN22   sing N N 126 
GDP N3    C4     sing N N 127 
GLN N     CA     sing N N 128 
GLN N     H      sing N N 129 
GLN N     H2     sing N N 130 
GLN CA    C      sing N N 131 
GLN CA    CB     sing N N 132 
GLN CA    HA     sing N N 133 
GLN C     O      doub N N 134 
GLN C     OXT    sing N N 135 
GLN CB    CG     sing N N 136 
GLN CB    HB2    sing N N 137 
GLN CB    HB3    sing N N 138 
GLN CG    CD     sing N N 139 
GLN CG    HG2    sing N N 140 
GLN CG    HG3    sing N N 141 
GLN CD    OE1    doub N N 142 
GLN CD    NE2    sing N N 143 
GLN NE2   HE21   sing N N 144 
GLN NE2   HE22   sing N N 145 
GLN OXT   HXT    sing N N 146 
GLU N     CA     sing N N 147 
GLU N     H      sing N N 148 
GLU N     H2     sing N N 149 
GLU CA    C      sing N N 150 
GLU CA    CB     sing N N 151 
GLU CA    HA     sing N N 152 
GLU C     O      doub N N 153 
GLU C     OXT    sing N N 154 
GLU CB    CG     sing N N 155 
GLU CB    HB2    sing N N 156 
GLU CB    HB3    sing N N 157 
GLU CG    CD     sing N N 158 
GLU CG    HG2    sing N N 159 
GLU CG    HG3    sing N N 160 
GLU CD    OE1    doub N N 161 
GLU CD    OE2    sing N N 162 
GLU OE2   HE2    sing N N 163 
GLU OXT   HXT    sing N N 164 
GLY N     CA     sing N N 165 
GLY N     H      sing N N 166 
GLY N     H2     sing N N 167 
GLY CA    C      sing N N 168 
GLY CA    HA2    sing N N 169 
GLY CA    HA3    sing N N 170 
GLY C     O      doub N N 171 
GLY C     OXT    sing N N 172 
GLY OXT   HXT    sing N N 173 
HIS N     CA     sing N N 174 
HIS N     H      sing N N 175 
HIS N     H2     sing N N 176 
HIS CA    C      sing N N 177 
HIS CA    CB     sing N N 178 
HIS CA    HA     sing N N 179 
HIS C     O      doub N N 180 
HIS C     OXT    sing N N 181 
HIS CB    CG     sing N N 182 
HIS CB    HB2    sing N N 183 
HIS CB    HB3    sing N N 184 
HIS CG    ND1    sing Y N 185 
HIS CG    CD2    doub Y N 186 
HIS ND1   CE1    doub Y N 187 
HIS ND1   HD1    sing N N 188 
HIS CD2   NE2    sing Y N 189 
HIS CD2   HD2    sing N N 190 
HIS CE1   NE2    sing Y N 191 
HIS CE1   HE1    sing N N 192 
HIS NE2   HE2    sing N N 193 
HIS OXT   HXT    sing N N 194 
HOH O     H1     sing N N 195 
HOH O     H2     sing N N 196 
ILE N     CA     sing N N 197 
ILE N     H      sing N N 198 
ILE N     H2     sing N N 199 
ILE CA    C      sing N N 200 
ILE CA    CB     sing N N 201 
ILE CA    HA     sing N N 202 
ILE C     O      doub N N 203 
ILE C     OXT    sing N N 204 
ILE CB    CG1    sing N N 205 
ILE CB    CG2    sing N N 206 
ILE CB    HB     sing N N 207 
ILE CG1   CD1    sing N N 208 
ILE CG1   HG12   sing N N 209 
ILE CG1   HG13   sing N N 210 
ILE CG2   HG21   sing N N 211 
ILE CG2   HG22   sing N N 212 
ILE CG2   HG23   sing N N 213 
ILE CD1   HD11   sing N N 214 
ILE CD1   HD12   sing N N 215 
ILE CD1   HD13   sing N N 216 
ILE OXT   HXT    sing N N 217 
LEU N     CA     sing N N 218 
LEU N     H      sing N N 219 
LEU N     H2     sing N N 220 
LEU CA    C      sing N N 221 
LEU CA    CB     sing N N 222 
LEU CA    HA     sing N N 223 
LEU C     O      doub N N 224 
LEU C     OXT    sing N N 225 
LEU CB    CG     sing N N 226 
LEU CB    HB2    sing N N 227 
LEU CB    HB3    sing N N 228 
LEU CG    CD1    sing N N 229 
LEU CG    CD2    sing N N 230 
LEU CG    HG     sing N N 231 
LEU CD1   HD11   sing N N 232 
LEU CD1   HD12   sing N N 233 
LEU CD1   HD13   sing N N 234 
LEU CD2   HD21   sing N N 235 
LEU CD2   HD22   sing N N 236 
LEU CD2   HD23   sing N N 237 
LEU OXT   HXT    sing N N 238 
LYS N     CA     sing N N 239 
LYS N     H      sing N N 240 
LYS N     H2     sing N N 241 
LYS CA    C      sing N N 242 
LYS CA    CB     sing N N 243 
LYS CA    HA     sing N N 244 
LYS C     O      doub N N 245 
LYS C     OXT    sing N N 246 
LYS CB    CG     sing N N 247 
LYS CB    HB2    sing N N 248 
LYS CB    HB3    sing N N 249 
LYS CG    CD     sing N N 250 
LYS CG    HG2    sing N N 251 
LYS CG    HG3    sing N N 252 
LYS CD    CE     sing N N 253 
LYS CD    HD2    sing N N 254 
LYS CD    HD3    sing N N 255 
LYS CE    NZ     sing N N 256 
LYS CE    HE2    sing N N 257 
LYS CE    HE3    sing N N 258 
LYS NZ    HZ1    sing N N 259 
LYS NZ    HZ2    sing N N 260 
LYS NZ    HZ3    sing N N 261 
LYS OXT   HXT    sing N N 262 
MSE N     CA     sing N N 263 
MSE N     H      sing N N 264 
MSE N     H2     sing N N 265 
MSE CA    C      sing N N 266 
MSE CA    CB     sing N N 267 
MSE CA    HA     sing N N 268 
MSE C     O      doub N N 269 
MSE C     OXT    sing N N 270 
MSE OXT   HXT    sing N N 271 
MSE CB    CG     sing N N 272 
MSE CB    HB2    sing N N 273 
MSE CB    HB3    sing N N 274 
MSE CG    SE     sing N N 275 
MSE CG    HG2    sing N N 276 
MSE CG    HG3    sing N N 277 
MSE SE    CE     sing N N 278 
MSE CE    HE1    sing N N 279 
MSE CE    HE2    sing N N 280 
MSE CE    HE3    sing N N 281 
PHE N     CA     sing N N 282 
PHE N     H      sing N N 283 
PHE N     H2     sing N N 284 
PHE CA    C      sing N N 285 
PHE CA    CB     sing N N 286 
PHE CA    HA     sing N N 287 
PHE C     O      doub N N 288 
PHE C     OXT    sing N N 289 
PHE CB    CG     sing N N 290 
PHE CB    HB2    sing N N 291 
PHE CB    HB3    sing N N 292 
PHE CG    CD1    doub Y N 293 
PHE CG    CD2    sing Y N 294 
PHE CD1   CE1    sing Y N 295 
PHE CD1   HD1    sing N N 296 
PHE CD2   CE2    doub Y N 297 
PHE CD2   HD2    sing N N 298 
PHE CE1   CZ     doub Y N 299 
PHE CE1   HE1    sing N N 300 
PHE CE2   CZ     sing Y N 301 
PHE CE2   HE2    sing N N 302 
PHE CZ    HZ     sing N N 303 
PHE OXT   HXT    sing N N 304 
PRO N     CA     sing N N 305 
PRO N     CD     sing N N 306 
PRO N     H      sing N N 307 
PRO CA    C      sing N N 308 
PRO CA    CB     sing N N 309 
PRO CA    HA     sing N N 310 
PRO C     O      doub N N 311 
PRO C     OXT    sing N N 312 
PRO CB    CG     sing N N 313 
PRO CB    HB2    sing N N 314 
PRO CB    HB3    sing N N 315 
PRO CG    CD     sing N N 316 
PRO CG    HG2    sing N N 317 
PRO CG    HG3    sing N N 318 
PRO CD    HD2    sing N N 319 
PRO CD    HD3    sing N N 320 
PRO OXT   HXT    sing N N 321 
SER N     CA     sing N N 322 
SER N     H      sing N N 323 
SER N     H2     sing N N 324 
SER CA    C      sing N N 325 
SER CA    CB     sing N N 326 
SER CA    HA     sing N N 327 
SER C     O      doub N N 328 
SER C     OXT    sing N N 329 
SER CB    OG     sing N N 330 
SER CB    HB2    sing N N 331 
SER CB    HB3    sing N N 332 
SER OG    HG     sing N N 333 
SER OXT   HXT    sing N N 334 
THR N     CA     sing N N 335 
THR N     H      sing N N 336 
THR N     H2     sing N N 337 
THR CA    C      sing N N 338 
THR CA    CB     sing N N 339 
THR CA    HA     sing N N 340 
THR C     O      doub N N 341 
THR C     OXT    sing N N 342 
THR CB    OG1    sing N N 343 
THR CB    CG2    sing N N 344 
THR CB    HB     sing N N 345 
THR OG1   HG1    sing N N 346 
THR CG2   HG21   sing N N 347 
THR CG2   HG22   sing N N 348 
THR CG2   HG23   sing N N 349 
THR OXT   HXT    sing N N 350 
TRP N     CA     sing N N 351 
TRP N     H      sing N N 352 
TRP N     H2     sing N N 353 
TRP CA    C      sing N N 354 
TRP CA    CB     sing N N 355 
TRP CA    HA     sing N N 356 
TRP C     O      doub N N 357 
TRP C     OXT    sing N N 358 
TRP CB    CG     sing N N 359 
TRP CB    HB2    sing N N 360 
TRP CB    HB3    sing N N 361 
TRP CG    CD1    doub Y N 362 
TRP CG    CD2    sing Y N 363 
TRP CD1   NE1    sing Y N 364 
TRP CD1   HD1    sing N N 365 
TRP CD2   CE2    doub Y N 366 
TRP CD2   CE3    sing Y N 367 
TRP NE1   CE2    sing Y N 368 
TRP NE1   HE1    sing N N 369 
TRP CE2   CZ2    sing Y N 370 
TRP CE3   CZ3    doub Y N 371 
TRP CE3   HE3    sing N N 372 
TRP CZ2   CH2    doub Y N 373 
TRP CZ2   HZ2    sing N N 374 
TRP CZ3   CH2    sing Y N 375 
TRP CZ3   HZ3    sing N N 376 
TRP CH2   HH2    sing N N 377 
TRP OXT   HXT    sing N N 378 
TYR N     CA     sing N N 379 
TYR N     H      sing N N 380 
TYR N     H2     sing N N 381 
TYR CA    C      sing N N 382 
TYR CA    CB     sing N N 383 
TYR CA    HA     sing N N 384 
TYR C     O      doub N N 385 
TYR C     OXT    sing N N 386 
TYR CB    CG     sing N N 387 
TYR CB    HB2    sing N N 388 
TYR CB    HB3    sing N N 389 
TYR CG    CD1    doub Y N 390 
TYR CG    CD2    sing Y N 391 
TYR CD1   CE1    sing Y N 392 
TYR CD1   HD1    sing N N 393 
TYR CD2   CE2    doub Y N 394 
TYR CD2   HD2    sing N N 395 
TYR CE1   CZ     doub Y N 396 
TYR CE1   HE1    sing N N 397 
TYR CE2   CZ     sing Y N 398 
TYR CE2   HE2    sing N N 399 
TYR CZ    OH     sing N N 400 
TYR OH    HH     sing N N 401 
TYR OXT   HXT    sing N N 402 
VAL N     CA     sing N N 403 
VAL N     H      sing N N 404 
VAL N     H2     sing N N 405 
VAL CA    C      sing N N 406 
VAL CA    CB     sing N N 407 
VAL CA    HA     sing N N 408 
VAL C     O      doub N N 409 
VAL C     OXT    sing N N 410 
VAL CB    CG1    sing N N 411 
VAL CB    CG2    sing N N 412 
VAL CB    HB     sing N N 413 
VAL CG1   HG11   sing N N 414 
VAL CG1   HG12   sing N N 415 
VAL CG1   HG13   sing N N 416 
VAL CG2   HG21   sing N N 417 
VAL CG2   HG22   sing N N 418 
VAL CG2   HG23   sing N N 419 
VAL OXT   HXT    sing N N 420 
# 
_reflns_scale.group_code   1 
# 
_atom_sites.entry_id                    3D6T 
_atom_sites.fract_transf_matrix[1][1]   -0.00647298 
_atom_sites.fract_transf_matrix[1][2]   0.00012410 
_atom_sites.fract_transf_matrix[1][3]   0.01409370 
_atom_sites.fract_transf_matrix[2][1]   0.00660209 
_atom_sites.fract_transf_matrix[2][2]   -0.01732190 
_atom_sites.fract_transf_matrix[2][3]   0.00318475 
_atom_sites.fract_transf_matrix[3][1]   0.01551675 
_atom_sites.fract_transf_matrix[3][2]   0.00919561 
_atom_sites.fract_transf_matrix[3][3]   0.01784830 
_atom_sites.fract_transf_vector[1]      0.359056 
_atom_sites.fract_transf_vector[2]      -0.179231 
_atom_sites.fract_transf_vector[3]      0.393558 
# 
loop_
_atom_type.symbol 
C  
MG 
N  
O  
P  
SE 
# 
loop_
_atom_site.group_PDB 
_atom_site.id 
_atom_site.type_symbol 
_atom_site.label_atom_id 
_atom_site.label_alt_id 
_atom_site.label_comp_id 
_atom_site.label_asym_id 
_atom_site.label_entity_id 
_atom_site.label_seq_id 
_atom_site.pdbx_PDB_ins_code 
_atom_site.Cartn_x 
_atom_site.Cartn_y 
_atom_site.Cartn_z 
_atom_site.occupancy 
_atom_site.B_iso_or_equiv 
_atom_site.pdbx_formal_charge 
_atom_site.auth_seq_id 
_atom_site.auth_comp_id 
_atom_site.auth_asym_id 
_atom_site.auth_atom_id 
_atom_site.pdbx_PDB_model_num 
HETATM 1    N  N     . MSE A 1 1   ? 6.952   2.961   17.786  1.00 35.12  ? 1335 MSE B N     1 
HETATM 2    C  CA    . MSE A 1 1   ? 5.959   1.935   18.261  1.00 35.99  ? 1335 MSE B CA    1 
HETATM 3    C  C     . MSE A 1 1   ? 4.523   2.426   18.142  1.00 34.03  ? 1335 MSE B C     1 
HETATM 4    O  O     . MSE A 1 1   ? 4.282   3.617   18.005  1.00 34.94  ? 1335 MSE B O     1 
HETATM 5    C  CB    . MSE A 1 1   ? 6.215   1.536   19.717  1.00 36.20  ? 1335 MSE B CB    1 
HETATM 6    C  CG    . MSE A 1 1   ? 6.332   2.713   20.705  1.00 38.25  ? 1335 MSE B CG    1 
HETATM 7    SE SE    . MSE A 1 1   ? 5.452   2.415   22.446  1.00 41.28  ? 1335 MSE B SE    1 
HETATM 8    C  CE    . MSE A 1 1   ? 3.590   2.600   21.926  1.00 38.68  ? 1335 MSE B CE    1 
ATOM   9    N  N     . LYS A 1 2   ? 3.556   1.526   18.222  1.00 31.48  ? 1336 LYS B N     1 
ATOM   10   C  CA    . LYS A 1 2   ? 2.233   1.907   17.816  1.00 28.80  ? 1336 LYS B CA    1 
ATOM   11   C  C     . LYS A 1 2   ? 1.297   2.106   18.989  1.00 27.04  ? 1336 LYS B C     1 
ATOM   12   O  O     . LYS A 1 2   ? 1.431   1.425   20.025  1.00 26.82  ? 1336 LYS B O     1 
ATOM   13   C  CB    . LYS A 1 2   ? 1.659   0.858   16.854  1.00 29.44  ? 1336 LYS B CB    1 
ATOM   14   C  CG    . LYS A 1 2   ? 2.383   0.690   15.535  1.00 27.99  ? 1336 LYS B CG    1 
ATOM   15   C  CD    . LYS A 1 2   ? 1.520   -0.096  14.561  1.00 26.46  ? 1336 LYS B CD    1 
ATOM   16   C  CE    . LYS A 1 2   ? 2.155   -0.138  13.174  1.00 24.78  ? 1336 LYS B CE    1 
ATOM   17   N  NZ    . LYS A 1 2   ? 3.634   -0.121  13.168  1.00 17.44  ? 1336 LYS B NZ    1 
ATOM   18   N  N     . LEU A 1 3   ? 0.327   2.998   18.798  1.00 24.31  ? 1337 LEU B N     1 
ATOM   19   C  CA    . LEU A 1 3   ? -0.807  3.123   19.703  1.00 23.27  ? 1337 LEU B CA    1 
ATOM   20   C  C     . LEU A 1 3   ? -2.089  2.748   18.922  1.00 23.25  ? 1337 LEU B C     1 
ATOM   21   O  O     . LEU A 1 3   ? -2.387  3.373   17.919  1.00 23.90  ? 1337 LEU B O     1 
ATOM   22   C  CB    . LEU A 1 3   ? -0.862  4.535   20.255  1.00 21.97  ? 1337 LEU B CB    1 
ATOM   23   C  CG    . LEU A 1 3   ? -1.980  4.816   21.227  1.00 19.50  ? 1337 LEU B CG    1 
ATOM   24   C  CD1   . LEU A 1 3   ? -1.718  3.992   22.451  1.00 17.56  ? 1337 LEU B CD1   1 
ATOM   25   C  CD2   . LEU A 1 3   ? -2.066  6.269   21.550  1.00 10.66  ? 1337 LEU B CD2   1 
HETATM 26   N  N     . MSE A 1 4   ? -2.775  1.686   19.316  1.00 22.56  ? 1338 MSE B N     1 
HETATM 27   C  CA    . MSE A 1 4   ? -3.952  1.219   18.622  1.00 22.71  ? 1338 MSE B CA    1 
HETATM 28   C  C     . MSE A 1 4   ? -5.157  1.503   19.484  1.00 21.64  ? 1338 MSE B C     1 
HETATM 29   O  O     . MSE A 1 4   ? -5.313  0.962   20.534  1.00 21.62  ? 1338 MSE B O     1 
HETATM 30   C  CB    . MSE A 1 4   ? -3.892  -0.296  18.443  1.00 23.50  ? 1338 MSE B CB    1 
HETATM 31   C  CG    . MSE A 1 4   ? -2.545  -0.802  18.167  1.00 25.38  ? 1338 MSE B CG    1 
HETATM 32   SE SE    . MSE A 1 4   ? -2.366  -0.910  16.293  1.00 37.95  ? 1338 MSE B SE    1 
HETATM 33   C  CE    . MSE A 1 4   ? -2.605  -2.803  15.934  1.00 30.61  ? 1338 MSE B CE    1 
ATOM   34   N  N     . ILE A 1 5   ? -6.034  2.333   19.016  1.00 21.72  ? 1339 ILE B N     1 
ATOM   35   C  CA    . ILE A 1 5   ? -7.174  2.729   19.781  1.00 21.45  ? 1339 ILE B CA    1 
ATOM   36   C  C     . ILE A 1 5   ? -8.397  1.902   19.321  1.00 20.98  ? 1339 ILE B C     1 
ATOM   37   O  O     . ILE A 1 5   ? -8.940  2.104   18.237  1.00 21.05  ? 1339 ILE B O     1 
ATOM   38   C  CB    . ILE A 1 5   ? -7.359  4.228   19.637  1.00 21.46  ? 1339 ILE B CB    1 
ATOM   39   C  CG1   . ILE A 1 5   ? -6.098  4.938   20.110  1.00 22.86  ? 1339 ILE B CG1   1 
ATOM   40   C  CG2   . ILE A 1 5   ? -8.418  4.669   20.532  1.00 21.24  ? 1339 ILE B CG2   1 
ATOM   41   C  CD1   . ILE A 1 5   ? -6.189  6.481   20.020  1.00 27.07  ? 1339 ILE B CD1   1 
ATOM   42   N  N     . VAL A 1 6   ? -8.772  0.914   20.127  1.00 20.79  ? 1340 VAL B N     1 
ATOM   43   C  CA    . VAL A 1 6   ? -9.796  -0.111  19.751  1.00 19.54  ? 1340 VAL B CA    1 
ATOM   44   C  C     . VAL A 1 6   ? -11.016 -0.049  20.708  1.00 19.41  ? 1340 VAL B C     1 
ATOM   45   O  O     . VAL A 1 6   ? -10.870 0.378   21.840  1.00 19.19  ? 1340 VAL B O     1 
ATOM   46   C  CB    . VAL A 1 6   ? -9.187  -1.556  19.665  1.00 18.01  ? 1340 VAL B CB    1 
ATOM   47   C  CG1   . VAL A 1 6   ? -8.150  -1.623  18.556  1.00 17.74  ? 1340 VAL B CG1   1 
ATOM   48   C  CG2   . VAL A 1 6   ? -8.554  -1.935  20.939  1.00 14.77  ? 1340 VAL B CG2   1 
ATOM   49   N  N     . GLY A 1 7   ? -12.196 -0.465  20.243  1.00 20.10  ? 1341 GLY B N     1 
ATOM   50   C  CA    . GLY A 1 7   ? -13.465 -0.297  20.955  1.00 20.03  ? 1341 GLY B CA    1 
ATOM   51   C  C     . GLY A 1 7   ? -14.593 -0.264  19.948  1.00 21.17  ? 1341 GLY B C     1 
ATOM   52   O  O     . GLY A 1 7   ? -14.390 0.031   18.790  1.00 21.06  ? 1341 GLY B O     1 
ATOM   53   N  N     . ASN A 1 8   ? -15.811 -0.537  20.372  1.00 22.63  ? 1342 ASN B N     1 
ATOM   54   C  CA    . ASN A 1 8   ? -16.905 -0.541  19.435  1.00 23.25  ? 1342 ASN B CA    1 
ATOM   55   C  C     . ASN A 1 8   ? -17.219 0.885   18.980  1.00 23.40  ? 1342 ASN B C     1 
ATOM   56   O  O     . ASN A 1 8   ? -16.827 1.854   19.567  1.00 23.09  ? 1342 ASN B O     1 
ATOM   57   C  CB    . ASN A 1 8   ? -18.132 -1.144  20.084  1.00 24.31  ? 1342 ASN B CB    1 
ATOM   58   C  CG    . ASN A 1 8   ? -17.906 -2.571  20.604  1.00 26.65  ? 1342 ASN B CG    1 
ATOM   59   O  OD1   . ASN A 1 8   ? -17.551 -3.493  19.850  1.00 28.10  ? 1342 ASN B OD1   1 
ATOM   60   N  ND2   . ASN A 1 8   ? -18.171 -2.764  21.898  1.00 29.42  ? 1342 ASN B ND2   1 
ATOM   61   N  N     . THR A 1 9   ? -17.922 1.010   17.896  1.00 23.73  ? 1343 THR B N     1 
ATOM   62   C  CA    . THR A 1 9   ? -18.296 2.294   17.447  1.00 25.04  ? 1343 THR B CA    1 
ATOM   63   C  C     . THR A 1 9   ? -19.097 3.005   18.506  1.00 25.01  ? 1343 THR B C     1 
ATOM   64   O  O     . THR A 1 9   ? -19.918 2.391   19.187  1.00 26.45  ? 1343 THR B O     1 
ATOM   65   C  CB    . THR A 1 9   ? -19.118 2.094   16.232  1.00 25.60  ? 1343 THR B CB    1 
ATOM   66   O  OG1   . THR A 1 9   ? -18.270 1.420   15.296  1.00 29.08  ? 1343 THR B OG1   1 
ATOM   67   C  CG2   . THR A 1 9   ? -19.503 3.401   15.622  1.00 27.21  ? 1343 THR B CG2   1 
ATOM   68   N  N     . GLY A 1 10  ? -18.819 4.288   18.670  1.00 24.07  ? 1344 GLY B N     1 
ATOM   69   C  CA    . GLY A 1 10  ? -19.525 5.113   19.622  1.00 23.28  ? 1344 GLY B CA    1 
ATOM   70   C  C     . GLY A 1 10  ? -18.884 5.260   21.003  1.00 23.02  ? 1344 GLY B C     1 
ATOM   71   O  O     . GLY A 1 10  ? -19.352 6.034   21.835  1.00 22.31  ? 1344 GLY B O     1 
ATOM   72   N  N     . SER A 1 11  ? -17.799 4.550   21.237  1.00 21.70  ? 1345 SER B N     1 
ATOM   73   C  CA    . SER A 1 11  ? -17.209 4.511   22.561  1.00 21.56  ? 1345 SER B CA    1 
ATOM   74   C  C     . SER A 1 11  ? -16.414 5.752   22.999  1.00 21.04  ? 1345 SER B C     1 
ATOM   75   O  O     . SER A 1 11  ? -16.152 5.899   24.196  1.00 22.05  ? 1345 SER B O     1 
ATOM   76   C  CB    . SER A 1 11  ? -16.255 3.308   22.651  1.00 22.02  ? 1345 SER B CB    1 
ATOM   77   O  OG    . SER A 1 11  ? -16.543 2.309   21.701  1.00 23.19  ? 1345 SER B OG    1 
ATOM   78   N  N     . GLY A 1 12  ? -15.947 6.573   22.066  1.00 19.64  ? 1346 GLY B N     1 
ATOM   79   C  CA    . GLY A 1 12  ? -15.235 7.783   22.416  1.00 19.15  ? 1346 GLY B CA    1 
ATOM   80   C  C     . GLY A 1 12  ? -13.850 7.845   21.842  1.00 19.73  ? 1346 GLY B C     1 
ATOM   81   O  O     . GLY A 1 12  ? -13.081 8.755   22.117  1.00 20.49  ? 1346 GLY B O     1 
ATOM   82   N  N     . LYS A 1 13  ? -13.508 6.909   20.986  1.00 20.33  ? 1347 LYS B N     1 
ATOM   83   C  CA    . LYS A 1 13  ? -12.111 6.738   20.598  1.00 19.94  ? 1347 LYS B CA    1 
ATOM   84   C  C     . LYS A 1 13  ? -11.486 7.988   19.976  1.00 21.39  ? 1347 LYS B C     1 
ATOM   85   O  O     . LYS A 1 13  ? -10.535 8.558   20.497  1.00 23.29  ? 1347 LYS B O     1 
ATOM   86   C  CB    . LYS A 1 13  ? -12.026 5.588   19.610  1.00 19.70  ? 1347 LYS B CB    1 
ATOM   87   C  CG    . LYS A 1 13  ? -12.394 4.243   20.168  1.00 17.65  ? 1347 LYS B CG    1 
ATOM   88   C  CD    . LYS A 1 13  ? -11.991 3.192   19.181  1.00 17.07  ? 1347 LYS B CD    1 
ATOM   89   C  CE    . LYS A 1 13  ? -13.154 2.579   18.434  1.00 20.22  ? 1347 LYS B CE    1 
ATOM   90   N  NZ    . LYS A 1 13  ? -14.023 3.599   17.852  1.00 21.14  ? 1347 LYS B NZ    1 
ATOM   91   N  N     . THR A 1 14  ? -12.015 8.381   18.829  1.00 21.69  ? 1348 THR B N     1 
ATOM   92   C  CA    . THR A 1 14  ? -11.678 9.605   18.124  1.00 20.89  ? 1348 THR B CA    1 
ATOM   93   C  C     . THR A 1 14  ? -11.726 10.851  19.004  1.00 22.26  ? 1348 THR B C     1 
ATOM   94   O  O     . THR A 1 14  ? -10.790 11.621  18.957  1.00 23.21  ? 1348 THR B O     1 
ATOM   95   C  CB    . THR A 1 14  ? -12.593 9.809   16.899  1.00 20.89  ? 1348 THR B CB    1 
ATOM   96   O  OG1   . THR A 1 14  ? -12.772 8.578   16.135  1.00 20.03  ? 1348 THR B OG1   1 
ATOM   97   C  CG2   . THR A 1 14  ? -12.039 10.906  16.007  1.00 20.20  ? 1348 THR B CG2   1 
ATOM   98   N  N     . THR A 1 15  ? -12.779 11.086  19.808  1.00 22.63  ? 1349 THR B N     1 
ATOM   99   C  CA    . THR A 1 15  ? -12.755 12.225  20.728  1.00 21.91  ? 1349 THR B CA    1 
ATOM   100  C  C     . THR A 1 15  ? -11.641 12.142  21.807  1.00 22.67  ? 1349 THR B C     1 
ATOM   101  O  O     . THR A 1 15  ? -11.000 13.129  22.148  1.00 22.72  ? 1349 THR B O     1 
ATOM   102  C  CB    . THR A 1 15  ? -14.094 12.349  21.405  1.00 21.86  ? 1349 THR B CB    1 
ATOM   103  O  OG1   . THR A 1 15  ? -15.044 12.644  20.398  1.00 21.50  ? 1349 THR B OG1   1 
ATOM   104  C  CG2   . THR A 1 15  ? -14.092 13.483  22.409  1.00 18.75  ? 1349 THR B CG2   1 
ATOM   105  N  N     . LEU A 1 16  ? -11.423 10.967  22.373  1.00 22.75  ? 1350 LEU B N     1 
ATOM   106  C  CA    . LEU A 1 16  ? -10.311 10.802  23.284  1.00 22.78  ? 1350 LEU B CA    1 
ATOM   107  C  C     . LEU A 1 16  ? -9.031  11.266  22.599  1.00 23.28  ? 1350 LEU B C     1 
ATOM   108  O  O     . LEU A 1 16  ? -8.331  12.098  23.136  1.00 25.15  ? 1350 LEU B O     1 
ATOM   109  C  CB    . LEU A 1 16  ? -10.182 9.357   23.746  1.00 23.04  ? 1350 LEU B CB    1 
ATOM   110  C  CG    . LEU A 1 16  ? -9.282  8.949   24.917  1.00 23.27  ? 1350 LEU B CG    1 
ATOM   111  C  CD1   . LEU A 1 16  ? -9.546  9.774   26.138  1.00 24.64  ? 1350 LEU B CD1   1 
ATOM   112  C  CD2   . LEU A 1 16  ? -9.428  7.478   25.263  1.00 23.51  ? 1350 LEU B CD2   1 
ATOM   113  N  N     . LEU A 1 17  ? -8.738  10.816  21.394  1.00 23.05  ? 1351 LEU B N     1 
ATOM   114  C  CA    . LEU A 1 17  ? -7.394  10.988  20.864  1.00 22.97  ? 1351 LEU B CA    1 
ATOM   115  C  C     . LEU A 1 17  ? -6.991  12.410  20.508  1.00 23.14  ? 1351 LEU B C     1 
ATOM   116  O  O     . LEU A 1 17  ? -7.844  13.234  20.138  1.00 25.41  ? 1351 LEU B O     1 
ATOM   117  C  CB    . LEU A 1 17  ? -7.218  10.066  19.671  1.00 23.05  ? 1351 LEU B CB    1 
ATOM   118  C  CG    . LEU A 1 17  ? -6.014  10.438  18.863  1.00 21.29  ? 1351 LEU B CG    1 
ATOM   119  C  CD1   . LEU A 1 17  ? -4.832  10.127  19.681  1.00 16.65  ? 1351 LEU B CD1   1 
ATOM   120  C  CD2   . LEU A 1 17  ? -6.076  9.594   17.704  1.00 22.15  ? 1351 LEU B CD2   1 
ATOM   121  N  N     . GLN A 1 19  ? -8.575  14.817  22.203  1.00 34.22  ? 1353 GLN B N     1 
ATOM   122  C  CA    . GLN A 1 19  ? -8.202  15.458  23.444  1.00 35.71  ? 1353 GLN B CA    1 
ATOM   123  C  C     . GLN A 1 19  ? -6.789  15.100  23.916  1.00 36.18  ? 1353 GLN B C     1 
ATOM   124  O  O     . GLN A 1 19  ? -6.099  15.957  24.459  1.00 36.97  ? 1353 GLN B O     1 
ATOM   125  C  CB    . GLN A 1 19  ? -9.190  15.118  24.555  1.00 35.18  ? 1353 GLN B CB    1 
ATOM   126  C  CG    . GLN A 1 19  ? -10.493 15.885  24.533  0.00 39.20  ? 1353 GLN B CG    1 
ATOM   127  C  CD    . GLN A 1 19  ? -10.400 17.437  24.421  1.00 42.74  ? 1353 GLN B CD    1 
ATOM   128  O  OE1   . GLN A 1 19  ? -11.159 18.055  23.639  1.00 43.07  ? 1353 GLN B OE1   1 
ATOM   129  N  NE2   . GLN A 1 19  ? -9.508  18.068  25.224  1.00 43.94  ? 1353 GLN B NE2   1 
ATOM   130  N  N     . LEU A 1 20  ? -6.355  13.847  23.736  1.00 36.29  ? 1354 LEU B N     1 
ATOM   131  C  CA    . LEU A 1 20  ? -5.022  13.430  24.164  1.00 36.63  ? 1354 LEU B CA    1 
ATOM   132  C  C     . LEU A 1 20  ? -3.876  14.154  23.511  1.00 38.08  ? 1354 LEU B C     1 
ATOM   133  O  O     . LEU A 1 20  ? -2.796  14.146  24.031  1.00 39.25  ? 1354 LEU B O     1 
ATOM   134  C  CB    . LEU A 1 20  ? -4.812  11.925  23.977  1.00 35.69  ? 1354 LEU B CB    1 
ATOM   135  C  CG    . LEU A 1 20  ? -5.384  11.128  25.157  1.00 33.83  ? 1354 LEU B CG    1 
ATOM   136  C  CD1   . LEU A 1 20  ? -5.267  9.635   24.970  1.00 29.46  ? 1354 LEU B CD1   1 
ATOM   137  C  CD2   . LEU A 1 20  ? -4.720  11.570  26.434  1.00 31.37  ? 1354 LEU B CD2   1 
HETATM 138  N  N     . MSE A 1 21  ? -4.089  14.767  22.369  1.00 39.76  ? 1355 MSE B N     1 
HETATM 139  C  CA    . MSE A 1 21  ? -2.993  15.351  21.620  1.00 42.72  ? 1355 MSE B CA    1 
HETATM 140  C  C     . MSE A 1 21  ? -2.915  16.840  21.821  1.00 42.13  ? 1355 MSE B C     1 
HETATM 141  O  O     . MSE A 1 21  ? -3.741  17.554  21.273  1.00 43.69  ? 1355 MSE B O     1 
HETATM 142  C  CB    . MSE A 1 21  ? -3.148  15.058  20.129  1.00 42.36  ? 1355 MSE B CB    1 
HETATM 143  C  CG    . MSE A 1 21  ? -2.887  13.600  19.765  1.00 44.69  ? 1355 MSE B CG    1 
HETATM 144  SE SE    . MSE A 1 21  ? -3.083  13.064  17.861  1.00 47.86  ? 1355 MSE B SE    1 
HETATM 145  C  CE    . MSE A 1 21  ? -1.791  14.343  17.010  1.00 45.00  ? 1355 MSE B CE    1 
ATOM   146  N  N     . GLY A 1 36  ? -12.268 4.279   7.792   1.00 32.82  ? 1370 GLY B N     1 
ATOM   147  C  CA    . GLY A 1 36  ? -12.527 3.555   9.015   1.00 31.74  ? 1370 GLY B CA    1 
ATOM   148  C  C     . GLY A 1 36  ? -11.288 3.237   9.829   1.00 32.33  ? 1370 GLY B C     1 
ATOM   149  O  O     . GLY A 1 36  ? -11.366 2.606   10.877  1.00 32.06  ? 1370 GLY B O     1 
ATOM   150  N  N     . ILE A 1 37  ? -10.135 3.657   9.351   1.00 32.20  ? 1371 ILE B N     1 
ATOM   151  C  CA    . ILE A 1 37  ? -8.965  3.585   10.154  1.00 33.11  ? 1371 ILE B CA    1 
ATOM   152  C  C     . ILE A 1 37  ? -8.261  4.895   9.932   1.00 34.03  ? 1371 ILE B C     1 
ATOM   153  O  O     . ILE A 1 37  ? -8.152  5.321   8.791   1.00 33.33  ? 1371 ILE B O     1 
ATOM   154  C  CB    . ILE A 1 37  ? -8.068  2.438   9.688   1.00 33.62  ? 1371 ILE B CB    1 
ATOM   155  C  CG1   . ILE A 1 37  ? -8.905  1.160   9.449   1.00 33.24  ? 1371 ILE B CG1   1 
ATOM   156  C  CG2   . ILE A 1 37  ? -6.920  2.229   10.700  1.00 32.85  ? 1371 ILE B CG2   1 
ATOM   157  C  CD1   . ILE A 1 37  ? -8.314  0.143   8.430   1.00 34.27  ? 1371 ILE B CD1   1 
ATOM   158  N  N     . ASP A 1 38  ? -7.796  5.513   11.014  1.00 35.92  ? 1372 ASP B N     1 
ATOM   159  C  CA    . ASP A 1 38  ? -7.169  6.827   10.960  1.00 35.62  ? 1372 ASP B CA    1 
ATOM   160  C  C     . ASP A 1 38  ? -5.813  6.807   11.661  1.00 35.04  ? 1372 ASP B C     1 
ATOM   161  O  O     . ASP A 1 38  ? -5.732  6.756   12.888  1.00 34.85  ? 1372 ASP B O     1 
ATOM   162  C  CB    . ASP A 1 38  ? -8.075  7.882   11.598  1.00 36.85  ? 1372 ASP B CB    1 
ATOM   163  C  CG    . ASP A 1 38  ? -7.515  9.285   11.472  1.00 39.57  ? 1372 ASP B CG    1 
ATOM   164  O  OD1   . ASP A 1 38  ? -7.774  10.112  12.371  1.00 48.02  ? 1372 ASP B OD1   1 
ATOM   165  O  OD2   . ASP A 1 38  ? -6.818  9.560   10.474  1.00 41.76  ? 1372 ASP B OD2   1 
ATOM   166  N  N     . VAL A 1 39  ? -4.753  6.848   10.862  1.00 34.23  ? 1373 VAL B N     1 
ATOM   167  C  CA    . VAL A 1 39  ? -3.395  6.702   11.342  1.00 33.89  ? 1373 VAL B CA    1 
ATOM   168  C  C     . VAL A 1 39  ? -2.778  8.069   11.415  1.00 34.55  ? 1373 VAL B C     1 
ATOM   169  O  O     . VAL A 1 39  ? -2.588  8.715   10.399  1.00 34.42  ? 1373 VAL B O     1 
ATOM   170  C  CB    . VAL A 1 39  ? -2.530  5.911   10.384  1.00 33.70  ? 1373 VAL B CB    1 
ATOM   171  C  CG1   . VAL A 1 39  ? -1.263  5.472   11.095  1.00 33.04  ? 1373 VAL B CG1   1 
ATOM   172  C  CG2   . VAL A 1 39  ? -3.284  4.711   9.873   1.00 32.37  ? 1373 VAL B CG2   1 
ATOM   173  N  N     . LYS A 1 40  ? -2.445  8.493   12.626  1.00 35.17  ? 1374 LYS B N     1 
ATOM   174  C  CA    . LYS A 1 40  ? -1.845  9.800   12.872  1.00 35.72  ? 1374 LYS B CA    1 
ATOM   175  C  C     . LYS A 1 40  ? -0.454  9.644   13.549  1.00 35.75  ? 1374 LYS B C     1 
ATOM   176  O  O     . LYS A 1 40  ? -0.135  8.545   14.018  1.00 36.09  ? 1374 LYS B O     1 
ATOM   177  C  CB    . LYS A 1 40  ? -2.796  10.618  13.764  1.00 35.40  ? 1374 LYS B CB    1 
ATOM   178  C  CG    . LYS A 1 40  ? -4.055  11.088  13.104  1.00 35.40  ? 1374 LYS B CG    1 
ATOM   179  C  CD    . LYS A 1 40  ? -4.966  11.767  14.137  1.00 38.18  ? 1374 LYS B CD    1 
ATOM   180  C  CE    . LYS A 1 40  ? -5.993  12.683  13.470  1.00 43.08  ? 1374 LYS B CE    1 
ATOM   181  N  NZ    . LYS A 1 40  ? -6.319  12.232  12.034  1.00 45.09  ? 1374 LYS B NZ    1 
ATOM   182  N  N     . ASP A 1 41  ? 0.349   10.729  13.604  1.00 35.74  ? 1375 ASP B N     1 
ATOM   183  C  CA    . ASP A 1 41  ? 1.630   10.812  14.340  1.00 35.92  ? 1375 ASP B CA    1 
ATOM   184  C  C     . ASP A 1 41  ? 1.455   11.738  15.536  1.00 35.82  ? 1375 ASP B C     1 
ATOM   185  O  O     . ASP A 1 41  ? 1.033   12.891  15.390  1.00 36.48  ? 1375 ASP B O     1 
ATOM   186  C  CB    . ASP A 1 41  ? 2.716   11.407  13.423  0.00 37.19  ? 1375 ASP B CB    1 
ATOM   187  C  CG    . ASP A 1 41  ? 3.959   10.498  13.278  0.00 40.27  ? 1375 ASP B CG    1 
ATOM   188  O  OD1   . ASP A 1 41  ? 5.059   10.841  13.795  0.00 42.75  ? 1375 ASP B OD1   1 
ATOM   189  O  OD2   . ASP A 1 41  ? 3.839   9.422   12.636  0.00 44.18  ? 1375 ASP B OD2   1 
ATOM   190  N  N     . TRP A 1 42  ? 1.756   11.240  16.728  1.00 36.31  ? 1376 TRP B N     1 
ATOM   191  C  CA    . TRP A 1 42  ? 1.527   12.022  17.936  1.00 37.62  ? 1376 TRP B CA    1 
ATOM   192  C  C     . TRP A 1 42  ? 2.849   12.485  18.530  1.00 37.94  ? 1376 TRP B C     1 
ATOM   193  O  O     . TRP A 1 42  ? 3.543   11.705  19.184  1.00 38.67  ? 1376 TRP B O     1 
ATOM   194  C  CB    . TRP A 1 42  ? 0.746   11.201  18.964  1.00 38.28  ? 1376 TRP B CB    1 
ATOM   195  C  CG    . TRP A 1 42  ? 0.509   11.925  20.254  1.00 38.98  ? 1376 TRP B CG    1 
ATOM   196  C  CD1   . TRP A 1 42  ? 0.812   13.225  20.533  1.00 41.13  ? 1376 TRP B CD1   1 
ATOM   197  C  CD2   . TRP A 1 42  ? -0.084  11.388  21.443  1.00 40.33  ? 1376 TRP B CD2   1 
ATOM   198  N  NE1   . TRP A 1 42  ? 0.446   13.531  21.822  1.00 44.43  ? 1376 TRP B NE1   1 
ATOM   199  C  CE2   . TRP A 1 42  ? -0.106  12.420  22.402  1.00 42.28  ? 1376 TRP B CE2   1 
ATOM   200  C  CE3   . TRP A 1 42  ? -0.597  10.133  21.790  1.00 41.04  ? 1376 TRP B CE3   1 
ATOM   201  C  CZ2   . TRP A 1 42  ? -0.621  12.238  23.684  1.00 40.07  ? 1376 TRP B CZ2   1 
ATOM   202  C  CZ3   . TRP A 1 42  ? -1.108  9.954   23.063  1.00 41.18  ? 1376 TRP B CZ3   1 
ATOM   203  C  CH2   . TRP A 1 42  ? -1.116  11.001  23.995  1.00 40.40  ? 1376 TRP B CH2   1 
ATOM   204  N  N     . PRO A 1 43  ? 3.204   13.748  18.309  1.00 37.66  ? 1377 PRO B N     1 
ATOM   205  C  CA    . PRO A 1 43  ? 4.407   14.296  18.980  1.00 36.57  ? 1377 PRO B CA    1 
ATOM   206  C  C     . PRO A 1 43  ? 4.231   14.599  20.468  1.00 35.84  ? 1377 PRO B C     1 
ATOM   207  O  O     . PRO A 1 43  ? 4.661   13.808  21.311  1.00 35.21  ? 1377 PRO B O     1 
ATOM   208  C  CB    . PRO A 1 43  ? 4.681   15.561  18.189  1.00 36.60  ? 1377 PRO B CB    1 
ATOM   209  C  CG    . PRO A 1 43  ? 4.000   15.347  16.854  1.00 36.77  ? 1377 PRO B CG    1 
ATOM   210  C  CD    . PRO A 1 43  ? 2.765   14.604  17.181  1.00 37.42  ? 1377 PRO B CD    1 
ATOM   211  N  N     . LEU A 1 54  ? 9.314   9.027   22.838  1.00 41.63  ? 1388 LEU B N     1 
ATOM   212  C  CA    . LEU A 1 54  ? 9.202   8.896   21.397  1.00 41.74  ? 1388 LEU B CA    1 
ATOM   213  C  C     . LEU A 1 54  ? 7.951   9.641   20.951  1.00 41.23  ? 1388 LEU B C     1 
ATOM   214  O  O     . LEU A 1 54  ? 7.224   10.193  21.779  1.00 41.19  ? 1388 LEU B O     1 
ATOM   215  C  CB    . LEU A 1 54  ? 9.079   7.411   20.998  1.00 42.20  ? 1388 LEU B CB    1 
ATOM   216  C  CG    . LEU A 1 54  ? 9.896   6.759   19.845  1.00 43.69  ? 1388 LEU B CG    1 
ATOM   217  C  CD1   . LEU A 1 54  ? 9.047   5.684   19.085  1.00 43.81  ? 1388 LEU B CD1   1 
ATOM   218  C  CD2   . LEU A 1 54  ? 10.562  7.760   18.845  1.00 44.07  ? 1388 LEU B CD2   1 
ATOM   219  N  N     . VAL A 1 55  ? 7.722   9.660   19.635  1.00 40.58  ? 1389 VAL B N     1 
ATOM   220  C  CA    . VAL A 1 55  ? 6.425   10.030  19.030  1.00 39.27  ? 1389 VAL B CA    1 
ATOM   221  C  C     . VAL A 1 55  ? 5.599   8.803   18.503  1.00 38.42  ? 1389 VAL B C     1 
ATOM   222  O  O     . VAL A 1 55  ? 6.074   8.058   17.639  1.00 38.37  ? 1389 VAL B O     1 
ATOM   223  C  CB    . VAL A 1 55  ? 6.609   11.123  17.942  1.00 39.19  ? 1389 VAL B CB    1 
ATOM   224  C  CG1   . VAL A 1 55  ? 7.494   12.232  18.471  1.00 38.77  ? 1389 VAL B CG1   1 
ATOM   225  C  CG2   . VAL A 1 55  ? 7.147   10.540  16.649  1.00 38.62  ? 1389 VAL B CG2   1 
ATOM   226  N  N     . LEU A 1 56  ? 4.389   8.600   19.038  1.00 36.64  ? 1390 LEU B N     1 
ATOM   227  C  CA    . LEU A 1 56  ? 3.574   7.451   18.677  1.00 35.51  ? 1390 LEU B CA    1 
ATOM   228  C  C     . LEU A 1 56  ? 2.953   7.657   17.296  1.00 35.13  ? 1390 LEU B C     1 
ATOM   229  O  O     . LEU A 1 56  ? 2.508   6.711   16.635  1.00 35.05  ? 1390 LEU B O     1 
ATOM   230  C  CB    . LEU A 1 56  ? 2.496   7.227   19.747  1.00 35.35  ? 1390 LEU B CB    1 
ATOM   231  C  CG    . LEU A 1 56  ? 3.041   7.009   21.155  1.00 34.91  ? 1390 LEU B CG    1 
ATOM   232  C  CD1   . LEU A 1 56  ? 2.052   7.478   22.197  1.00 32.63  ? 1390 LEU B CD1   1 
ATOM   233  C  CD2   . LEU A 1 56  ? 3.430   5.526   21.328  1.00 34.06  ? 1390 LEU B CD2   1 
ATOM   234  N  N     . VAL A 1 58  ? -0.257  6.416   15.986  1.00 22.71  ? 1392 VAL B N     1 
ATOM   235  C  CA    . VAL A 1 58  ? -1.665  6.257   16.424  1.00 22.11  ? 1392 VAL B CA    1 
ATOM   236  C  C     . VAL A 1 58  ? -2.633  5.686   15.367  1.00 22.77  ? 1392 VAL B C     1 
ATOM   237  O  O     . VAL A 1 58  ? -2.951  6.319   14.342  1.00 24.10  ? 1392 VAL B O     1 
ATOM   238  C  CB    . VAL A 1 58  ? -2.271  7.553   16.948  1.00 21.83  ? 1392 VAL B CB    1 
ATOM   239  C  CG1   . VAL A 1 58  ? -3.757  7.273   17.370  1.00 22.86  ? 1392 VAL B CG1   1 
ATOM   240  C  CG2   . VAL A 1 58  ? -1.447  8.131   18.091  1.00 18.16  ? 1392 VAL B CG2   1 
ATOM   241  N  N     . TRP A 1 59  ? -3.116  4.490   15.610  1.00 22.08  ? 1393 TRP B N     1 
ATOM   242  C  CA    . TRP A 1 59  ? -4.103  3.960   14.703  1.00 22.19  ? 1393 TRP B CA    1 
ATOM   243  C  C     . TRP A 1 59  ? -5.475  3.992   15.382  1.00 22.72  ? 1393 TRP B C     1 
ATOM   244  O  O     . TRP A 1 59  ? -5.689  3.355   16.425  1.00 23.10  ? 1393 TRP B O     1 
ATOM   245  C  CB    . TRP A 1 59  ? -3.734  2.525   14.404  1.00 21.97  ? 1393 TRP B CB    1 
ATOM   246  C  CG    . TRP A 1 59  ? -2.526  2.364   13.643  1.00 20.82  ? 1393 TRP B CG    1 
ATOM   247  C  CD1   . TRP A 1 59  ? -1.268  2.753   13.993  1.00 20.29  ? 1393 TRP B CD1   1 
ATOM   248  C  CD2   . TRP A 1 59  ? -2.431  1.738   12.377  1.00 20.87  ? 1393 TRP B CD2   1 
ATOM   249  N  NE1   . TRP A 1 59  ? -0.373  2.378   13.011  1.00 22.99  ? 1393 TRP B NE1   1 
ATOM   250  C  CE2   . TRP A 1 59  ? -1.064  1.771   11.995  1.00 20.68  ? 1393 TRP B CE2   1 
ATOM   251  C  CE3   . TRP A 1 59  ? -3.371  1.143   11.516  1.00 22.53  ? 1393 TRP B CE3   1 
ATOM   252  C  CZ2   . TRP A 1 59  ? -0.609  1.256   10.783  1.00 20.20  ? 1393 TRP B CZ2   1 
ATOM   253  C  CZ3   . TRP A 1 59  ? -2.922  0.640   10.278  1.00 23.19  ? 1393 TRP B CZ3   1 
ATOM   254  C  CH2   . TRP A 1 59  ? -1.541  0.694   9.936   1.00 22.47  ? 1393 TRP B CH2   1 
ATOM   255  N  N     . ASP A 1 60  ? -6.400  4.747   14.819  1.00 22.34  ? 1394 ASP B N     1 
ATOM   256  C  CA    . ASP A 1 60  ? -7.666  4.898   15.437  1.00 21.36  ? 1394 ASP B CA    1 
ATOM   257  C  C     . ASP A 1 60  ? -8.629  4.182   14.526  1.00 22.44  ? 1394 ASP B C     1 
ATOM   258  O  O     . ASP A 1 60  ? -8.788  4.553   13.331  1.00 22.60  ? 1394 ASP B O     1 
ATOM   259  C  CB    . ASP A 1 60  ? -8.010  6.365   15.558  1.00 20.82  ? 1394 ASP B CB    1 
ATOM   260  C  CG    . ASP A 1 60  ? -9.360  6.607   16.241  1.00 23.28  ? 1394 ASP B CG    1 
ATOM   261  O  OD1   . ASP A 1 60  ? -9.786  5.811   17.082  1.00 25.75  ? 1394 ASP B OD1   1 
ATOM   262  O  OD2   . ASP A 1 60  ? -10.026 7.624   15.968  1.00 23.85  ? 1394 ASP B OD2   1 
ATOM   263  N  N     . PHE A 1 61  ? -9.285  3.177   15.124  1.00 22.00  ? 1395 PHE B N     1 
ATOM   264  C  CA    . PHE A 1 61  ? -10.200 2.286   14.459  1.00 21.51  ? 1395 PHE B CA    1 
ATOM   265  C  C     . PHE A 1 61  ? -11.614 2.693   14.816  1.00 22.07  ? 1395 PHE B C     1 
ATOM   266  O  O     . PHE A 1 61  ? -11.939 2.978   15.966  1.00 22.90  ? 1395 PHE B O     1 
ATOM   267  C  CB    . PHE A 1 61  ? -9.971  0.815   14.873  1.00 20.24  ? 1395 PHE B CB    1 
ATOM   268  C  CG    . PHE A 1 61  ? -8.659  0.271   14.468  1.00 16.75  ? 1395 PHE B CG    1 
ATOM   269  C  CD1   . PHE A 1 61  ? -8.440  -0.183  13.210  1.00 19.99  ? 1395 PHE B CD1   1 
ATOM   270  C  CD2   . PHE A 1 61  ? -7.627  0.230   15.327  1.00 15.39  ? 1395 PHE B CD2   1 
ATOM   271  C  CE1   . PHE A 1 61  ? -7.201  -0.677  12.845  1.00 15.50  ? 1395 PHE B CE1   1 
ATOM   272  C  CE2   . PHE A 1 61  ? -6.420  -0.261  14.949  1.00 12.46  ? 1395 PHE B CE2   1 
ATOM   273  C  CZ    . PHE A 1 61  ? -6.218  -0.712  13.719  1.00 13.71  ? 1395 PHE B CZ    1 
ATOM   274  N  N     . ALA A 1 62  ? -12.434 2.752   13.791  1.00 21.78  ? 1396 ALA B N     1 
ATOM   275  C  CA    . ALA A 1 62  ? -13.773 3.123   13.925  1.00 22.61  ? 1396 ALA B CA    1 
ATOM   276  C  C     . ALA A 1 62  ? -14.476 2.084   14.795  1.00 23.85  ? 1396 ALA B C     1 
ATOM   277  O  O     . ALA A 1 62  ? -15.168 2.434   15.733  1.00 23.34  ? 1396 ALA B O     1 
ATOM   278  C  CB    . ALA A 1 62  ? -14.362 3.154   12.573  1.00 22.34  ? 1396 ALA B CB    1 
ATOM   279  N  N     . GLY A 1 63  ? -14.281 0.795   14.484  1.00 25.61  ? 1397 GLY B N     1 
ATOM   280  C  CA    . GLY A 1 63  ? -14.908 -0.299  15.246  1.00 27.06  ? 1397 GLY B CA    1 
ATOM   281  C  C     . GLY A 1 63  ? -14.348 -1.683  14.962  1.00 28.34  ? 1397 GLY B C     1 
ATOM   282  O  O     . GLY A 1 63  ? -13.199 -1.814  14.560  1.00 29.23  ? 1397 GLY B O     1 
ATOM   283  N  N     . ARG A 1 64  ? -15.176 -2.706  15.200  1.00 29.21  ? 1398 ARG B N     1 
ATOM   284  C  CA    . ARG A 1 64  ? -14.820 -4.127  15.080  1.00 29.89  ? 1398 ARG B CA    1 
ATOM   285  C  C     . ARG A 1 64  ? -14.409 -4.546  13.687  1.00 29.56  ? 1398 ARG B C     1 
ATOM   286  O  O     . ARG A 1 64  ? -13.402 -5.167  13.535  1.00 30.75  ? 1398 ARG B O     1 
ATOM   287  C  CB    . ARG A 1 64  ? -15.984 -5.028  15.553  1.00 30.60  ? 1398 ARG B CB    1 
ATOM   288  C  CG    . ARG A 1 64  ? -15.757 -6.531  15.316  0.00 32.67  ? 1398 ARG B CG    1 
ATOM   289  C  CD    . ARG A 1 64  ? -14.358 -6.898  15.816  0.00 35.21  ? 1398 ARG B CD    1 
ATOM   290  N  NE    . ARG A 1 64  ? -13.854 -8.159  15.277  0.00 38.02  ? 1398 ARG B NE    1 
ATOM   291  C  CZ    . ARG A 1 64  ? -12.668 -8.682  15.585  1.00 37.53  ? 1398 ARG B CZ    1 
ATOM   292  N  NH1   . ARG A 1 64  ? -12.306 -9.848  15.046  1.00 37.61  ? 1398 ARG B NH1   1 
ATOM   293  N  NH2   . ARG A 1 64  ? -11.854 -8.046  16.429  1.00 34.82  ? 1398 ARG B NH2   1 
ATOM   294  N  N     . GLU A 1 65  ? -15.207 -4.190  12.684  1.00 29.53  ? 1399 GLU B N     1 
ATOM   295  C  CA    . GLU A 1 65  ? -14.944 -4.612  11.313  1.00 29.42  ? 1399 GLU B CA    1 
ATOM   296  C  C     . GLU A 1 65  ? -13.570 -4.145  10.840  1.00 28.42  ? 1399 GLU B C     1 
ATOM   297  O  O     . GLU A 1 65  ? -12.852 -4.881  10.163  1.00 27.49  ? 1399 GLU B O     1 
ATOM   298  C  CB    . GLU A 1 65  ? -16.030 -4.084  10.372  1.00 29.61  ? 1399 GLU B CB    1 
ATOM   299  C  CG    . GLU A 1 65  ? -17.402 -4.695  10.606  0.00 32.94  ? 1399 GLU B CG    1 
ATOM   300  C  CD    . GLU A 1 65  ? -17.459 -6.161  10.225  0.00 36.19  ? 1399 GLU B CD    1 
ATOM   301  O  OE1   . GLU A 1 65  ? -16.390 -6.753  9.972   0.00 36.91  ? 1399 GLU B OE1   1 
ATOM   302  O  OE2   . GLU A 1 65  ? -18.575 -6.722  10.180  0.00 36.32  ? 1399 GLU B OE2   1 
ATOM   303  N  N     . GLU A 1 66  ? -13.212 -2.918  11.203  1.00 28.40  ? 1400 GLU B N     1 
ATOM   304  C  CA    . GLU A 1 66  ? -11.991 -2.306  10.739  1.00 28.53  ? 1400 GLU B CA    1 
ATOM   305  C  C     . GLU A 1 66  ? -10.752 -2.896  11.373  1.00 28.88  ? 1400 GLU B C     1 
ATOM   306  O  O     . GLU A 1 66  ? -9.704  -2.908  10.745  1.00 29.82  ? 1400 GLU B O     1 
ATOM   307  C  CB    . GLU A 1 66  ? -12.026 -0.799  10.936  1.00 28.60  ? 1400 GLU B CB    1 
ATOM   308  C  CG    . GLU A 1 66  ? -12.942 -0.051  9.958   1.00 30.49  ? 1400 GLU B CG    1 
ATOM   309  C  CD    . GLU A 1 66  ? -14.442 -0.115  10.332  1.00 36.13  ? 1400 GLU B CD    1 
ATOM   310  O  OE1   . GLU A 1 66  ? -14.795 -0.692  11.407  1.00 34.10  ? 1400 GLU B OE1   1 
ATOM   311  O  OE2   . GLU A 1 66  ? -15.271 0.408   9.527   1.00 36.49  ? 1400 GLU B OE2   1 
ATOM   312  N  N     . PHE A 1 67  ? -10.854 -3.348  12.620  1.00 28.97  ? 1401 PHE B N     1 
ATOM   313  C  CA    . PHE A 1 67  ? -9.740  -3.947  13.355  1.00 28.58  ? 1401 PHE B CA    1 
ATOM   314  C  C     . PHE A 1 67  ? -9.542  -5.379  12.822  1.00 29.23  ? 1401 PHE B C     1 
ATOM   315  O  O     . PHE A 1 67  ? -8.413  -5.850  12.653  1.00 31.07  ? 1401 PHE B O     1 
ATOM   316  C  CB    . PHE A 1 67  ? -9.992  -3.885  14.911  1.00 28.17  ? 1401 PHE B CB    1 
ATOM   317  C  CG    . PHE A 1 67  ? -8.893  -4.526  15.762  1.00 26.70  ? 1401 PHE B CG    1 
ATOM   318  C  CD1   . PHE A 1 67  ? -7.623  -3.920  15.897  1.00 26.30  ? 1401 PHE B CD1   1 
ATOM   319  C  CD2   . PHE A 1 67  ? -9.110  -5.735  16.409  1.00 25.42  ? 1401 PHE B CD2   1 
ATOM   320  C  CE1   . PHE A 1 67  ? -6.597  -4.503  16.657  1.00 21.86  ? 1401 PHE B CE1   1 
ATOM   321  C  CE2   . PHE A 1 67  ? -8.085  -6.356  17.174  1.00 23.29  ? 1401 PHE B CE2   1 
ATOM   322  C  CZ    . PHE A 1 67  ? -6.840  -5.726  17.298  1.00 25.28  ? 1401 PHE B CZ    1 
ATOM   323  N  N     . TYR A 1 68  ? -10.638 -6.076  12.522  1.00 28.74  ? 1402 TYR B N     1 
ATOM   324  C  CA    . TYR A 1 68  ? -10.574 -7.437  11.971  1.00 27.62  ? 1402 TYR B CA    1 
ATOM   325  C  C     . TYR A 1 68  ? -9.826  -7.401  10.642  1.00 27.59  ? 1402 TYR B C     1 
ATOM   326  O  O     . TYR A 1 68  ? -8.953  -8.197  10.385  1.00 28.84  ? 1402 TYR B O     1 
ATOM   327  C  CB    . TYR A 1 68  ? -11.990 -7.943  11.814  1.00 26.76  ? 1402 TYR B CB    1 
ATOM   328  C  CG    . TYR A 1 68  ? -12.157 -9.268  11.159  1.00 28.06  ? 1402 TYR B CG    1 
ATOM   329  C  CD1   . TYR A 1 68  ? -11.696 -10.431 11.782  1.00 28.12  ? 1402 TYR B CD1   1 
ATOM   330  C  CD2   . TYR A 1 68  ? -12.866 -9.388  9.926   1.00 28.64  ? 1402 TYR B CD2   1 
ATOM   331  C  CE1   . TYR A 1 68  ? -11.873 -11.676 11.183  1.00 27.43  ? 1402 TYR B CE1   1 
ATOM   332  C  CE2   . TYR A 1 68  ? -13.027 -10.620 9.303   1.00 25.82  ? 1402 TYR B CE2   1 
ATOM   333  C  CZ    . TYR A 1 68  ? -12.523 -11.770 9.946   1.00 27.71  ? 1402 TYR B CZ    1 
ATOM   334  O  OH    . TYR A 1 68  ? -12.666 -13.038 9.387   1.00 28.03  ? 1402 TYR B OH    1 
ATOM   335  N  N     . SER A 1 69  ? -10.099 -6.405  9.838   1.00 27.06  ? 1403 SER B N     1 
ATOM   336  C  CA    . SER A 1 69  ? -9.476  -6.274  8.517   1.00 27.56  ? 1403 SER B CA    1 
ATOM   337  C  C     . SER A 1 69  ? -7.980  -6.174  8.511   1.00 27.53  ? 1403 SER B C     1 
ATOM   338  O  O     . SER A 1 69  ? -7.364  -6.287  7.432   1.00 28.61  ? 1403 SER B O     1 
ATOM   339  C  CB    . SER A 1 69  ? -10.053 -5.062  7.751   1.00 26.98  ? 1403 SER B CB    1 
ATOM   340  O  OG    . SER A 1 69  ? -9.554  -3.846  8.277   1.00 28.11  ? 1403 SER B OG    1 
ATOM   341  N  N     . THR A 1 70  ? -7.385  -5.918  9.672   1.00 27.45  ? 1404 THR B N     1 
ATOM   342  C  CA    . THR A 1 70  ? -5.953  -5.703  9.711   1.00 27.19  ? 1404 THR B CA    1 
ATOM   343  C  C     . THR A 1 70  ? -5.325  -6.823  10.473  1.00 28.50  ? 1404 THR B C     1 
ATOM   344  O  O     . THR A 1 70  ? -4.212  -6.678  10.941  1.00 30.01  ? 1404 THR B O     1 
ATOM   345  C  CB    . THR A 1 70  ? -5.511  -4.454  10.435  1.00 26.74  ? 1404 THR B CB    1 
ATOM   346  O  OG1   . THR A 1 70  ? -5.593  -4.690  11.839  1.00 25.45  ? 1404 THR B OG1   1 
ATOM   347  C  CG2   . THR A 1 70  ? -6.356  -3.242  10.082  1.00 28.81  ? 1404 THR B CG2   1 
ATOM   348  N  N     . HIS A 1 71  ? -5.992  -7.953  10.618  1.00 28.33  ? 1405 HIS B N     1 
ATOM   349  C  CA    . HIS A 1 71  ? -5.294  -9.126  11.120  1.00 27.62  ? 1405 HIS B CA    1 
ATOM   350  C  C     . HIS A 1 71  ? -4.133  -9.285  10.149  1.00 27.67  ? 1405 HIS B C     1 
ATOM   351  O  O     . HIS A 1 71  ? -4.245  -8.906  8.977   1.00 28.02  ? 1405 HIS B O     1 
ATOM   352  C  CB    . HIS A 1 71  ? -6.299  -10.231 11.274  1.00 27.72  ? 1405 HIS B CB    1 
ATOM   353  C  CG    . HIS A 1 71  ? -5.729  -11.478 11.813  1.00 27.23  ? 1405 HIS B CG    1 
ATOM   354  N  ND1   . HIS A 1 71  ? -4.973  -12.336 11.043  1.00 28.18  ? 1405 HIS B ND1   1 
ATOM   355  C  CD2   . HIS A 1 71  ? -5.781  -12.014 13.050  1.00 24.98  ? 1405 HIS B CD2   1 
ATOM   356  C  CE1   . HIS A 1 71  ? -4.575  -13.347 11.790  1.00 25.55  ? 1405 HIS B CE1   1 
ATOM   357  N  NE2   . HIS A 1 71  ? -5.040  -13.168 13.013  1.00 25.22  ? 1405 HIS B NE2   1 
ATOM   358  N  N     . PRO A 1 72  ? -3.013  -9.895  10.597  1.00 27.83  ? 1406 PRO B N     1 
ATOM   359  C  CA    . PRO A 1 72  ? -1.940  -10.208 9.608   1.00 26.83  ? 1406 PRO B CA    1 
ATOM   360  C  C     . PRO A 1 72  ? -2.407  -11.118 8.504   1.00 26.74  ? 1406 PRO B C     1 
ATOM   361  O  O     . PRO A 1 72  ? -1.904  -11.036 7.393   1.00 28.04  ? 1406 PRO B O     1 
ATOM   362  C  CB    . PRO A 1 72  ? -0.872  -10.906 10.437  1.00 26.07  ? 1406 PRO B CB    1 
ATOM   363  C  CG    . PRO A 1 72  ? -1.038  -10.284 11.808  1.00 28.00  ? 1406 PRO B CG    1 
ATOM   364  C  CD    . PRO A 1 72  ? -2.540  -10.026 11.991  1.00 27.09  ? 1406 PRO B CD    1 
ATOM   365  N  N     . HIS A 1 73  ? -3.356  -11.998 8.762   1.00 26.65  ? 1407 HIS B N     1 
ATOM   366  C  CA    . HIS A 1 73  ? -3.803  -12.813 7.662   1.00 26.24  ? 1407 HIS B CA    1 
ATOM   367  C  C     . HIS A 1 73  ? -4.261  -11.954 6.527   1.00 26.41  ? 1407 HIS B C     1 
ATOM   368  O  O     . HIS A 1 73  ? -3.841  -12.190 5.429   1.00 26.96  ? 1407 HIS B O     1 
ATOM   369  C  CB    . HIS A 1 73  ? -4.917  -13.793 7.986   1.00 26.01  ? 1407 HIS B CB    1 
ATOM   370  C  CG    . HIS A 1 73  ? -5.180  -14.768 6.861   1.00 26.22  ? 1407 HIS B CG    1 
ATOM   371  N  ND1   . HIS A 1 73  ? -4.185  -15.565 6.323   1.00 25.77  ? 1407 HIS B ND1   1 
ATOM   372  C  CD2   . HIS A 1 73  ? -6.305  -15.038 6.148   1.00 23.06  ? 1407 HIS B CD2   1 
ATOM   373  C  CE1   . HIS A 1 73  ? -4.691  -16.293 5.344   1.00 25.13  ? 1407 HIS B CE1   1 
ATOM   374  N  NE2   . HIS A 1 73  ? -5.969  -15.985 5.209   1.00 22.85  ? 1407 HIS B NE2   1 
ATOM   375  N  N     . PHE A 1 74  ? -5.118  -10.965 6.766   1.00 26.42  ? 1408 PHE B N     1 
ATOM   376  C  CA    . PHE A 1 74  ? -5.594  -10.132 5.674   1.00 26.66  ? 1408 PHE B CA    1 
ATOM   377  C  C     . PHE A 1 74  ? -4.481  -9.223  5.108   1.00 27.61  ? 1408 PHE B C     1 
ATOM   378  O  O     . PHE A 1 74  ? -4.381  -9.128  3.917   1.00 27.93  ? 1408 PHE B O     1 
ATOM   379  C  CB    . PHE A 1 74  ? -6.847  -9.371  6.074   1.00 26.02  ? 1408 PHE B CB    1 
ATOM   380  C  CG    . PHE A 1 74  ? -7.941  -10.268 6.652   1.00 26.89  ? 1408 PHE B CG    1 
ATOM   381  C  CD1   . PHE A 1 74  ? -8.261  -11.489 6.065   1.00 28.93  ? 1408 PHE B CD1   1 
ATOM   382  C  CD2   . PHE A 1 74  ? -8.646  -9.903  7.771   1.00 24.53  ? 1408 PHE B CD2   1 
ATOM   383  C  CE1   . PHE A 1 74  ? -9.281  -12.334 6.610   1.00 26.21  ? 1408 PHE B CE1   1 
ATOM   384  C  CE2   . PHE A 1 74  ? -9.651  -10.725 8.279   1.00 25.79  ? 1408 PHE B CE2   1 
ATOM   385  C  CZ    . PHE A 1 74  ? -9.961  -11.931 7.700   1.00 23.82  ? 1408 PHE B CZ    1 
HETATM 386  N  N     . MSE A 1 75  ? -3.638  -8.596  5.940   1.00 29.08  ? 1409 MSE B N     1 
HETATM 387  C  CA    . MSE A 1 75  ? -2.586  -7.664  5.455   1.00 30.32  ? 1409 MSE B CA    1 
HETATM 388  C  C     . MSE A 1 75  ? -1.630  -8.327  4.512   1.00 30.73  ? 1409 MSE B C     1 
HETATM 389  O  O     . MSE A 1 75  ? -1.054  -7.649  3.679   1.00 32.43  ? 1409 MSE B O     1 
HETATM 390  C  CB    . MSE A 1 75  ? -1.712  -7.117  6.575   1.00 30.95  ? 1409 MSE B CB    1 
HETATM 391  C  CG    . MSE A 1 75  ? -2.423  -6.588  7.758   1.00 32.89  ? 1409 MSE B CG    1 
HETATM 392  SE SE    . MSE A 1 75  ? -3.128  -4.853  7.358   1.00 42.39  ? 1409 MSE B SE    1 
HETATM 393  C  CE    . MSE A 1 75  ? -1.468  -3.856  7.006   1.00 39.09  ? 1409 MSE B CE    1 
ATOM   394  N  N     . THR A 1 76  ? -1.411  -9.632  4.688   1.00 30.55  ? 1410 THR B N     1 
ATOM   395  C  CA    . THR A 1 76  ? -0.516  -10.407 3.831   1.00 29.99  ? 1410 THR B CA    1 
ATOM   396  C  C     . THR A 1 76  ? -1.222  -11.195 2.745   1.00 29.39  ? 1410 THR B C     1 
ATOM   397  O  O     . THR A 1 76  ? -0.697  -11.341 1.666   1.00 29.51  ? 1410 THR B O     1 
ATOM   398  C  CB    . THR A 1 76  ? 0.420   -11.364 4.630   1.00 30.64  ? 1410 THR B CB    1 
ATOM   399  O  OG1   . THR A 1 76  ? -0.327  -12.365 5.352   1.00 30.98  ? 1410 THR B OG1   1 
ATOM   400  C  CG2   . THR A 1 76  ? 1.260   -10.580 5.620   1.00 31.47  ? 1410 THR B CG2   1 
ATOM   401  N  N     . GLN A 1 77  ? -2.430  -11.667 2.996   1.00 29.02  ? 1411 GLN B N     1 
ATOM   402  C  CA    . GLN A 1 77  ? -2.990  -12.687 2.119   1.00 29.16  ? 1411 GLN B CA    1 
ATOM   403  C  C     . GLN A 1 77  ? -4.176  -12.249 1.339   1.00 28.34  ? 1411 GLN B C     1 
ATOM   404  O  O     . GLN A 1 77  ? -4.584  -12.914 0.431   1.00 29.24  ? 1411 GLN B O     1 
ATOM   405  C  CB    . GLN A 1 77  ? -3.367  -13.957 2.905   0.00 30.63  ? 1411 GLN B CB    1 
ATOM   406  C  CG    . GLN A 1 77  ? -2.979  -15.307 2.254   0.00 31.53  ? 1411 GLN B CG    1 
ATOM   407  C  CD    . GLN A 1 77  ? -1.534  -15.686 2.499   1.00 32.80  ? 1411 GLN B CD    1 
ATOM   408  O  OE1   . GLN A 1 77  ? -1.000  -15.491 3.589   1.00 32.88  ? 1411 GLN B OE1   1 
ATOM   409  N  NE2   . GLN A 1 77  ? -0.892  -16.219 1.474   1.00 33.04  ? 1411 GLN B NE2   1 
ATOM   410  N  N     . ARG A 1 78  ? -4.763  -11.141 1.684   1.00 28.46  ? 1412 ARG B N     1 
ATOM   411  C  CA    . ARG A 1 78  ? -5.837  -10.641 0.864   1.00 28.03  ? 1412 ARG B CA    1 
ATOM   412  C  C     . ARG A 1 78  ? -5.472  -9.270  0.346   1.00 27.23  ? 1412 ARG B C     1 
ATOM   413  O  O     . ARG A 1 78  ? -6.320  -8.366  0.288   1.00 27.82  ? 1412 ARG B O     1 
ATOM   414  C  CB    . ARG A 1 78  ? -7.147  -10.673 1.630   1.00 27.81  ? 1412 ARG B CB    1 
ATOM   415  C  CG    . ARG A 1 78  ? -7.406  -12.033 2.208   1.00 29.79  ? 1412 ARG B CG    1 
ATOM   416  C  CD    . ARG A 1 78  ? -7.938  -12.945 1.137   0.00 38.11  ? 1412 ARG B CD    1 
ATOM   417  N  NE    . ARG A 1 78  ? -7.940  -14.375 1.490   1.00 41.00  ? 1412 ARG B NE    1 
ATOM   418  C  CZ    . ARG A 1 78  ? -7.892  -15.349 0.579   1.00 41.65  ? 1412 ARG B CZ    1 
ATOM   419  N  NH1   . ARG A 1 78  ? -7.840  -15.041 -0.731  1.00 40.37  ? 1412 ARG B NH1   1 
ATOM   420  N  NH2   . ARG A 1 78  ? -7.905  -16.619 0.975   1.00 41.18  ? 1412 ARG B NH2   1 
ATOM   421  N  N     . ALA A 1 79  ? -4.204  -9.142  -0.070  1.00 26.34  ? 1413 ALA B N     1 
ATOM   422  C  CA    . ALA A 1 79  ? -3.660  -7.883  -0.600  1.00 24.80  ? 1413 ALA B CA    1 
ATOM   423  C  C     . ALA A 1 79  ? -3.356  -7.981  -2.066  1.00 24.25  ? 1413 ALA B C     1 
ATOM   424  O  O     . ALA A 1 79  ? -2.623  -8.845  -2.469  1.00 24.18  ? 1413 ALA B O     1 
ATOM   425  C  CB    . ALA A 1 79  ? -2.416  -7.510  0.110   1.00 24.18  ? 1413 ALA B CB    1 
ATOM   426  N  N     . LEU A 1 80  ? -3.864  -7.035  -2.848  1.00 24.11  ? 1414 LEU B N     1 
ATOM   427  C  CA    . LEU A 1 80  ? -3.463  -6.910  -4.236  1.00 23.90  ? 1414 LEU B CA    1 
ATOM   428  C  C     . LEU A 1 80  ? -2.610  -5.665  -4.388  1.00 23.33  ? 1414 LEU B C     1 
ATOM   429  O  O     . LEU A 1 80  ? -3.020  -4.584  -3.987  1.00 24.34  ? 1414 LEU B O     1 
ATOM   430  C  CB    . LEU A 1 80  ? -4.720  -6.855  -5.105  1.00 23.97  ? 1414 LEU B CB    1 
ATOM   431  C  CG    . LEU A 1 80  ? -4.605  -6.277  -6.494  1.00 23.69  ? 1414 LEU B CG    1 
ATOM   432  C  CD1   . LEU A 1 80  ? -4.125  -7.280  -7.436  1.00 22.15  ? 1414 LEU B CD1   1 
ATOM   433  C  CD2   . LEU A 1 80  ? -5.984  -5.843  -6.857  1.00 24.02  ? 1414 LEU B CD2   1 
ATOM   434  N  N     . TYR A 1 81  ? -1.418  -5.782  -4.954  1.00 22.37  ? 1415 TYR B N     1 
ATOM   435  C  CA    . TYR A 1 81  ? -0.487  -4.643  -4.814  1.00 22.21  ? 1415 TYR B CA    1 
ATOM   436  C  C     . TYR A 1 81  ? -0.323  -3.918  -6.095  1.00 22.46  ? 1415 TYR B C     1 
ATOM   437  O  O     . TYR A 1 81  ? -0.182  -4.588  -7.114  1.00 23.71  ? 1415 TYR B O     1 
ATOM   438  C  CB    . TYR A 1 81  ? 0.920   -5.103  -4.367  1.00 21.17  ? 1415 TYR B CB    1 
ATOM   439  C  CG    . TYR A 1 81  ? 1.078   -5.636  -2.936  1.00 20.04  ? 1415 TYR B CG    1 
ATOM   440  C  CD1   . TYR A 1 81  ? 1.599   -4.840  -1.926  1.00 21.20  ? 1415 TYR B CD1   1 
ATOM   441  C  CD2   . TYR A 1 81  ? 0.729   -6.947  -2.596  1.00 18.09  ? 1415 TYR B CD2   1 
ATOM   442  C  CE1   . TYR A 1 81  ? 1.758   -5.332  -0.608  1.00 18.87  ? 1415 TYR B CE1   1 
ATOM   443  C  CE2   . TYR A 1 81  ? 0.864   -7.420  -1.281  1.00 15.64  ? 1415 TYR B CE2   1 
ATOM   444  C  CZ    . TYR A 1 81  ? 1.392   -6.622  -0.316  1.00 17.19  ? 1415 TYR B CZ    1 
ATOM   445  O  OH    . TYR A 1 81  ? 1.550   -7.087  0.971   1.00 20.89  ? 1415 TYR B OH    1 
ATOM   446  N  N     . LEU A 1 82  ? -0.295  -2.584  -6.072  1.00 21.83  ? 1416 LEU B N     1 
ATOM   447  C  CA    . LEU A 1 82  ? 0.214   -1.824  -7.234  1.00 21.70  ? 1416 LEU B CA    1 
ATOM   448  C  C     . LEU A 1 82  ? 1.576   -1.396  -6.901  1.00 21.61  ? 1416 LEU B C     1 
ATOM   449  O  O     . LEU A 1 82  ? 1.744   -0.610  -5.976  1.00 22.05  ? 1416 LEU B O     1 
ATOM   450  C  CB    . LEU A 1 82  ? -0.538  -0.526  -7.424  1.00 21.42  ? 1416 LEU B CB    1 
ATOM   451  C  CG    . LEU A 1 82  ? -1.951  -0.563  -7.938  1.00 23.90  ? 1416 LEU B CG    1 
ATOM   452  C  CD1   . LEU A 1 82  ? -2.595  0.863   -7.887  1.00 23.24  ? 1416 LEU B CD1   1 
ATOM   453  C  CD2   . LEU A 1 82  ? -1.835  -1.021  -9.351  1.00 27.18  ? 1416 LEU B CD2   1 
ATOM   454  N  N     . ALA A 1 83  ? 2.571   -1.870  -7.621  1.00 21.87  ? 1417 ALA B N     1 
ATOM   455  C  CA    . ALA A 1 83  ? 3.940   -1.402  -7.376  1.00 22.25  ? 1417 ALA B CA    1 
ATOM   456  C  C     . ALA A 1 83  ? 4.185   -0.229  -8.338  1.00 23.15  ? 1417 ALA B C     1 
ATOM   457  O  O     . ALA A 1 83  ? 4.280   -0.424  -9.565  1.00 24.56  ? 1417 ALA B O     1 
ATOM   458  C  CB    . ALA A 1 83  ? 4.871   -2.516  -7.648  1.00 22.36  ? 1417 ALA B CB    1 
ATOM   459  N  N     . VAL A 1 84  ? 4.201   1.002   -7.837  1.00 23.65  ? 1418 VAL B N     1 
ATOM   460  C  CA    . VAL A 1 84  ? 4.150   2.208   -8.730  1.00 23.21  ? 1418 VAL B CA    1 
ATOM   461  C  C     . VAL A 1 84  ? 5.502   2.859   -8.805  1.00 23.65  ? 1418 VAL B C     1 
ATOM   462  O  O     . VAL A 1 84  ? 6.149   3.042   -7.766  1.00 24.47  ? 1418 VAL B O     1 
ATOM   463  C  CB    . VAL A 1 84  ? 3.241   3.276   -8.148  1.00 22.66  ? 1418 VAL B CB    1 
ATOM   464  C  CG1   . VAL A 1 84  ? 3.267   4.509   -9.004  1.00 22.54  ? 1418 VAL B CG1   1 
ATOM   465  C  CG2   . VAL A 1 84  ? 1.833   2.764   -8.021  1.00 23.19  ? 1418 VAL B CG2   1 
ATOM   466  N  N     . TYR A 1 85  ? 6.001   3.164   -9.980  1.00 23.63  ? 1419 TYR B N     1 
ATOM   467  C  CA    . TYR A 1 85  ? 7.311   3.764   -10.042 1.00 23.92  ? 1419 TYR B CA    1 
ATOM   468  C  C     . TYR A 1 85  ? 7.333   4.934   -10.986 1.00 23.88  ? 1419 TYR B C     1 
ATOM   469  O  O     . TYR A 1 85  ? 6.557   4.962   -11.882 1.00 25.09  ? 1419 TYR B O     1 
ATOM   470  C  CB    . TYR A 1 85  ? 8.363   2.727   -10.392 1.00 23.95  ? 1419 TYR B CB    1 
ATOM   471  C  CG    . TYR A 1 85  ? 8.195   2.113   -11.730 1.00 25.44  ? 1419 TYR B CG    1 
ATOM   472  C  CD1   . TYR A 1 85  ? 7.344   1.075   -11.920 1.00 29.34  ? 1419 TYR B CD1   1 
ATOM   473  C  CD2   . TYR A 1 85  ? 8.887   2.579   -12.813 1.00 24.13  ? 1419 TYR B CD2   1 
ATOM   474  C  CE1   . TYR A 1 85  ? 7.194   0.522   -13.132 1.00 29.21  ? 1419 TYR B CE1   1 
ATOM   475  C  CE2   . TYR A 1 85  ? 8.733   2.029   -14.028 1.00 25.75  ? 1419 TYR B CE2   1 
ATOM   476  C  CZ    . TYR A 1 85  ? 7.883   1.006   -14.183 1.00 27.73  ? 1419 TYR B CZ    1 
ATOM   477  O  OH    . TYR A 1 85  ? 7.717   0.430   -15.392 1.00 30.24  ? 1419 TYR B OH    1 
ATOM   478  N  N     . ASP A 1 86  ? 8.236   5.885   -10.767 1.00 24.13  ? 1420 ASP B N     1 
ATOM   479  C  CA    . ASP A 1 86  ? 8.292   7.085   -11.595 1.00 23.69  ? 1420 ASP B CA    1 
ATOM   480  C  C     . ASP A 1 86  ? 9.248   6.908   -12.770 1.00 22.93  ? 1420 ASP B C     1 
ATOM   481  O  O     . ASP A 1 86  ? 10.464  6.841   -12.589 1.00 22.61  ? 1420 ASP B O     1 
ATOM   482  C  CB    . ASP A 1 86  ? 8.709   8.295   -10.757 1.00 23.36  ? 1420 ASP B CB    1 
ATOM   483  C  CG    . ASP A 1 86  ? 9.089   9.490   -11.608 1.00 27.08  ? 1420 ASP B CG    1 
ATOM   484  O  OD1   . ASP A 1 86  ? 8.757   9.494   -12.812 1.00 28.82  ? 1420 ASP B OD1   1 
ATOM   485  O  OD2   . ASP A 1 86  ? 9.720   10.427  -11.073 1.00 29.20  ? 1420 ASP B OD2   1 
ATOM   486  N  N     . LEU A 1 87  ? 8.694   6.831   -13.977 1.00 23.51  ? 1421 LEU B N     1 
ATOM   487  C  CA    . LEU A 1 87  ? 9.352   6.136   -15.073 1.00 24.05  ? 1421 LEU B CA    1 
ATOM   488  C  C     . LEU A 1 87  ? 10.318  7.094   -15.750 1.00 25.08  ? 1421 LEU B C     1 
ATOM   489  O  O     . LEU A 1 87  ? 11.014  6.728   -16.697 1.00 24.90  ? 1421 LEU B O     1 
ATOM   490  C  CB    . LEU A 1 87  ? 8.320   5.628   -16.082 1.00 23.46  ? 1421 LEU B CB    1 
ATOM   491  C  CG    . LEU A 1 87  ? 8.874   5.047   -17.385 1.00 23.65  ? 1421 LEU B CG    1 
ATOM   492  C  CD1   . LEU A 1 87  ? 9.231   3.579   -17.209 1.00 25.76  ? 1421 LEU B CD1   1 
ATOM   493  C  CD2   . LEU A 1 87  ? 7.879   5.229   -18.520 1.00 26.14  ? 1421 LEU B CD2   1 
ATOM   494  N  N     . SER A 1 88  ? 10.352  8.325   -15.254 1.00 26.13  ? 1422 SER B N     1 
ATOM   495  C  CA    . SER A 1 88  ? 11.160  9.369   -15.873 1.00 27.03  ? 1422 SER B CA    1 
ATOM   496  C  C     . SER A 1 88  ? 12.477  9.664   -15.141 1.00 29.13  ? 1422 SER B C     1 
ATOM   497  O  O     . SER A 1 88  ? 13.302  10.452  -15.622 1.00 30.08  ? 1422 SER B O     1 
ATOM   498  C  CB    . SER A 1 88  ? 10.352  10.645  -15.982 1.00 26.50  ? 1422 SER B CB    1 
ATOM   499  O  OG    . SER A 1 88  ? 10.209  11.289  -14.739 1.00 24.73  ? 1422 SER B OG    1 
ATOM   500  N  N     . LYS A 1 89  ? 12.666  9.030   -13.987 1.00 20.00  ? 1423 LYS B N     1 
ATOM   501  C  CA    . LYS A 1 89  ? 13.971  8.989   -13.341 1.00 20.00  ? 1423 LYS B CA    1 
ATOM   502  C  C     . LYS A 1 89  ? 14.905  8.005   -14.040 1.00 20.00  ? 1423 LYS B C     1 
ATOM   503  O  O     . LYS A 1 89  ? 16.126  8.149   -13.987 1.00 33.49  ? 1423 LYS B O     1 
ATOM   504  C  CB    . LYS A 1 89  ? 13.826  8.616   -11.864 1.00 20.00  ? 1423 LYS B CB    1 
ATOM   505  C  CG    . LYS A 1 89  ? 12.925  9.551   -11.074 0.00 20.00  ? 1423 LYS B CG    1 
ATOM   506  C  CD    . LYS A 1 89  ? 13.525  9.883   -9.718  0.00 20.00  ? 1423 LYS B CD    1 
ATOM   507  C  CE    . LYS A 1 89  ? 12.904  11.140  -9.132  0.00 20.00  ? 1423 LYS B CE    1 
ATOM   508  N  NZ    . LYS A 1 89  ? 12.718  11.033  -7.658  0.00 20.00  ? 1423 LYS B NZ    1 
ATOM   509  N  N     . GLY A 1 90  ? 14.322  7.007   -14.696 1.00 34.09  ? 1424 GLY B N     1 
ATOM   510  C  CA    . GLY A 1 90  ? 15.119  5.981   -15.424 1.00 34.56  ? 1424 GLY B CA    1 
ATOM   511  C  C     . GLY A 1 90  ? 14.984  4.459   -15.170 1.00 36.76  ? 1424 GLY B C     1 
ATOM   512  O  O     . GLY A 1 90  ? 13.885  3.924   -14.888 1.00 36.69  ? 1424 GLY B O     1 
ATOM   513  N  N     . GLN A 1 91  ? 16.108  3.763   -15.304 1.00 20.00  ? 1425 GLN B N     1 
ATOM   514  C  CA    . GLN A 1 91  ? 16.141  2.322   -15.109 1.00 20.00  ? 1425 GLN B CA    1 
ATOM   515  C  C     . GLN A 1 91  ? 16.906  2.072   -13.819 1.00 20.00  ? 1425 GLN B C     1 
ATOM   516  O  O     . GLN A 1 91  ? 17.618  1.076   -13.691 1.00 39.85  ? 1425 GLN B O     1 
ATOM   517  C  CB    . GLN A 1 91  ? 16.946  1.650   -16.222 0.00 20.00  ? 1425 GLN B CB    1 
ATOM   518  C  CG    . GLN A 1 91  ? 16.357  1.832   -17.612 0.00 20.00  ? 1425 GLN B CG    1 
ATOM   519  C  CD    . GLN A 1 91  ? 17.222  1.222   -18.696 0.00 20.00  ? 1425 GLN B CD    1 
ATOM   520  O  OE1   . GLN A 1 91  ? 18.335  0.765   -18.436 0.00 20.00  ? 1425 GLN B OE1   1 
ATOM   521  N  NE2   . GLN A 1 91  ? 16.713  1.213   -19.924 0.00 20.00  ? 1425 GLN B NE2   1 
ATOM   522  N  N     . ALA A 1 92  ? 16.801  2.977   -12.880 1.00 39.53  ? 1426 ALA B N     1 
ATOM   523  C  CA    . ALA A 1 92  ? 17.306  2.689   -11.582 1.00 40.09  ? 1426 ALA B CA    1 
ATOM   524  C  C     . ALA A 1 92  ? 16.176  2.851   -10.648 1.00 41.08  ? 1426 ALA B C     1 
ATOM   525  O  O     . ALA A 1 92  ? 16.302  2.616   -9.472  1.00 41.66  ? 1426 ALA B O     1 
ATOM   526  C  CB    . ALA A 1 92  ? 18.353  3.619   -11.237 1.00 39.96  ? 1426 ALA B CB    1 
ATOM   527  N  N     . GLU A 1 93  ? 15.047  3.272   -11.173 1.00 20.00  ? 1427 GLU B N     1 
ATOM   528  C  CA    . GLU A 1 93  ? 13.868  3.220   -10.377 1.00 20.00  ? 1427 GLU B CA    1 
ATOM   529  C  C     . GLU A 1 93  ? 12.933  2.075   -10.641 1.00 20.00  ? 1427 GLU B C     1 
ATOM   530  O  O     . GLU A 1 93  ? 12.017  1.856   -9.896  1.00 43.21  ? 1427 GLU B O     1 
ATOM   531  C  CB    . GLU A 1 93  ? 13.042  4.471   -10.527 1.00 20.00  ? 1427 GLU B CB    1 
ATOM   532  C  CG    . GLU A 1 93  ? 13.684  5.639   -9.814  0.00 20.00  ? 1427 GLU B CG    1 
ATOM   533  C  CD    . GLU A 1 93  ? 13.297  5.759   -8.338  0.00 20.00  ? 1427 GLU B CD    1 
ATOM   534  O  OE1   . GLU A 1 93  ? 12.150  6.141   -8.058  0.00 20.00  ? 1427 GLU B OE1   1 
ATOM   535  O  OE2   . GLU A 1 93  ? 14.138  5.500   -7.451  0.00 20.00  ? 1427 GLU B OE2   1 
ATOM   536  N  N     . VAL A 1 94  ? 13.182  1.343   -11.722 1.00 20.00  ? 1428 VAL B N     1 
ATOM   537  C  CA    . VAL A 1 94  ? 12.735  -0.041  -11.832 1.00 20.00  ? 1428 VAL B CA    1 
ATOM   538  C  C     . VAL A 1 94  ? 13.651  -0.979  -11.054 1.00 20.00  ? 1428 VAL B C     1 
ATOM   539  O  O     . VAL A 1 94  ? 13.385  -2.176  -10.950 1.00 46.34  ? 1428 VAL B O     1 
ATOM   540  C  CB    . VAL A 1 94  ? 12.670  -0.499  -13.300 1.00 20.00  ? 1428 VAL B CB    1 
ATOM   541  C  CG1   . VAL A 1 94  ? 11.526  -1.481  -13.499 1.00 20.00  ? 1428 VAL B CG1   1 
ATOM   542  C  CG2   . VAL A 1 94  ? 12.521  0.700   -14.224 1.00 20.00  ? 1428 VAL B CG2   1 
ATOM   543  N  N     . ASP A 1 95  ? 14.731  -0.428  -10.512 1.00 20.00  ? 1429 ASP B N     1 
ATOM   544  C  CA    . ASP A 1 95  ? 15.713  -1.223  -9.783  1.00 20.00  ? 1429 ASP B CA    1 
ATOM   545  C  C     . ASP A 1 95  ? 15.682  -0.905  -8.291  1.00 20.00  ? 1429 ASP B C     1 
ATOM   546  O  O     . ASP A 1 95  ? 16.025  -1.746  -7.460  1.00 43.15  ? 1429 ASP B O     1 
ATOM   547  C  CB    . ASP A 1 95  ? 17.117  -0.985  -10.341 1.00 20.00  ? 1429 ASP B CB    1 
ATOM   548  C  CG    . ASP A 1 95  ? 18.118  -2.017  -9.862  1.00 20.00  ? 1429 ASP B CG    1 
ATOM   549  O  OD1   . ASP A 1 95  ? 17.888  -3.223  -10.094 0.00 20.00  ? 1429 ASP B OD1   1 
ATOM   550  O  OD2   . ASP A 1 95  ? 19.135  -1.623  -9.251  0.00 20.00  ? 1429 ASP B OD2   1 
ATOM   551  N  N     . ALA A 1 96  ? 15.273  0.315   -7.959  1.00 20.00  ? 1430 ALA B N     1 
ATOM   552  C  CA    . ALA A 1 96  ? 14.892  0.650   -6.592  1.00 20.00  ? 1430 ALA B CA    1 
ATOM   553  C  C     . ALA A 1 96  ? 13.650  -0.124  -6.167  1.00 20.00  ? 1430 ALA B C     1 
ATOM   554  O  O     . ALA A 1 96  ? 13.246  -0.079  -5.004  1.00 41.76  ? 1430 ALA B O     1 
ATOM   555  C  CB    . ALA A 1 96  ? 14.658  2.147   -6.459  1.00 20.00  ? 1430 ALA B CB    1 
HETATM 556  N  N     . MSE A 1 97  ? 13.048  -0.833  -7.116  1.00 20.00  ? 1431 MSE B N     1 
HETATM 557  C  CA    . MSE A 1 97  ? 11.745  -1.452  -6.901  1.00 20.00  ? 1431 MSE B CA    1 
HETATM 558  C  C     . MSE A 1 97  ? 11.844  -2.944  -6.600  1.00 20.00  ? 1431 MSE B C     1 
HETATM 559  O  O     . MSE A 1 97  ? 10.901  -3.548  -6.088  1.00 39.52  ? 1431 MSE B O     1 
HETATM 560  C  CB    . MSE A 1 97  ? 10.873  -1.222  -8.137  1.00 20.00  ? 1431 MSE B CB    1 
HETATM 561  C  CG    . MSE A 1 97  ? 9.696   -2.176  -8.253  1.00 20.00  ? 1431 MSE B CG    1 
HETATM 562  SE SE    . MSE A 1 97  ? 8.139   -1.577  -7.244  1.00 20.00  ? 1431 MSE B SE    1 
HETATM 563  C  CE    . MSE A 1 97  ? 7.998   0.233   -7.952  1.00 20.00  ? 1431 MSE B CE    1 
ATOM   564  N  N     . LYS A 1 98  ? 12.991  -3.532  -6.922  1.00 37.25  ? 1432 LYS B N     1 
ATOM   565  C  CA    . LYS A 1 98  ? 13.202  -4.933  -6.715  1.00 36.59  ? 1432 LYS B CA    1 
ATOM   566  C  C     . LYS A 1 98  ? 13.111  -5.337  -5.272  1.00 36.85  ? 1432 LYS B C     1 
ATOM   567  O  O     . LYS A 1 98  ? 12.546  -6.346  -4.961  1.00 38.41  ? 1432 LYS B O     1 
ATOM   568  C  CB    . LYS A 1 98  ? 14.529  -5.358  -7.286  1.00 36.79  ? 1432 LYS B CB    1 
ATOM   569  C  CG    . LYS A 1 98  ? 14.405  -6.266  -8.436  1.00 35.63  ? 1432 LYS B CG    1 
ATOM   570  C  CD    . LYS A 1 98  ? 15.522  -7.211  -8.416  1.00 38.74  ? 1432 LYS B CD    1 
ATOM   571  C  CE    . LYS A 1 98  ? 16.621  -6.627  -9.175  1.00 39.08  ? 1432 LYS B CE    1 
ATOM   572  N  NZ    . LYS A 1 98  ? 15.940  -5.737  -10.065 1.00 39.64  ? 1432 LYS B NZ    1 
ATOM   573  N  N     . PRO A 1 99  ? 13.673  -4.548  -4.382  1.00 35.76  ? 1433 PRO B N     1 
ATOM   574  C  CA    . PRO A 1 99  ? 13.508  -4.725  -2.941  1.00 34.13  ? 1433 PRO B CA    1 
ATOM   575  C  C     . PRO A 1 99  ? 12.066  -4.641  -2.465  1.00 33.08  ? 1433 PRO B C     1 
ATOM   576  O  O     . PRO A 1 99  ? 11.738  -5.380  -1.531  1.00 33.53  ? 1433 PRO B O     1 
ATOM   577  C  CB    . PRO A 1 99  ? 14.320  -3.592  -2.344  1.00 34.54  ? 1433 PRO B CB    1 
ATOM   578  C  CG    . PRO A 1 99  ? 15.349  -3.262  -3.410  1.00 36.39  ? 1433 PRO B CG    1 
ATOM   579  C  CD    . PRO A 1 99  ? 14.700  -3.544  -4.719  1.00 36.39  ? 1433 PRO B CD    1 
ATOM   580  N  N     . TRP A 1 100 ? 11.229  -3.775  -3.067  1.00 31.02  ? 1434 TRP B N     1 
ATOM   581  C  CA    . TRP A 1 100 ? 9.783   -3.762  -2.802  1.00 29.62  ? 1434 TRP B CA    1 
ATOM   582  C  C     . TRP A 1 100 ? 9.128   -5.029  -3.203  1.00 29.31  ? 1434 TRP B C     1 
ATOM   583  O  O     . TRP A 1 100 ? 8.246   -5.560  -2.499  1.00 28.17  ? 1434 TRP B O     1 
ATOM   584  C  CB    . TRP A 1 100 ? 9.102   -2.807  -3.715  1.00 30.24  ? 1434 TRP B CB    1 
ATOM   585  C  CG    . TRP A 1 100 ? 9.178   -1.460  -3.250  1.00 31.59  ? 1434 TRP B CG    1 
ATOM   586  C  CD1   . TRP A 1 100 ? 10.012  -0.487  -3.710  1.00 29.66  ? 1434 TRP B CD1   1 
ATOM   587  C  CD2   . TRP A 1 100 ? 8.386   -0.880  -2.202  1.00 30.43  ? 1434 TRP B CD2   1 
ATOM   588  N  NE1   . TRP A 1 100 ? 9.772   0.665   -3.015  1.00 33.05  ? 1434 TRP B NE1   1 
ATOM   589  C  CE2   . TRP A 1 100 ? 8.793   0.439   -2.069  1.00 31.73  ? 1434 TRP B CE2   1 
ATOM   590  C  CE3   . TRP A 1 100 ? 7.366   -1.356  -1.368  1.00 31.48  ? 1434 TRP B CE3   1 
ATOM   591  C  CZ2   . TRP A 1 100 ? 8.204   1.303   -1.133  1.00 32.27  ? 1434 TRP B CZ2   1 
ATOM   592  C  CZ3   . TRP A 1 100 ? 6.785   -0.507  -0.451  1.00 30.43  ? 1434 TRP B CZ3   1 
ATOM   593  C  CH2   . TRP A 1 100 ? 7.209   0.806   -0.334  1.00 31.23  ? 1434 TRP B CH2   1 
ATOM   594  N  N     . LEU A 1 101 ? 9.521   -5.501  -4.387  1.00 28.79  ? 1435 LEU B N     1 
ATOM   595  C  CA    . LEU A 1 101 ? 8.961   -6.728  -4.882  1.00 27.54  ? 1435 LEU B CA    1 
ATOM   596  C  C     . LEU A 1 101 ? 9.404   -7.916  -4.051  1.00 27.36  ? 1435 LEU B C     1 
ATOM   597  O  O     . LEU A 1 101 ? 8.574   -8.795  -3.794  1.00 27.54  ? 1435 LEU B O     1 
ATOM   598  C  CB    . LEU A 1 101 ? 9.247   -6.892  -6.349  1.00 28.05  ? 1435 LEU B CB    1 
ATOM   599  C  CG    . LEU A 1 101 ? 8.622   -5.820  -7.267  1.00 27.26  ? 1435 LEU B CG    1 
ATOM   600  C  CD1   . LEU A 1 101 ? 9.224   -5.909  -8.604  1.00 26.16  ? 1435 LEU B CD1   1 
ATOM   601  C  CD2   . LEU A 1 101 ? 7.168   -6.035  -7.406  1.00 25.91  ? 1435 LEU B CD2   1 
ATOM   602  N  N     . PHE A 1 102 ? 10.648  -7.892  -3.545  1.00 26.72  ? 1436 PHE B N     1 
ATOM   603  C  CA    . PHE A 1 102 ? 11.158  -8.905  -2.597  1.00 26.50  ? 1436 PHE B CA    1 
ATOM   604  C  C     . PHE A 1 102 ? 10.505  -8.905  -1.171  1.00 26.57  ? 1436 PHE B C     1 
ATOM   605  O  O     . PHE A 1 102 ? 10.284  -9.959  -0.541  1.00 26.73  ? 1436 PHE B O     1 
ATOM   606  C  CB    . PHE A 1 102 ? 12.677  -8.815  -2.490  1.00 26.68  ? 1436 PHE B CB    1 
ATOM   607  C  CG    . PHE A 1 102 ? 13.432  -9.055  -3.799  1.00 27.12  ? 1436 PHE B CG    1 
ATOM   608  C  CD1   . PHE A 1 102 ? 14.722  -8.497  -3.982  1.00 26.75  ? 1436 PHE B CD1   1 
ATOM   609  C  CD2   . PHE A 1 102 ? 12.899  -9.873  -4.816  1.00 28.05  ? 1436 PHE B CD2   1 
ATOM   610  C  CE1   . PHE A 1 102 ? 15.487  -8.717  -5.154  1.00 27.02  ? 1436 PHE B CE1   1 
ATOM   611  C  CE2   . PHE A 1 102 ? 13.618  -10.107 -5.994  1.00 28.63  ? 1436 PHE B CE2   1 
ATOM   612  C  CZ    . PHE A 1 102 ? 14.942  -9.513  -6.177  1.00 28.34  ? 1436 PHE B CZ    1 
ATOM   613  N  N     . ASN A 1 103 ? 10.214  -7.741  -0.646  1.00 26.24  ? 1437 ASN B N     1 
ATOM   614  C  CA    . ASN A 1 103 ? 9.454   -7.667  0.583   1.00 27.42  ? 1437 ASN B CA    1 
ATOM   615  C  C     . ASN A 1 103 ? 7.991   -8.078  0.446   1.00 26.91  ? 1437 ASN B C     1 
ATOM   616  O  O     . ASN A 1 103 ? 7.510   -8.907  1.247   1.00 27.50  ? 1437 ASN B O     1 
ATOM   617  C  CB    . ASN A 1 103 ? 9.572   -6.281  1.213   1.00 28.82  ? 1437 ASN B CB    1 
ATOM   618  C  CG    . ASN A 1 103 ? 10.984  -5.991  1.726   1.00 30.91  ? 1437 ASN B CG    1 
ATOM   619  O  OD1   . ASN A 1 103 ? 11.756  -6.907  2.018   1.00 34.44  ? 1437 ASN B OD1   1 
ATOM   620  N  ND2   . ASN A 1 103 ? 11.316  -4.715  1.836   1.00 32.24  ? 1437 ASN B ND2   1 
ATOM   621  N  N     . ILE A 1 104 ? 7.305   -7.540  -0.570  1.00 26.65  ? 1438 ILE B N     1 
ATOM   622  C  CA    . ILE A 1 104 ? 5.998   -8.070  -1.046  1.00 25.92  ? 1438 ILE B CA    1 
ATOM   623  C  C     . ILE A 1 104 ? 5.951   -9.617  -1.159  1.00 26.74  ? 1438 ILE B C     1 
ATOM   624  O  O     . ILE A 1 104 ? 4.936   -10.247 -0.932  1.00 27.90  ? 1438 ILE B O     1 
ATOM   625  C  CB    . ILE A 1 104 ? 5.629   -7.450  -2.336  1.00 25.65  ? 1438 ILE B CB    1 
ATOM   626  C  CG1   . ILE A 1 104 ? 5.300   -5.954  -2.136  1.00 26.38  ? 1438 ILE B CG1   1 
ATOM   627  C  CG2   . ILE A 1 104 ? 4.471   -8.158  -2.932  1.00 26.06  ? 1438 ILE B CG2   1 
ATOM   628  C  CD1   . ILE A 1 104 ? 5.188   -5.142  -3.426  1.00 24.43  ? 1438 ILE B CD1   1 
ATOM   629  N  N     . LYS A 1 105 ? 7.073   -10.240 -1.454  1.00 26.41  ? 1439 LYS B N     1 
ATOM   630  C  CA    . LYS A 1 105 ? 7.129   -11.651 -1.600  1.00 25.49  ? 1439 LYS B CA    1 
ATOM   631  C  C     . LYS A 1 105 ? 7.394   -12.259 -0.259  1.00 25.75  ? 1439 LYS B C     1 
ATOM   632  O  O     . LYS A 1 105 ? 6.937   -13.315 0.030   1.00 25.68  ? 1439 LYS B O     1 
ATOM   633  C  CB    . LYS A 1 105 ? 8.275   -11.983 -2.543  1.00 25.39  ? 1439 LYS B CB    1 
ATOM   634  C  CG    . LYS A 1 105 ? 8.367   -13.430 -2.945  1.00 26.76  ? 1439 LYS B CG    1 
ATOM   635  C  CD    . LYS A 1 105 ? 9.203   -14.188 -1.937  1.00 33.66  ? 1439 LYS B CD    1 
ATOM   636  C  CE    . LYS A 1 105 ? 9.127   -15.642 -2.282  1.00 35.74  ? 1439 LYS B CE    1 
ATOM   637  N  NZ    . LYS A 1 105 ? 8.903   -15.622 -3.756  1.00 36.99  ? 1439 LYS B NZ    1 
ATOM   638  N  N     . ALA A 1 106 ? 8.181   -11.608 0.565   1.00 26.55  ? 1440 ALA B N     1 
ATOM   639  C  CA    . ALA A 1 106 ? 8.418   -12.159 1.861   1.00 26.36  ? 1440 ALA B CA    1 
ATOM   640  C  C     . ALA A 1 106 ? 7.092   -12.293 2.570   1.00 26.49  ? 1440 ALA B C     1 
ATOM   641  O  O     . ALA A 1 106 ? 6.754   -13.369 3.030   1.00 26.56  ? 1440 ALA B O     1 
ATOM   642  C  CB    . ALA A 1 106 ? 9.348   -11.276 2.626   1.00 27.10  ? 1440 ALA B CB    1 
ATOM   643  N  N     . ARG A 1 107 ? 6.332   -11.204 2.647   1.00 26.73  ? 1441 ARG B N     1 
ATOM   644  C  CA    . ARG A 1 107 ? 5.008   -11.214 3.311   1.00 26.61  ? 1441 ARG B CA    1 
ATOM   645  C  C     . ARG A 1 107 ? 4.102   -12.362 2.880   1.00 27.27  ? 1441 ARG B C     1 
ATOM   646  O  O     . ARG A 1 107 ? 3.494   -13.008 3.734   1.00 28.59  ? 1441 ARG B O     1 
ATOM   647  C  CB    . ARG A 1 107 ? 4.257   -9.865  3.148   1.00 27.27  ? 1441 ARG B CB    1 
ATOM   648  C  CG    . ARG A 1 107 ? 5.027   -8.704  3.674   1.00 26.24  ? 1441 ARG B CG    1 
ATOM   649  C  CD    . ARG A 1 107 ? 4.239   -7.491  3.909   1.00 26.65  ? 1441 ARG B CD    1 
ATOM   650  N  NE    . ARG A 1 107 ? 5.085   -6.550  4.649   1.00 30.50  ? 1441 ARG B NE    1 
ATOM   651  C  CZ    . ARG A 1 107 ? 4.693   -5.366  5.113   1.00 31.56  ? 1441 ARG B CZ    1 
ATOM   652  N  NH1   . ARG A 1 107 ? 3.439   -5.002  4.938   1.00 33.10  ? 1441 ARG B NH1   1 
ATOM   653  N  NH2   . ARG A 1 107 ? 5.532   -4.560  5.791   1.00 32.48  ? 1441 ARG B NH2   1 
ATOM   654  N  N     . ALA A 1 108 ? 3.976   -12.605 1.578   1.00 27.41  ? 1442 ALA B N     1 
ATOM   655  C  CA    . ALA A 1 108 ? 3.208   -13.746 1.054   1.00 27.88  ? 1442 ALA B CA    1 
ATOM   656  C  C     . ALA A 1 108 ? 3.657   -13.957 -0.355  1.00 29.53  ? 1442 ALA B C     1 
ATOM   657  O  O     . ALA A 1 108 ? 3.678   -12.993 -1.137  1.00 30.29  ? 1442 ALA B O     1 
ATOM   658  C  CB    . ALA A 1 108 ? 1.747   -13.459 1.063   1.00 26.84  ? 1442 ALA B CB    1 
ATOM   659  N  N     . SER A 1 109 ? 4.025   -15.183 -0.714  1.00 31.10  ? 1443 SER B N     1 
ATOM   660  C  CA    . SER A 1 109 ? 4.760   -15.360 -1.996  1.00 33.00  ? 1443 SER B CA    1 
ATOM   661  C  C     . SER A 1 109 ? 3.855   -15.532 -3.241  1.00 33.75  ? 1443 SER B C     1 
ATOM   662  O  O     . SER A 1 109 ? 4.326   -15.393 -4.398  1.00 33.52  ? 1443 SER B O     1 
ATOM   663  C  CB    . SER A 1 109 ? 5.798   -16.486 -1.904  1.00 32.97  ? 1443 SER B CB    1 
ATOM   664  O  OG    . SER A 1 109 ? 5.153   -17.661 -1.482  1.00 33.30  ? 1443 SER B OG    1 
ATOM   665  N  N     . SER A 1 110 ? 2.568   -15.801 -2.981  1.00 34.09  ? 1444 SER B N     1 
ATOM   666  C  CA    . SER A 1 110 ? 1.536   -15.954 -4.023  1.00 34.75  ? 1444 SER B CA    1 
ATOM   667  C  C     . SER A 1 110 ? 0.885   -14.645 -4.507  1.00 34.31  ? 1444 SER B C     1 
ATOM   668  O  O     . SER A 1 110 ? 0.037   -14.681 -5.411  1.00 34.43  ? 1444 SER B O     1 
ATOM   669  C  CB    . SER A 1 110 ? 0.427   -16.892 -3.513  0.00 35.27  ? 1444 SER B CB    1 
ATOM   670  O  OG    . SER A 1 110 ? 0.003   -16.506 -2.204  0.00 38.61  ? 1444 SER B OG    1 
ATOM   671  N  N     . SER A 1 111 ? 1.308   -13.508 -3.939  1.00 33.63  ? 1445 SER B N     1 
ATOM   672  C  CA    . SER A 1 111 ? 0.517   -12.257 -3.960  1.00 32.72  ? 1445 SER B CA    1 
ATOM   673  C  C     . SER A 1 111 ? 0.678   -11.458 -5.204  1.00 31.68  ? 1445 SER B C     1 
ATOM   674  O  O     . SER A 1 111 ? 1.803   -11.253 -5.661  1.00 32.40  ? 1445 SER B O     1 
ATOM   675  C  CB    . SER A 1 111 ? 0.806   -11.367 -2.759  1.00 32.84  ? 1445 SER B CB    1 
ATOM   676  O  OG    . SER A 1 111 ? 2.181   -11.148 -2.625  1.00 34.77  ? 1445 SER B OG    1 
ATOM   677  N  N     . PRO A 1 112 ? -0.448  -11.009 -5.753  1.00 30.18  ? 1446 PRO B N     1 
ATOM   678  C  CA    . PRO A 1 112 ? -0.406  -10.511 -7.103  1.00 30.28  ? 1446 PRO B CA    1 
ATOM   679  C  C     . PRO A 1 112 ? 0.140   -9.112  -7.090  1.00 31.21  ? 1446 PRO B C     1 
ATOM   680  O  O     . PRO A 1 112 ? -0.072  -8.367  -6.125  1.00 32.64  ? 1446 PRO B O     1 
ATOM   681  C  CB    . PRO A 1 112 ? -1.872  -10.530 -7.535  1.00 30.40  ? 1446 PRO B CB    1 
ATOM   682  C  CG    . PRO A 1 112 ? -2.670  -10.680 -6.264  1.00 28.91  ? 1446 PRO B CG    1 
ATOM   683  C  CD    . PRO A 1 112 ? -1.778  -10.934 -5.133  1.00 28.73  ? 1446 PRO B CD    1 
ATOM   684  N  N     . VAL A 1 113 ? 0.868   -8.750  -8.137  1.00 31.08  ? 1447 VAL B N     1 
ATOM   685  C  CA    . VAL A 1 113 ? 1.474   -7.442  -8.214  1.00 30.01  ? 1447 VAL B CA    1 
ATOM   686  C  C     . VAL A 1 113 ? 1.209   -6.891  -9.591  1.00 30.39  ? 1447 VAL B C     1 
ATOM   687  O  O     . VAL A 1 113 ? 1.299   -7.624  -10.554 1.00 30.57  ? 1447 VAL B O     1 
ATOM   688  C  CB    . VAL A 1 113 ? 2.962   -7.554  -8.009  1.00 29.51  ? 1447 VAL B CB    1 
ATOM   689  C  CG1   . VAL A 1 113 ? 3.592   -6.239  -8.275  1.00 29.57  ? 1447 VAL B CG1   1 
ATOM   690  C  CG2   . VAL A 1 113 ? 3.245   -7.961  -6.584  1.00 29.45  ? 1447 VAL B CG2   1 
ATOM   691  N  N     . ILE A 1 114 ? 0.866   -5.613  -9.681  1.00 30.25  ? 1448 ILE B N     1 
ATOM   692  C  CA    . ILE A 1 114 ? 0.648   -4.931  -10.940 1.00 29.88  ? 1448 ILE B CA    1 
ATOM   693  C  C     . ILE A 1 114 ? 1.627   -3.780  -11.017 1.00 29.22  ? 1448 ILE B C     1 
ATOM   694  O  O     . ILE A 1 114 ? 1.513   -2.833  -10.283 1.00 30.36  ? 1448 ILE B O     1 
ATOM   695  C  CB    . ILE A 1 114 ? -0.808  -4.418  -11.019 1.00 30.12  ? 1448 ILE B CB    1 
ATOM   696  C  CG1   . ILE A 1 114 ? -1.802  -5.577  -10.774 1.00 31.22  ? 1448 ILE B CG1   1 
ATOM   697  C  CG2   . ILE A 1 114 ? -1.089  -3.754  -12.344 1.00 28.96  ? 1448 ILE B CG2   1 
ATOM   698  C  CD1   . ILE A 1 114 ? -3.256  -5.223  -11.189 1.00 31.39  ? 1448 ILE B CD1   1 
ATOM   699  N  N     . LEU A 1 115 ? 2.623   -3.861  -11.878 1.00 28.96  ? 1449 LEU B N     1 
ATOM   700  C  CA    . LEU A 1 115 ? 3.635   -2.804  -11.966 1.00 28.55  ? 1449 LEU B CA    1 
ATOM   701  C  C     . LEU A 1 115 ? 3.080   -1.653  -12.737 1.00 28.77  ? 1449 LEU B C     1 
ATOM   702  O  O     . LEU A 1 115 ? 2.606   -1.862  -13.851 1.00 29.20  ? 1449 LEU B O     1 
ATOM   703  C  CB    . LEU A 1 115 ? 4.861   -3.305  -12.697 1.00 28.10  ? 1449 LEU B CB    1 
ATOM   704  C  CG    . LEU A 1 115 ? 5.680   -4.354  -11.967 1.00 27.49  ? 1449 LEU B CG    1 
ATOM   705  C  CD1   . LEU A 1 115 ? 6.429   -5.062  -13.011 1.00 27.82  ? 1449 LEU B CD1   1 
ATOM   706  C  CD2   . LEU A 1 115 ? 6.627   -3.676  -11.022 1.00 27.84  ? 1449 LEU B CD2   1 
ATOM   707  N  N     . VAL A 1 116 ? 3.128   -0.451  -12.171 1.00 28.79  ? 1450 VAL B N     1 
ATOM   708  C  CA    . VAL A 1 116 ? 2.760   0.781   -12.942 1.00 29.16  ? 1450 VAL B CA    1 
ATOM   709  C  C     . VAL A 1 116 ? 3.801   1.901   -12.875 1.00 28.79  ? 1450 VAL B C     1 
ATOM   710  O  O     . VAL A 1 116 ? 4.154   2.399   -11.809 1.00 28.76  ? 1450 VAL B O     1 
ATOM   711  C  CB    . VAL A 1 116 ? 1.205   1.255   -12.777 1.00 29.47  ? 1450 VAL B CB    1 
ATOM   712  C  CG1   . VAL A 1 116 ? 0.493   0.539   -11.642 1.00 29.22  ? 1450 VAL B CG1   1 
ATOM   713  C  CG2   . VAL A 1 116 ? 1.019   2.769   -12.732 1.00 28.26  ? 1450 VAL B CG2   1 
ATOM   714  N  N     . GLY A 1 117 ? 4.349   2.216   -14.042 1.00 29.18  ? 1451 GLY B N     1 
ATOM   715  C  CA    . GLY A 1 117 ? 5.252   3.352   -14.191 1.00 28.70  ? 1451 GLY B CA    1 
ATOM   716  C  C     . GLY A 1 117 ? 4.462   4.614   -14.527 1.00 28.50  ? 1451 GLY B C     1 
ATOM   717  O  O     . GLY A 1 117 ? 3.667   4.634   -15.467 1.00 28.79  ? 1451 GLY B O     1 
ATOM   718  N  N     . THR A 1 118 ? 4.678   5.684   -13.778 1.00 27.25  ? 1452 THR B N     1 
ATOM   719  C  CA    . THR A 1 118 ? 3.958   6.894   -14.024 1.00 26.70  ? 1452 THR B CA    1 
ATOM   720  C  C     . THR A 1 118 ? 4.892   7.933   -14.673 1.00 27.35  ? 1452 THR B C     1 
ATOM   721  O  O     . THR A 1 118 ? 6.050   7.618   -14.980 1.00 26.96  ? 1452 THR B O     1 
ATOM   722  C  CB    . THR A 1 118 ? 3.329   7.395   -12.721 1.00 27.30  ? 1452 THR B CB    1 
ATOM   723  O  OG1   . THR A 1 118 ? 4.359   7.645   -11.734 1.00 27.01  ? 1452 THR B OG1   1 
ATOM   724  C  CG2   . THR A 1 118 ? 2.285   6.368   -12.182 1.00 26.20  ? 1452 THR B CG2   1 
ATOM   725  N  N     . HIS A 1 119 ? 4.396   9.155   -14.888 1.00 27.46  ? 1453 HIS B N     1 
ATOM   726  C  CA    . HIS A 1 119 ? 5.179   10.203  -15.511 1.00 29.08  ? 1453 HIS B CA    1 
ATOM   727  C  C     . HIS A 1 119 ? 5.580   9.771   -16.916 1.00 30.56  ? 1453 HIS B C     1 
ATOM   728  O  O     . HIS A 1 119 ? 6.739   9.919   -17.259 1.00 31.53  ? 1453 HIS B O     1 
ATOM   729  C  CB    . HIS A 1 119 ? 6.468   10.517  -14.730 1.00 27.81  ? 1453 HIS B CB    1 
ATOM   730  C  CG    . HIS A 1 119 ? 6.264   11.203  -13.403 1.00 25.57  ? 1453 HIS B CG    1 
ATOM   731  N  ND1   . HIS A 1 119 ? 5.649   10.609  -12.334 1.00 24.89  ? 1453 HIS B ND1   1 
ATOM   732  C  CD2   . HIS A 1 119 ? 6.673   12.408  -12.956 1.00 23.51  ? 1453 HIS B CD2   1 
ATOM   733  C  CE1   . HIS A 1 119 ? 5.658   11.427  -11.301 1.00 24.07  ? 1453 HIS B CE1   1 
ATOM   734  N  NE2   . HIS A 1 119 ? 6.295   12.517  -11.645 1.00 21.23  ? 1453 HIS B NE2   1 
ATOM   735  N  N     . LEU A 1 120 ? 4.635   9.201   -17.708 1.00 32.68  ? 1454 LEU B N     1 
ATOM   736  C  CA    . LEU A 1 120 ? 4.825   8.874   -19.175 1.00 32.22  ? 1454 LEU B CA    1 
ATOM   737  C  C     . LEU A 1 120 ? 5.056   10.164  -19.877 1.00 32.99  ? 1454 LEU B C     1 
ATOM   738  O  O     . LEU A 1 120 ? 6.077   10.296  -20.508 1.00 35.29  ? 1454 LEU B O     1 
ATOM   739  C  CB    . LEU A 1 120 ? 3.646   8.082   -19.877 1.00 32.51  ? 1454 LEU B CB    1 
ATOM   740  C  CG    . LEU A 1 120 ? 3.758   6.823   -20.824 1.00 31.94  ? 1454 LEU B CG    1 
ATOM   741  C  CD1   . LEU A 1 120 ? 2.542   6.668   -21.727 1.00 30.47  ? 1454 LEU B CD1   1 
ATOM   742  C  CD2   . LEU A 1 120 ? 5.002   6.661   -21.667 1.00 28.47  ? 1454 LEU B CD2   1 
ATOM   743  N  N     . ASP A 1 121 ? 4.144   11.122  -19.742 1.00 33.31  ? 1455 ASP B N     1 
ATOM   744  C  CA    . ASP A 1 121 ? 4.287   12.458  -20.337 1.00 34.10  ? 1455 ASP B CA    1 
ATOM   745  C  C     . ASP A 1 121 ? 5.717   13.088  -20.233 1.00 34.69  ? 1455 ASP B C     1 
ATOM   746  O  O     . ASP A 1 121 ? 6.154   13.758  -21.164 1.00 36.01  ? 1455 ASP B O     1 
ATOM   747  C  CB    . ASP A 1 121 ? 3.195   13.411  -19.808 1.00 33.65  ? 1455 ASP B CB    1 
ATOM   748  C  CG    . ASP A 1 121 ? 3.155   13.470  -18.289 1.00 34.12  ? 1455 ASP B CG    1 
ATOM   749  O  OD1   . ASP A 1 121 ? 3.383   12.423  -17.667 1.00 36.11  ? 1455 ASP B OD1   1 
ATOM   750  O  OD2   . ASP A 1 121 ? 2.930   14.540  -17.699 1.00 32.96  ? 1455 ASP B OD2   1 
ATOM   751  N  N     . VAL A 1 122 ? 6.471   12.809  -19.170 1.00 35.16  ? 1456 VAL B N     1 
ATOM   752  C  CA    . VAL A 1 122 ? 7.760   13.478  -18.956 1.00 35.17  ? 1456 VAL B CA    1 
ATOM   753  C  C     . VAL A 1 122 ? 9.063   12.625  -19.132 1.00 35.33  ? 1456 VAL B C     1 
ATOM   754  O  O     . VAL A 1 122 ? 10.093  12.944  -18.555 1.00 34.73  ? 1456 VAL B O     1 
ATOM   755  C  CB    . VAL A 1 122 ? 7.746   14.185  -17.569 1.00 34.92  ? 1456 VAL B CB    1 
ATOM   756  C  CG1   . VAL A 1 122 ? 6.617   15.179  -17.483 1.00 33.90  ? 1456 VAL B CG1   1 
ATOM   757  C  CG2   . VAL A 1 122 ? 7.569   13.176  -16.491 1.00 33.32  ? 1456 VAL B CG2   1 
ATOM   758  N  N     . SER A 1 123 ? 9.044   11.573  -19.954 1.00 36.72  ? 1457 SER B N     1 
ATOM   759  C  CA    . SER A 1 123 ? 10.216  10.629  -20.083 1.00 37.43  ? 1457 SER B CA    1 
ATOM   760  C  C     . SER A 1 123 ? 10.644  10.211  -21.512 1.00 38.25  ? 1457 SER B C     1 
ATOM   761  O  O     . SER A 1 123 ? 9.795   10.018  -22.373 1.00 38.94  ? 1457 SER B O     1 
ATOM   762  C  CB    . SER A 1 123 ? 9.905   9.368   -19.282 1.00 38.15  ? 1457 SER B CB    1 
ATOM   763  O  OG    . SER A 1 123 ? 8.661   8.823   -19.680 1.00 38.78  ? 1457 SER B OG    1 
ATOM   764  N  N     . ASP A 1 124 ? 11.943  10.022  -21.752 1.00 39.30  ? 1458 ASP B N     1 
ATOM   765  C  CA    . ASP A 1 124 ? 12.479  9.789   -23.124 1.00 40.19  ? 1458 ASP B CA    1 
ATOM   766  C  C     . ASP A 1 124 ? 11.640  8.796   -23.881 1.00 39.81  ? 1458 ASP B C     1 
ATOM   767  O  O     . ASP A 1 124 ? 11.607  7.644   -23.491 1.00 40.78  ? 1458 ASP B O     1 
ATOM   768  C  CB    . ASP A 1 124 ? 13.916  9.281   -23.065 1.00 40.65  ? 1458 ASP B CB    1 
ATOM   769  C  CG    . ASP A 1 124 ? 14.426  8.693   -24.429 1.00 44.77  ? 1458 ASP B CG    1 
ATOM   770  O  OD1   . ASP A 1 124 ? 14.801  9.485   -25.349 1.00 45.03  ? 1458 ASP B OD1   1 
ATOM   771  O  OD2   . ASP A 1 124 ? 14.503  7.423   -24.554 1.00 47.57  ? 1458 ASP B OD2   1 
ATOM   772  N  N     . LYS A 1 134 ? 15.469  -4.139  -16.712 1.00 35.97  ? 1468 LYS B N     1 
ATOM   773  C  CA    . LYS A 1 134 ? 14.090  -3.726  -16.697 1.00 36.74  ? 1468 LYS B CA    1 
ATOM   774  C  C     . LYS A 1 134 ? 13.141  -4.960  -16.576 1.00 37.04  ? 1468 LYS B C     1 
ATOM   775  O  O     . LYS A 1 134 ? 13.599  -6.097  -16.307 1.00 36.44  ? 1468 LYS B O     1 
ATOM   776  C  CB    . LYS A 1 134 ? 13.769  -2.828  -17.913 1.00 37.29  ? 1468 LYS B CB    1 
ATOM   777  C  CG    . LYS A 1 134 ? 12.559  -1.785  -17.722 1.00 38.43  ? 1468 LYS B CG    1 
ATOM   778  C  CD    . LYS A 1 134 ? 12.232  -1.049  -19.032 1.00 36.92  ? 1468 LYS B CD    1 
ATOM   779  C  CE    . LYS A 1 134 ? 11.208  -0.005  -18.827 1.00 38.89  ? 1468 LYS B CE    1 
ATOM   780  N  NZ    . LYS A 1 134 ? 11.531  1.119   -17.826 1.00 41.58  ? 1468 LYS B NZ    1 
ATOM   781  N  N     . ILE A 1 135 ? 11.831  -4.703  -16.749 1.00 36.47  ? 1469 ILE B N     1 
ATOM   782  C  CA    . ILE A 1 135 ? 10.753  -5.664  -16.566 1.00 35.89  ? 1469 ILE B CA    1 
ATOM   783  C  C     . ILE A 1 135 ? 10.827  -6.707  -17.653 1.00 34.92  ? 1469 ILE B C     1 
ATOM   784  O  O     . ILE A 1 135 ? 10.939  -7.875  -17.362 1.00 34.45  ? 1469 ILE B O     1 
ATOM   785  C  CB    . ILE A 1 135 ? 9.347   -4.978  -16.650 1.00 36.18  ? 1469 ILE B CB    1 
ATOM   786  C  CG1   . ILE A 1 135 ? 9.320   -3.593  -16.029 1.00 36.97  ? 1469 ILE B CG1   1 
ATOM   787  C  CG2   . ILE A 1 135 ? 8.260   -5.826  -16.006 1.00 37.26  ? 1469 ILE B CG2   1 
ATOM   788  C  CD1   . ILE A 1 135 ? 8.099   -2.815  -16.499 1.00 40.17  ? 1469 ILE B CD1   1 
ATOM   789  N  N     . LEU A 1 139 ? 12.758  -8.646  -14.773 1.00 49.58  ? 1473 LEU B N     1 
ATOM   790  C  CA    . LEU A 1 139 ? 12.079  -9.434  -13.738 1.00 49.42  ? 1473 LEU B CA    1 
ATOM   791  C  C     . LEU A 1 139 ? 10.838  -10.231 -14.250 1.00 49.82  ? 1473 LEU B C     1 
ATOM   792  O  O     . LEU A 1 139 ? 9.676   -9.828  -14.099 1.00 50.56  ? 1473 LEU B O     1 
ATOM   793  C  CB    . LEU A 1 139 ? 11.794  -8.568  -12.500 1.00 49.32  ? 1473 LEU B CB    1 
ATOM   794  C  CG    . LEU A 1 139 ? 11.519  -7.076  -12.672 1.00 47.83  ? 1473 LEU B CG    1 
ATOM   795  C  CD1   . LEU A 1 139 ? 10.069  -6.877  -12.419 1.00 49.47  ? 1473 LEU B CD1   1 
ATOM   796  C  CD2   . LEU A 1 139 ? 12.306  -6.192  -11.733 1.00 44.83  ? 1473 LEU B CD2   1 
ATOM   797  N  N     . LEU A 1 140 ? 11.143  -11.367 -14.873 1.00 49.39  ? 1474 LEU B N     1 
ATOM   798  C  CA    . LEU A 1 140 ? 10.199  -12.299 -15.463 1.00 48.59  ? 1474 LEU B CA    1 
ATOM   799  C  C     . LEU A 1 140 ? 9.337   -13.020 -14.417 1.00 48.54  ? 1474 LEU B C     1 
ATOM   800  O  O     . LEU A 1 140 ? 8.963   -14.190 -14.575 1.00 48.42  ? 1474 LEU B O     1 
ATOM   801  C  CB    . LEU A 1 140 ? 10.997  -13.287 -16.322 1.00 48.45  ? 1474 LEU B CB    1 
ATOM   802  C  CG    . LEU A 1 140 ? 12.290  -13.994 -15.846 1.00 47.67  ? 1474 LEU B CG    1 
ATOM   803  C  CD1   . LEU A 1 140 ? 13.381  -13.882 -16.952 1.00 46.06  ? 1474 LEU B CD1   1 
ATOM   804  C  CD2   . LEU A 1 140 ? 12.846  -13.507 -14.449 1.00 46.33  ? 1474 LEU B CD2   1 
ATOM   805  N  N     . GLY A 1 144 ? 11.855  -15.428 -7.094  1.00 40.98  ? 1478 GLY B N     1 
ATOM   806  C  CA    . GLY A 1 144 ? 12.248  -14.467 -6.063  1.00 40.08  ? 1478 GLY B CA    1 
ATOM   807  C  C     . GLY A 1 144 ? 11.224  -13.371 -5.984  1.00 39.97  ? 1478 GLY B C     1 
ATOM   808  O  O     . GLY A 1 144 ? 11.064  -12.729 -4.936  1.00 40.07  ? 1478 GLY B O     1 
ATOM   809  N  N     . PHE A 1 145 ? 10.535  -13.179 -7.116  1.00 39.28  ? 1479 PHE B N     1 
ATOM   810  C  CA    . PHE A 1 145 ? 9.577   -12.092 -7.351  1.00 38.25  ? 1479 PHE B CA    1 
ATOM   811  C  C     . PHE A 1 145 ? 8.159   -12.601 -7.267  1.00 37.90  ? 1479 PHE B C     1 
ATOM   812  O  O     . PHE A 1 145 ? 7.924   -13.746 -7.589  1.00 37.80  ? 1479 PHE B O     1 
ATOM   813  C  CB    . PHE A 1 145 ? 9.785   -11.543 -8.755  1.00 38.06  ? 1479 PHE B CB    1 
ATOM   814  C  CG    . PHE A 1 145 ? 10.911  -10.581 -8.868  1.00 37.06  ? 1479 PHE B CG    1 
ATOM   815  C  CD1   . PHE A 1 145 ? 10.893  -9.415  -8.185  1.00 37.82  ? 1479 PHE B CD1   1 
ATOM   816  C  CD2   . PHE A 1 145 ? 11.988  -10.851 -9.681  1.00 39.39  ? 1479 PHE B CD2   1 
ATOM   817  C  CE1   . PHE A 1 145 ? 11.914  -8.521  -8.317  1.00 41.73  ? 1479 PHE B CE1   1 
ATOM   818  C  CE2   . PHE A 1 145 ? 13.029  -9.958  -9.808  1.00 40.16  ? 1479 PHE B CE2   1 
ATOM   819  C  CZ    . PHE A 1 145 ? 12.991  -8.794  -9.131  1.00 39.27  ? 1479 PHE B CZ    1 
ATOM   820  N  N     . PRO A 1 146 ? 7.191   -11.741 -6.893  1.00 37.75  ? 1480 PRO B N     1 
ATOM   821  C  CA    . PRO A 1 146 ? 5.804   -12.245 -6.727  1.00 38.12  ? 1480 PRO B CA    1 
ATOM   822  C  C     . PRO A 1 146 ? 5.080   -12.497 -8.073  1.00 38.49  ? 1480 PRO B C     1 
ATOM   823  O  O     . PRO A 1 146 ? 5.688   -12.310 -9.096  1.00 38.93  ? 1480 PRO B O     1 
ATOM   824  C  CB    . PRO A 1 146 ? 5.150   -11.164 -5.888  1.00 38.31  ? 1480 PRO B CB    1 
ATOM   825  C  CG    . PRO A 1 146 ? 6.000   -9.892  -6.185  1.00 36.29  ? 1480 PRO B CG    1 
ATOM   826  C  CD    . PRO A 1 146 ? 7.323   -10.298 -6.617  1.00 36.79  ? 1480 PRO B CD    1 
ATOM   827  N  N     . ALA A 1 147 ? 3.830   -12.963 -8.093  1.00 39.43  ? 1481 ALA B N     1 
ATOM   828  C  CA    . ALA A 1 147 ? 3.152   -13.231 -9.378  1.00 39.92  ? 1481 ALA B CA    1 
ATOM   829  C  C     . ALA A 1 147 ? 2.787   -11.903 -9.950  1.00 40.53  ? 1481 ALA B C     1 
ATOM   830  O  O     . ALA A 1 147 ? 1.788   -11.323 -9.558  1.00 42.58  ? 1481 ALA B O     1 
ATOM   831  C  CB    . ALA A 1 147 ? 1.905   -14.059 -9.197  1.00 39.75  ? 1481 ALA B CB    1 
ATOM   832  N  N     . ILE A 1 148 ? 3.620   -11.396 -10.850 1.00 40.72  ? 1482 ILE B N     1 
ATOM   833  C  CA    . ILE A 1 148 ? 3.409   -10.091 -11.485 1.00 39.80  ? 1482 ILE B CA    1 
ATOM   834  C  C     . ILE A 1 148 ? 2.335   -10.252 -12.540 1.00 39.64  ? 1482 ILE B C     1 
ATOM   835  O  O     . ILE A 1 148 ? 2.567   -10.808 -13.585 1.00 38.82  ? 1482 ILE B O     1 
ATOM   836  C  CB    . ILE A 1 148 ? 4.723   -9.505  -12.091 1.00 39.65  ? 1482 ILE B CB    1 
ATOM   837  C  CG1   . ILE A 1 148 ? 5.767   -9.273  -11.007 1.00 38.64  ? 1482 ILE B CG1   1 
ATOM   838  C  CG2   . ILE A 1 148 ? 4.457   -8.196  -12.723 1.00 38.86  ? 1482 ILE B CG2   1 
ATOM   839  C  CD1   . ILE A 1 148 ? 7.104   -8.966  -11.570 1.00 41.42  ? 1482 ILE B CD1   1 
ATOM   840  N  N     . ARG A 1 149 ? 1.151   -9.768  -12.201 1.00 40.27  ? 1483 ARG B N     1 
ATOM   841  C  CA    . ARG A 1 149 ? -0.099  -9.894  -12.954 1.00 40.87  ? 1483 ARG B CA    1 
ATOM   842  C  C     . ARG A 1 149 ? -0.063  -9.204  -14.365 1.00 40.80  ? 1483 ARG B C     1 
ATOM   843  O  O     . ARG A 1 149 ? -0.435  -9.814  -15.385 1.00 40.61  ? 1483 ARG B O     1 
ATOM   844  C  CB    . ARG A 1 149 ? -1.205  -9.307  -12.033 0.00 41.58  ? 1483 ARG B CB    1 
ATOM   845  C  CG    . ARG A 1 149 ? -2.616  -9.946  -11.962 0.00 42.94  ? 1483 ARG B CG    1 
ATOM   846  C  CD    . ARG A 1 149 ? -2.735  -11.181 -11.060 1.00 42.53  ? 1483 ARG B CD    1 
ATOM   847  N  NE    . ARG A 1 149 ? -2.255  -12.364 -11.762 1.00 42.64  ? 1483 ARG B NE    1 
ATOM   848  C  CZ    . ARG A 1 149 ? -2.868  -12.986 -12.787 1.00 41.61  ? 1483 ARG B CZ    1 
ATOM   849  N  NH1   . ARG A 1 149 ? -4.042  -12.577 -13.282 1.00 39.15  ? 1483 ARG B NH1   1 
ATOM   850  N  NH2   . ARG A 1 149 ? -2.279  -14.049 -13.326 1.00 41.41  ? 1483 ARG B NH2   1 
ATOM   851  N  N     . ASP A 1 150 ? 0.366   -7.939  -14.424 1.00 40.78  ? 1484 ASP B N     1 
ATOM   852  C  CA    . ASP A 1 150 ? 0.518   -7.185  -15.687 1.00 40.27  ? 1484 ASP B CA    1 
ATOM   853  C  C     . ASP A 1 150 ? 1.447   -6.017  -15.504 1.00 39.87  ? 1484 ASP B C     1 
ATOM   854  O  O     . ASP A 1 150 ? 2.118   -5.913  -14.515 1.00 40.30  ? 1484 ASP B O     1 
ATOM   855  C  CB    . ASP A 1 150 ? -0.795  -6.618  -16.179 1.00 40.72  ? 1484 ASP B CB    1 
ATOM   856  C  CG    . ASP A 1 150 ? -0.678  -6.092  -17.602 1.00 43.58  ? 1484 ASP B CG    1 
ATOM   857  O  OD1   . ASP A 1 150 ? -1.017  -4.917  -17.860 1.00 47.52  ? 1484 ASP B OD1   1 
ATOM   858  O  OD2   . ASP A 1 150 ? -0.181  -6.845  -18.475 1.00 47.39  ? 1484 ASP B OD2   1 
ATOM   859  N  N     . TYR A 1 151 ? 1.503   -5.100  -16.437 1.00 39.94  ? 1485 TYR B N     1 
ATOM   860  C  CA    . TYR A 1 151 ? 2.348   -3.940  -16.203 1.00 40.65  ? 1485 TYR B CA    1 
ATOM   861  C  C     . TYR A 1 151 ? 1.935   -2.823  -17.171 1.00 40.19  ? 1485 TYR B C     1 
ATOM   862  O  O     . TYR A 1 151 ? 1.769   -3.044  -18.356 1.00 40.17  ? 1485 TYR B O     1 
ATOM   863  C  CB    . TYR A 1 151 ? 3.830   -4.318  -16.323 1.00 40.98  ? 1485 TYR B CB    1 
ATOM   864  C  CG    . TYR A 1 151 ? 4.189   -4.392  -17.730 1.00 41.28  ? 1485 TYR B CG    1 
ATOM   865  C  CD1   . TYR A 1 151 ? 3.762   -5.448  -18.518 1.00 42.62  ? 1485 TYR B CD1   1 
ATOM   866  C  CD2   . TYR A 1 151 ? 4.856   -3.355  -18.309 1.00 42.64  ? 1485 TYR B CD2   1 
ATOM   867  C  CE1   . TYR A 1 151 ? 4.026   -5.472  -19.865 1.00 42.63  ? 1485 TYR B CE1   1 
ATOM   868  C  CE2   . TYR A 1 151 ? 5.136   -3.360  -19.631 1.00 43.74  ? 1485 TYR B CE2   1 
ATOM   869  C  CZ    . TYR A 1 151 ? 4.730   -4.418  -20.415 1.00 43.41  ? 1485 TYR B CZ    1 
ATOM   870  O  OH    . TYR A 1 151 ? 5.058   -4.373  -21.756 1.00 43.45  ? 1485 TYR B OH    1 
ATOM   871  N  N     . HIS A 1 152 ? 1.742   -1.632  -16.638 1.00 39.75  ? 1486 HIS B N     1 
ATOM   872  C  CA    . HIS A 1 152 ? 1.162   -0.537  -17.389 1.00 39.70  ? 1486 HIS B CA    1 
ATOM   873  C  C     . HIS A 1 152 ? 2.135   0.644   -17.444 1.00 39.20  ? 1486 HIS B C     1 
ATOM   874  O  O     . HIS A 1 152 ? 3.068   0.710   -16.645 1.00 39.13  ? 1486 HIS B O     1 
ATOM   875  C  CB    . HIS A 1 152 ? -0.162  -0.079  -16.738 1.00 39.86  ? 1486 HIS B CB    1 
ATOM   876  C  CG    . HIS A 1 152 ? -1.281  -1.070  -16.840 1.00 41.05  ? 1486 HIS B CG    1 
ATOM   877  N  ND1   . HIS A 1 152 ? -1.335  -2.218  -16.073 1.00 43.71  ? 1486 HIS B ND1   1 
ATOM   878  C  CD2   . HIS A 1 152 ? -2.405  -1.066  -17.591 1.00 42.96  ? 1486 HIS B CD2   1 
ATOM   879  C  CE1   . HIS A 1 152 ? -2.441  -2.881  -16.358 1.00 44.23  ? 1486 HIS B CE1   1 
ATOM   880  N  NE2   . HIS A 1 152 ? -3.103  -2.211  -17.287 1.00 44.89  ? 1486 HIS B NE2   1 
ATOM   881  N  N     . PHE A 1 153 ? 1.896   1.562   -18.385 1.00 39.11  ? 1487 PHE B N     1 
ATOM   882  C  CA    . PHE A 1 153 ? 2.601   2.847   -18.462 1.00 38.92  ? 1487 PHE B CA    1 
ATOM   883  C  C     . PHE A 1 153 ? 1.612   4.011   -18.463 1.00 39.00  ? 1487 PHE B C     1 
ATOM   884  O  O     . PHE A 1 153 ? 0.992   4.278   -19.481 1.00 39.13  ? 1487 PHE B O     1 
ATOM   885  C  CB    . PHE A 1 153 ? 3.522   2.868   -19.683 1.00 38.84  ? 1487 PHE B CB    1 
ATOM   886  C  CG    . PHE A 1 153 ? 4.663   1.856   -19.600 1.00 39.75  ? 1487 PHE B CG    1 
ATOM   887  C  CD1   . PHE A 1 153 ? 5.870   2.179   -18.971 1.00 38.91  ? 1487 PHE B CD1   1 
ATOM   888  C  CD2   . PHE A 1 153 ? 4.524   0.575   -20.133 1.00 40.52  ? 1487 PHE B CD2   1 
ATOM   889  C  CE1   . PHE A 1 153 ? 6.927   1.245   -18.894 1.00 38.64  ? 1487 PHE B CE1   1 
ATOM   890  C  CE2   . PHE A 1 153 ? 5.565   -0.359  -20.051 1.00 39.46  ? 1487 PHE B CE2   1 
ATOM   891  C  CZ    . PHE A 1 153 ? 6.768   -0.014  -19.431 1.00 38.53  ? 1487 PHE B CZ    1 
ATOM   892  N  N     . VAL A 1 154 ? 1.438   4.694   -17.328 1.00 39.07  ? 1488 VAL B N     1 
ATOM   893  C  CA    . VAL A 1 154 ? 0.408   5.741   -17.251 1.00 38.91  ? 1488 VAL B CA    1 
ATOM   894  C  C     . VAL A 1 154 ? 0.956   7.182   -17.227 1.00 39.09  ? 1488 VAL B C     1 
ATOM   895  O  O     . VAL A 1 154 ? 2.153   7.426   -17.139 1.00 39.09  ? 1488 VAL B O     1 
ATOM   896  C  CB    . VAL A 1 154 ? -0.758  5.433   -16.163 1.00 38.98  ? 1488 VAL B CB    1 
ATOM   897  C  CG1   . VAL A 1 154 ? -1.174  3.970   -16.191 1.00 38.99  ? 1488 VAL B CG1   1 
ATOM   898  C  CG2   . VAL A 1 154 ? -0.391  5.763   -14.760 1.00 36.69  ? 1488 VAL B CG2   1 
ATOM   899  N  N     . ASN A 1 155 ? 0.046   8.118   -17.401 1.00 39.27  ? 1489 ASN B N     1 
ATOM   900  C  CA    . ASN A 1 155 ? 0.251   9.513   -17.095 1.00 39.90  ? 1489 ASN B CA    1 
ATOM   901  C  C     . ASN A 1 155 ? -0.813  9.683   -16.041 1.00 39.94  ? 1489 ASN B C     1 
ATOM   902  O  O     . ASN A 1 155 ? -2.015  9.748   -16.381 1.00 39.05  ? 1489 ASN B O     1 
ATOM   903  C  CB    . ASN A 1 155 ? -0.065  10.388  -18.310 1.00 39.75  ? 1489 ASN B CB    1 
ATOM   904  C  CG    . ASN A 1 155 ? -0.004  11.907  -17.999 1.00 42.75  ? 1489 ASN B CG    1 
ATOM   905  O  OD1   . ASN A 1 155 ? 0.004   12.745  -18.917 1.00 47.13  ? 1489 ASN B OD1   1 
ATOM   906  N  ND2   . ASN A 1 155 ? 0.034   12.265  -16.719 1.00 44.38  ? 1489 ASN B ND2   1 
ATOM   907  N  N     . ALA A 1 156 ? -0.371  9.737   -14.779 1.00 39.81  ? 1490 ALA B N     1 
ATOM   908  C  CA    . ALA A 1 156 ? -1.237  9.458   -13.622 1.00 40.48  ? 1490 ALA B CA    1 
ATOM   909  C  C     . ALA A 1 156 ? -2.153  10.610  -13.296 1.00 41.44  ? 1490 ALA B C     1 
ATOM   910  O  O     . ALA A 1 156 ? -2.937  10.533  -12.368 1.00 41.71  ? 1490 ALA B O     1 
ATOM   911  C  CB    . ALA A 1 156 ? -0.416  9.067   -12.431 1.00 39.16  ? 1490 ALA B CB    1 
ATOM   912  N  N     . THR A 1 157 ? -2.064  11.633  -14.136 1.00 43.14  ? 1491 THR B N     1 
ATOM   913  C  CA    . THR A 1 157 ? -2.601  12.984  -13.963 1.00 45.55  ? 1491 THR B CA    1 
ATOM   914  C  C     . THR A 1 157 ? -3.932  13.329  -14.737 1.00 45.99  ? 1491 THR B C     1 
ATOM   915  O  O     . THR A 1 157 ? -4.643  14.251  -14.353 1.00 46.60  ? 1491 THR B O     1 
ATOM   916  C  CB    . THR A 1 157 ? -1.424  13.989  -14.269 1.00 45.51  ? 1491 THR B CB    1 
ATOM   917  O  OG1   . THR A 1 157 ? -0.915  14.561  -13.048 1.00 47.09  ? 1491 THR B OG1   1 
ATOM   918  C  CG2   . THR A 1 157 ? -1.797  15.081  -15.241 1.00 46.33  ? 1491 THR B CG2   1 
ATOM   919  N  N     . GLU A 1 158 ? -4.284  12.583  -15.788 1.00 47.21  ? 1492 GLU B N     1 
ATOM   920  C  CA    . GLU A 1 158 ? -5.544  12.791  -16.553 1.00 48.26  ? 1492 GLU B CA    1 
ATOM   921  C  C     . GLU A 1 158 ? -6.178  11.434  -16.901 1.00 49.07  ? 1492 GLU B C     1 
ATOM   922  O  O     . GLU A 1 158 ? -5.460  10.458  -16.982 1.00 49.58  ? 1492 GLU B O     1 
ATOM   923  C  CB    . GLU A 1 158 ? -5.228  13.514  -17.860 1.00 48.60  ? 1492 GLU B CB    1 
ATOM   924  C  CG    . GLU A 1 158 ? -4.569  12.578  -18.883 1.00 50.58  ? 1492 GLU B CG    1 
ATOM   925  C  CD    . GLU A 1 158 ? -3.666  13.285  -19.875 1.00 54.36  ? 1492 GLU B CD    1 
ATOM   926  O  OE1   . GLU A 1 158 ? -2.747  12.622  -20.422 1.00 56.50  ? 1492 GLU B OE1   1 
ATOM   927  O  OE2   . GLU A 1 158 ? -3.853  14.501  -20.102 1.00 53.94  ? 1492 GLU B OE2   1 
ATOM   928  N  N     . GLU A 1 159 ? -7.493  11.363  -17.135 1.00 50.26  ? 1493 GLU B N     1 
ATOM   929  C  CA    . GLU A 1 159 ? -8.148  10.094  -17.581 1.00 51.15  ? 1493 GLU B CA    1 
ATOM   930  C  C     . GLU A 1 159 ? -7.533  9.646   -18.943 1.00 51.94  ? 1493 GLU B C     1 
ATOM   931  O  O     . GLU A 1 159 ? -7.002  10.481  -19.689 1.00 51.99  ? 1493 GLU B O     1 
ATOM   932  C  CB    . GLU A 1 159 ? -9.713  10.218  -17.650 0.00 51.30  ? 1493 GLU B CB    1 
ATOM   933  C  CG    . GLU A 1 159 ? -10.442 11.092  -16.532 0.00 50.28  ? 1493 GLU B CG    1 
ATOM   934  C  CD    . GLU A 1 159 ? -12.007 11.297  -16.721 1.00 50.36  ? 1493 GLU B CD    1 
ATOM   935  O  OE1   . GLU A 1 159 ? -12.503 11.841  -17.751 1.00 48.02  ? 1493 GLU B OE1   1 
ATOM   936  O  OE2   . GLU A 1 159 ? -12.756 10.945  -15.789 1.00 48.37  ? 1493 GLU B OE2   1 
ATOM   937  N  N     . SER A 1 160 ? -7.538  8.340   -19.235 1.00 52.95  ? 1494 SER B N     1 
ATOM   938  C  CA    . SER A 1 160 ? -7.107  7.812   -20.567 1.00 53.80  ? 1494 SER B CA    1 
ATOM   939  C  C     . SER A 1 160 ? -7.994  6.642   -20.988 1.00 54.11  ? 1494 SER B C     1 
ATOM   940  O  O     . SER A 1 160 ? -7.593  5.473   -20.858 1.00 54.66  ? 1494 SER B O     1 
ATOM   941  C  CB    . SER A 1 160 ? -5.628  7.335   -20.617 1.00 53.76  ? 1494 SER B CB    1 
ATOM   942  O  OG    . SER A 1 160 ? -4.717  8.193   -19.955 1.00 54.23  ? 1494 SER B OG    1 
ATOM   943  N  N     . LEU A 1 166 ? -5.442  0.715   -16.989 1.00 47.01  ? 1500 LEU B N     1 
ATOM   944  C  CA    . LEU A 1 166 ? -5.172  0.114   -15.702 1.00 47.13  ? 1500 LEU B CA    1 
ATOM   945  C  C     . LEU A 1 166 ? -6.415  -0.161  -14.893 1.00 46.67  ? 1500 LEU B C     1 
ATOM   946  O  O     . LEU A 1 166 ? -6.531  -1.205  -14.270 1.00 46.56  ? 1500 LEU B O     1 
ATOM   947  C  CB    . LEU A 1 166 ? -4.252  1.022   -14.880 1.00 47.68  ? 1500 LEU B CB    1 
ATOM   948  C  CG    . LEU A 1 166 ? -4.064  0.598   -13.413 1.00 48.31  ? 1500 LEU B CG    1 
ATOM   949  C  CD1   . LEU A 1 166 ? -3.192  -0.662  -13.345 1.00 49.56  ? 1500 LEU B CD1   1 
ATOM   950  C  CD2   . LEU A 1 166 ? -3.501  1.700   -12.515 1.00 47.15  ? 1500 LEU B CD2   1 
ATOM   951  N  N     . ARG A 1 167 ? -7.326  0.805   -14.874 1.00 46.87  ? 1501 ARG B N     1 
ATOM   952  C  CA    . ARG A 1 167 ? -8.475  0.778   -13.947 1.00 47.09  ? 1501 ARG B CA    1 
ATOM   953  C  C     . ARG A 1 167 ? -9.331  -0.496  -14.043 1.00 47.84  ? 1501 ARG B C     1 
ATOM   954  O  O     . ARG A 1 167 ? -9.990  -0.879  -13.083 1.00 47.72  ? 1501 ARG B O     1 
ATOM   955  C  CB    . ARG A 1 167 ? -9.321  2.065   -14.051 1.00 46.27  ? 1501 ARG B CB    1 
ATOM   956  C  CG    . ARG A 1 167 ? -10.831 1.920   -13.730 1.00 44.68  ? 1501 ARG B CG    1 
ATOM   957  C  CD    . ARG A 1 167 ? -11.301 2.638   -12.453 1.00 42.64  ? 1501 ARG B CD    1 
ATOM   958  N  NE    . ARG A 1 167 ? -11.443 4.106   -12.520 1.00 42.67  ? 1501 ARG B NE    1 
ATOM   959  C  CZ    . ARG A 1 167 ? -11.120 4.899   -13.554 1.00 43.83  ? 1501 ARG B CZ    1 
ATOM   960  N  NH1   . ARG A 1 167 ? -11.294 6.219   -13.501 1.00 44.16  ? 1501 ARG B NH1   1 
ATOM   961  N  NH2   . ARG A 1 167 ? -10.624 4.397   -14.660 1.00 44.60  ? 1501 ARG B NH2   1 
ATOM   962  N  N     . LYS A 1 168 ? -9.323  -1.160  -15.188 1.00 48.36  ? 1502 LYS B N     1 
ATOM   963  C  CA    . LYS A 1 168 ? -10.043 -2.398  -15.244 1.00 49.10  ? 1502 LYS B CA    1 
ATOM   964  C  C     . LYS A 1 168 ? -9.115  -3.564  -14.875 1.00 49.46  ? 1502 LYS B C     1 
ATOM   965  O  O     . LYS A 1 168 ? -9.587  -4.532  -14.234 1.00 50.19  ? 1502 LYS B O     1 
ATOM   966  C  CB    . LYS A 1 168 ? -10.770 -2.593  -16.590 1.00 49.82  ? 1502 LYS B CB    1 
ATOM   967  C  CG    . LYS A 1 168 ? -12.361 -2.566  -16.549 1.00 50.92  ? 1502 LYS B CG    1 
ATOM   968  C  CD    . LYS A 1 168 ? -12.964 -1.197  -16.131 1.00 52.71  ? 1502 LYS B CD    1 
ATOM   969  C  CE    . LYS A 1 168 ? -14.385 -0.969  -16.679 1.00 51.70  ? 1502 LYS B CE    1 
ATOM   970  N  NZ    . LYS A 1 168 ? -14.842 0.398   -16.334 1.00 49.80  ? 1502 LYS B NZ    1 
ATOM   971  N  N     . THR A 1 169 ? -7.814  -3.475  -15.222 1.00 48.85  ? 1503 THR B N     1 
ATOM   972  C  CA    . THR A 1 169 ? -6.857  -4.567  -14.907 1.00 48.19  ? 1503 THR B CA    1 
ATOM   973  C  C     . THR A 1 169 ? -6.854  -4.806  -13.411 1.00 48.26  ? 1503 THR B C     1 
ATOM   974  O  O     . THR A 1 169 ? -6.444  -5.871  -12.970 1.00 48.74  ? 1503 THR B O     1 
ATOM   975  C  CB    . THR A 1 169 ? -5.370  -4.297  -15.310 1.00 48.49  ? 1503 THR B CB    1 
ATOM   976  O  OG1   . THR A 1 169 ? -5.221  -4.291  -16.738 1.00 47.03  ? 1503 THR B OG1   1 
ATOM   977  C  CG2   . THR A 1 169 ? -4.401  -5.367  -14.684 1.00 47.79  ? 1503 THR B CG2   1 
ATOM   978  N  N     . ILE A 1 170 ? -7.281  -3.815  -12.625 1.00 46.98  ? 1504 ILE B N     1 
ATOM   979  C  CA    . ILE A 1 170 ? -7.296  -3.979  -11.183 1.00 45.32  ? 1504 ILE B CA    1 
ATOM   980  C  C     . ILE A 1 170 ? -8.405  -4.996  -10.835 1.00 45.16  ? 1504 ILE B C     1 
ATOM   981  O  O     . ILE A 1 170 ? -9.523  -4.634  -10.490 1.00 45.03  ? 1504 ILE B O     1 
ATOM   982  C  CB    . ILE A 1 170 ? -7.314  -2.582  -10.449 1.00 45.04  ? 1504 ILE B CB    1 
ATOM   983  C  CG1   . ILE A 1 170 ? -5.930  -1.954  -10.496 1.00 43.48  ? 1504 ILE B CG1   1 
ATOM   984  C  CG2   . ILE A 1 170 ? -7.743  -2.654  -8.999  1.00 44.29  ? 1504 ILE B CG2   1 
ATOM   985  C  CD1   . ILE A 1 170 ? -5.956  -0.502  -10.267 1.00 45.16  ? 1504 ILE B CD1   1 
ATOM   986  N  N     . ILE A 1 171 ? -8.077  -6.285  -11.009 1.00 44.96  ? 1505 ILE B N     1 
ATOM   987  C  CA    . ILE A 1 171 ? -8.875  -7.443  -10.502 1.00 44.53  ? 1505 ILE B CA    1 
ATOM   988  C  C     . ILE A 1 171 ? -7.987  -8.557  -10.005 1.00 44.15  ? 1505 ILE B C     1 
ATOM   989  O  O     . ILE A 1 171 ? -6.931  -8.896  -10.589 1.00 43.44  ? 1505 ILE B O     1 
ATOM   990  C  CB    . ILE A 1 171 ? -9.844  -8.119  -11.541 1.00 44.35  ? 1505 ILE B CB    1 
ATOM   991  C  CG1   . ILE A 1 171 ? -10.872 -7.134  -12.091 1.00 43.51  ? 1505 ILE B CG1   1 
ATOM   992  C  CG2   . ILE A 1 171 ? -10.514 -9.385  -10.910 1.00 44.53  ? 1505 ILE B CG2   1 
ATOM   993  C  CD1   . ILE A 1 171 ? -11.779 -6.541  -11.053 1.00 41.63  ? 1505 ILE B CD1   1 
ATOM   994  O  OXT   . ILE A 1 171 ? -8.396  -9.130  -8.995  1.00 43.72  ? 1505 ILE B OXT   1 
HETATM 995  MG MG    . MG  B 2 .   ? 1.632   10.387  -1.204  1.00 41.81  ? 2    MG  B MG    1 
HETATM 996  P  PB    . GDP C 3 .   ? 3.437   9.847   -3.973  1.00 29.54  ? 1    GDP B PB    1 
HETATM 997  O  O1B   . GDP C 3 .   ? 4.404   10.205  -2.906  1.00 32.09  ? 1    GDP B O1B   1 
HETATM 998  O  O2B   . GDP C 3 .   ? 2.113   9.764   -3.227  1.00 36.72  ? 1    GDP B O2B   1 
HETATM 999  O  O3B   . GDP C 3 .   ? 3.920   8.551   -4.515  1.00 28.20  ? 1    GDP B O3B   1 
HETATM 1000 O  O3A   . GDP C 3 .   ? 3.370   10.928  -5.165  1.00 33.49  ? 1    GDP B O3A   1 
HETATM 1001 P  PA    . GDP C 3 .   ? 2.325   12.052  -5.518  1.00 30.63  ? 1    GDP B PA    1 
HETATM 1002 O  O1A   . GDP C 3 .   ? 1.124   11.793  -6.376  1.00 32.74  ? 1    GDP B O1A   1 
HETATM 1003 O  O2A   . GDP C 3 .   ? 1.944   12.721  -4.260  1.00 33.43  ? 1    GDP B O2A   1 
HETATM 1004 O  "O5'" . GDP C 3 .   ? 3.254   13.097  -6.204  1.00 35.24  ? 1    GDP B "O5'" 1 
HETATM 1005 C  "C5'" . GDP C 3 .   ? 4.042   13.007  -7.335  1.00 37.25  ? 1    GDP B "C5'" 1 
HETATM 1006 C  "C4'" . GDP C 3 .   ? 4.089   14.414  -7.979  1.00 38.34  ? 1    GDP B "C4'" 1 
HETATM 1007 O  "O4'" . GDP C 3 .   ? 4.271   14.141  -9.369  1.00 38.16  ? 1    GDP B "O4'" 1 
HETATM 1008 C  "C3'" . GDP C 3 .   ? 2.805   15.245  -7.889  1.00 41.14  ? 1    GDP B "C3'" 1 
HETATM 1009 O  "O3'" . GDP C 3 .   ? 3.027   16.663  -7.929  1.00 46.22  ? 1    GDP B "O3'" 1 
HETATM 1010 C  "C2'" . GDP C 3 .   ? 2.015   14.976  -9.147  1.00 41.68  ? 1    GDP B "C2'" 1 
HETATM 1011 O  "O2'" . GDP C 3 .   ? 1.276   16.139  -9.620  1.00 45.82  ? 1    GDP B "O2'" 1 
HETATM 1012 C  "C1'" . GDP C 3 .   ? 3.124   14.561  -10.095 1.00 38.76  ? 1    GDP B "C1'" 1 
HETATM 1013 N  N9    . GDP C 3 .   ? 2.776   13.356  -10.803 1.00 38.26  ? 1    GDP B N9    1 
HETATM 1014 C  C8    . GDP C 3 .   ? 2.394   12.165  -10.318 1.00 37.29  ? 1    GDP B C8    1 
HETATM 1015 N  N7    . GDP C 3 .   ? 2.164   11.320  -11.323 1.00 36.14  ? 1    GDP B N7    1 
HETATM 1016 C  C5    . GDP C 3 .   ? 2.389   11.996  -12.463 1.00 37.66  ? 1    GDP B C5    1 
HETATM 1017 C  C6    . GDP C 3 .   ? 2.360   11.733  -13.904 1.00 38.72  ? 1    GDP B C6    1 
HETATM 1018 O  O6    . GDP C 3 .   ? 2.039   10.581  -14.319 1.00 38.64  ? 1    GDP B O6    1 
HETATM 1019 N  N1    . GDP C 3 .   ? 2.701   12.760  -14.739 1.00 39.25  ? 1    GDP B N1    1 
HETATM 1020 C  C2    . GDP C 3 .   ? 3.075   13.996  -14.367 1.00 37.38  ? 1    GDP B C2    1 
HETATM 1021 N  N2    . GDP C 3 .   ? 3.405   14.924  -15.288 1.00 36.54  ? 1    GDP B N2    1 
HETATM 1022 N  N3    . GDP C 3 .   ? 3.094   14.291  -13.058 1.00 38.37  ? 1    GDP B N3    1 
HETATM 1023 C  C4    . GDP C 3 .   ? 2.788   13.354  -12.114 1.00 39.57  ? 1    GDP B C4    1 
HETATM 1024 O  O     . HOH D 4 .   ? -17.974 -2.118  16.461  1.00 24.32  ? 1506 HOH B O     1 
HETATM 1025 O  O     . HOH D 4 .   ? -5.687  18.852  20.000  1.00 43.73  ? 1507 HOH B O     1 
HETATM 1026 O  O     . HOH D 4 .   ? 11.715  -12.166 -0.484  1.00 24.44  ? 1508 HOH B O     1 
HETATM 1027 O  O     . HOH D 4 .   ? 13.303  -9.281  -18.123 1.00 41.57  ? 1509 HOH B O     1 
HETATM 1028 O  O     . HOH D 4 .   ? 6.310   -2.227  -22.506 1.00 54.03  ? 1510 HOH B O     1 
HETATM 1029 O  O     . HOH D 4 .   ? 6.695   -9.630  -15.673 1.00 105.98 ? 1511 HOH B O     1 
# 
